data_2Q01
#
_entry.id   2Q01
#
_cell.length_a   177.332
_cell.length_b   190.176
_cell.length_c   319.290
_cell.angle_alpha   90.00
_cell.angle_beta   90.00
_cell.angle_gamma   90.00
#
_symmetry.space_group_name_H-M   'F 2 2 2'
#
loop_
_entity.id
_entity.type
_entity.pdbx_description
1 polymer 'Uronate isomerase'
2 non-polymer 'POTASSIUM ION'
3 water water
#
_entity_poly.entity_id   1
_entity_poly.type   'polypeptide(L)'
_entity_poly.pdbx_seq_one_letter_code
;MSLARPLSFHEDRLFPSDPATRSYARGLYALVKDLPIISPHGHTDPSWFATNAPFQDATDLLLAPDHYLFRMLYSQGVSL
DALKVRSKAGVPDTDPREAWRVFASHFYLFRGTPSWVWLNHVFSQVFGFTEFLEASNADDYFDRITAALATDAFRPRALF
DRFNIETLATTEGPHESLQHHAAIRESGWGGHVITAYRPDAVIDFEDERSPRAFERFAETSGQDVYSWKSYLEAHRLRRQ
AFIDAGATSSDHGHPTAATADLSDVEAEALFNSLVKGDVTPEKAELFRAQMLTEMAKMSLDDGLVMQIHPGSHRNHNVGL
LNSHGRDKGADIPMRTEYVDALKPLLTRLGNDPRLSIILFTLDETTYSRELAPLAGHYPVLKLGPSWWFHDSPEGMMRFR
EQVTETAGFYNTVGFNDDTRAFLSIPARHDVARRVDSAFLARMVAEHRMDLVEAEELIVDLTYNLPKKAYKLDQRPDWAR
PATLRAAAEEGHHHHHH
;
_entity_poly.pdbx_strand_id   A,B,C
#
loop_
_chem_comp.id
_chem_comp.type
_chem_comp.name
_chem_comp.formula
K non-polymer 'POTASSIUM ION' 'K 1'
#
# COMPACT_ATOMS: atom_id res chain seq x y z
N ARG A 5 -5.65 18.69 -34.69
CA ARG A 5 -6.19 17.73 -33.69
C ARG A 5 -7.13 18.45 -32.71
N PRO A 6 -8.38 17.96 -32.58
CA PRO A 6 -9.38 18.65 -31.75
C PRO A 6 -9.21 18.44 -30.23
N LEU A 7 -9.69 19.42 -29.47
CA LEU A 7 -9.71 19.32 -28.02
C LEU A 7 -11.03 18.70 -27.60
N SER A 8 -11.07 17.38 -27.59
CA SER A 8 -12.25 16.65 -27.14
C SER A 8 -12.21 16.44 -25.63
N PHE A 9 -13.11 17.14 -24.94
CA PHE A 9 -13.19 17.06 -23.48
C PHE A 9 -14.58 16.53 -23.10
N HIS A 10 -14.63 15.21 -22.93
CA HIS A 10 -15.88 14.46 -22.83
C HIS A 10 -16.70 14.77 -21.57
N GLU A 11 -18.01 14.84 -21.75
CA GLU A 11 -18.94 15.20 -20.66
C GLU A 11 -19.12 14.14 -19.58
N ASP A 12 -18.64 12.92 -19.83
CA ASP A 12 -18.68 11.82 -18.86
CA ASP A 12 -18.68 11.90 -18.78
C ASP A 12 -17.28 11.37 -18.43
N ARG A 13 -16.32 12.31 -18.48
CA ARG A 13 -14.93 12.03 -18.10
C ARG A 13 -14.84 11.67 -16.63
N LEU A 14 -13.98 10.70 -16.32
CA LEU A 14 -13.68 10.23 -14.94
C LEU A 14 -14.71 9.29 -14.32
N PHE A 15 -15.84 9.10 -14.98
CA PHE A 15 -16.82 8.11 -14.55
C PHE A 15 -16.34 6.76 -15.09
N PRO A 16 -16.66 5.65 -14.39
CA PRO A 16 -16.28 4.32 -14.89
C PRO A 16 -16.96 4.00 -16.22
N SER A 17 -16.29 3.18 -17.02
CA SER A 17 -16.80 2.75 -18.32
C SER A 17 -18.06 1.89 -18.23
N ASP A 18 -18.20 1.16 -17.13
CA ASP A 18 -19.36 0.30 -16.89
C ASP A 18 -20.65 1.11 -16.91
N PRO A 19 -21.49 0.87 -17.93
CA PRO A 19 -22.66 1.68 -18.32
C PRO A 19 -23.68 1.93 -17.22
N ALA A 20 -23.91 0.94 -16.38
CA ALA A 20 -24.84 1.06 -15.25
C ALA A 20 -24.26 1.97 -14.17
N THR A 21 -23.02 1.69 -13.78
CA THR A 21 -22.28 2.51 -12.81
C THR A 21 -22.15 3.95 -13.30
N ARG A 22 -21.83 4.13 -14.58
CA ARG A 22 -21.73 5.44 -15.22
C ARG A 22 -23.02 6.26 -15.13
N SER A 23 -24.15 5.59 -15.36
CA SER A 23 -25.45 6.23 -15.30
C SER A 23 -25.78 6.76 -13.90
N TYR A 24 -25.38 5.99 -12.88
CA TYR A 24 -25.50 6.43 -11.49
C TYR A 24 -24.57 7.62 -11.21
N ALA A 25 -23.32 7.52 -11.65
CA ALA A 25 -22.34 8.59 -11.49
C ALA A 25 -22.83 9.90 -12.08
N ARG A 26 -23.39 9.83 -13.29
CA ARG A 26 -23.84 10.99 -14.05
C ARG A 26 -24.99 11.70 -13.33
N GLY A 27 -25.85 10.92 -12.69
CA GLY A 27 -26.97 11.44 -11.91
C GLY A 27 -26.58 12.10 -10.60
N LEU A 28 -25.56 11.53 -9.94
CA LEU A 28 -25.02 12.08 -8.69
C LEU A 28 -24.21 13.36 -8.94
N TYR A 29 -23.43 13.35 -10.01
CA TYR A 29 -22.64 14.52 -10.41
C TYR A 29 -23.55 15.69 -10.84
N ALA A 30 -24.70 15.37 -11.43
CA ALA A 30 -25.70 16.36 -11.85
C ALA A 30 -26.27 17.14 -10.67
N LEU A 31 -26.34 16.45 -9.53
CA LEU A 31 -26.87 16.99 -8.28
C LEU A 31 -25.90 17.99 -7.62
N VAL A 32 -24.69 18.11 -8.17
CA VAL A 32 -23.56 18.67 -7.44
C VAL A 32 -22.62 19.56 -8.28
N LYS A 33 -22.64 19.41 -9.60
CA LYS A 33 -21.73 20.11 -10.53
C LYS A 33 -21.77 21.64 -10.47
N ASP A 34 -22.92 22.21 -10.14
CA ASP A 34 -23.10 23.66 -10.17
C ASP A 34 -23.24 24.26 -8.77
N LEU A 35 -22.93 23.46 -7.76
CA LEU A 35 -22.84 23.95 -6.39
C LEU A 35 -21.64 24.91 -6.27
N PRO A 36 -21.72 25.89 -5.34
CA PRO A 36 -20.60 26.83 -5.22
C PRO A 36 -19.36 26.14 -4.64
N ILE A 37 -18.20 26.60 -5.08
CA ILE A 37 -16.91 26.04 -4.66
C ILE A 37 -16.52 26.53 -3.26
N ILE A 38 -16.29 25.57 -2.37
CA ILE A 38 -15.71 25.87 -1.06
C ILE A 38 -14.24 25.48 -1.10
N SER A 39 -13.38 26.47 -0.90
CA SER A 39 -11.93 26.28 -0.97
C SER A 39 -11.29 26.62 0.39
N PRO A 40 -11.33 25.67 1.34
CA PRO A 40 -10.94 25.92 2.72
C PRO A 40 -9.42 25.92 3.01
N HIS A 41 -8.61 25.64 1.99
CA HIS A 41 -7.16 25.68 2.13
C HIS A 41 -6.54 25.90 0.77
N GLY A 42 -5.78 26.98 0.64
CA GLY A 42 -5.12 27.31 -0.61
C GLY A 42 -3.94 28.26 -0.45
N HIS A 43 -3.20 28.47 -1.54
CA HIS A 43 -2.02 29.31 -1.55
C HIS A 43 -2.09 30.41 -2.61
N THR A 44 -3.30 30.93 -2.83
CA THR A 44 -3.49 32.05 -3.74
C THR A 44 -3.07 33.36 -3.06
N ASP A 45 -2.70 34.34 -3.87
CA ASP A 45 -2.23 35.63 -3.38
C ASP A 45 -3.43 36.54 -3.14
N PRO A 46 -3.62 37.02 -1.89
CA PRO A 46 -4.75 37.91 -1.59
C PRO A 46 -4.65 39.29 -2.25
N SER A 47 -3.44 39.66 -2.67
CA SER A 47 -3.20 40.93 -3.34
C SER A 47 -3.80 40.96 -4.75
N TRP A 48 -3.98 39.78 -5.34
CA TRP A 48 -4.65 39.63 -6.64
C TRP A 48 -6.06 40.20 -6.63
N PHE A 49 -6.81 39.90 -5.57
CA PHE A 49 -8.19 40.35 -5.45
C PHE A 49 -8.25 41.74 -4.82
N ALA A 50 -7.22 42.10 -4.05
CA ALA A 50 -7.16 43.39 -3.39
C ALA A 50 -6.90 44.51 -4.40
N THR A 51 -5.87 44.33 -5.22
CA THR A 51 -5.54 45.32 -6.25
C THR A 51 -6.47 45.20 -7.46
N ASN A 52 -6.89 43.96 -7.74
CA ASN A 52 -7.62 43.58 -8.97
C ASN A 52 -6.85 43.92 -10.26
N ALA A 53 -5.53 43.78 -10.20
CA ALA A 53 -4.68 43.95 -11.37
C ALA A 53 -4.79 42.70 -12.24
N PRO A 54 -4.73 42.85 -13.57
CA PRO A 54 -4.77 41.68 -14.47
C PRO A 54 -3.52 40.81 -14.36
N PHE A 55 -3.61 39.59 -14.85
CA PHE A 55 -2.43 38.74 -15.03
C PHE A 55 -1.82 39.05 -16.39
N GLN A 56 -0.50 38.96 -16.50
CA GLN A 56 0.18 39.39 -17.72
C GLN A 56 0.21 38.36 -18.87
N ASP A 57 0.99 37.30 -18.70
CA ASP A 57 1.24 36.34 -19.77
C ASP A 57 0.52 35.02 -19.57
N ALA A 58 0.67 34.13 -20.55
CA ALA A 58 0.29 32.73 -20.42
C ALA A 58 1.29 32.02 -19.51
N THR A 59 2.56 32.41 -19.62
CA THR A 59 3.65 31.83 -18.84
C THR A 59 3.54 32.18 -17.36
N ASP A 60 3.32 33.47 -17.07
CA ASP A 60 3.26 33.97 -15.70
C ASP A 60 2.06 33.49 -14.89
N LEU A 61 1.01 33.08 -15.59
CA LEU A 61 -0.22 32.62 -14.96
C LEU A 61 -0.31 31.10 -14.87
N LEU A 62 0.06 30.40 -15.94
CA LEU A 62 -0.11 28.95 -16.05
C LEU A 62 1.16 28.15 -15.77
N LEU A 63 2.25 28.55 -16.41
CA LEU A 63 3.46 27.72 -16.47
C LEU A 63 4.43 27.98 -15.31
N ALA A 64 4.90 29.22 -15.19
CA ALA A 64 5.90 29.61 -14.19
C ALA A 64 5.57 29.44 -12.68
N PRO A 65 4.32 29.73 -12.24
CA PRO A 65 4.08 29.50 -10.81
C PRO A 65 3.76 28.05 -10.39
N ASP A 66 3.33 27.22 -11.33
CA ASP A 66 2.85 25.86 -11.02
C ASP A 66 3.99 24.83 -11.07
N HIS A 67 4.35 24.31 -9.90
CA HIS A 67 5.50 23.41 -9.79
C HIS A 67 5.24 21.99 -10.32
N TYR A 68 3.98 21.58 -10.40
CA TYR A 68 3.59 20.30 -11.01
C TYR A 68 4.04 20.23 -12.47
N LEU A 69 3.89 21.34 -13.18
CA LEU A 69 4.25 21.44 -14.59
C LEU A 69 5.75 21.49 -14.82
N PHE A 70 6.47 22.41 -14.16
CA PHE A 70 7.92 22.47 -14.36
C PHE A 70 8.75 21.34 -13.74
N ARG A 71 8.17 20.62 -12.76
CA ARG A 71 8.76 19.36 -12.27
C ARG A 71 9.00 18.40 -13.41
N MET A 72 7.94 18.06 -14.14
CA MET A 72 7.98 17.13 -15.27
C MET A 72 8.96 17.52 -16.34
N LEU A 73 9.03 18.80 -16.67
CA LEU A 73 9.94 19.27 -17.71
C LEU A 73 11.40 19.22 -17.28
N TYR A 74 11.69 19.68 -16.06
CA TYR A 74 13.02 19.62 -15.47
C TYR A 74 13.48 18.18 -15.37
N SER A 75 12.53 17.30 -15.04
CA SER A 75 12.73 15.88 -14.98
C SER A 75 13.18 15.26 -16.30
N GLN A 76 12.94 15.96 -17.40
CA GLN A 76 13.24 15.45 -18.72
C GLN A 76 14.46 16.12 -19.35
N GLY A 77 14.95 17.18 -18.72
CA GLY A 77 16.20 17.82 -19.13
C GLY A 77 16.09 19.28 -19.53
N VAL A 78 14.95 19.88 -19.25
CA VAL A 78 14.69 21.29 -19.55
C VAL A 78 15.13 22.16 -18.36
N SER A 79 15.86 23.24 -18.64
CA SER A 79 16.27 24.20 -17.61
C SER A 79 15.10 25.09 -17.21
N LEU A 80 15.12 25.57 -15.97
CA LEU A 80 14.03 26.40 -15.44
C LEU A 80 14.12 27.84 -15.93
N ASP A 81 15.31 28.23 -16.41
CA ASP A 81 15.52 29.52 -17.06
C ASP A 81 14.75 29.56 -18.37
N ALA A 82 14.76 28.44 -19.10
CA ALA A 82 14.03 28.29 -20.35
C ALA A 82 12.52 28.34 -20.19
N LEU A 83 12.04 28.19 -18.95
CA LEU A 83 10.62 28.19 -18.63
C LEU A 83 10.19 29.41 -17.80
N LYS A 84 11.07 30.41 -17.71
CA LYS A 84 10.85 31.66 -16.94
C LYS A 84 10.52 31.47 -15.45
N VAL A 85 11.12 30.46 -14.83
CA VAL A 85 10.87 30.17 -13.42
C VAL A 85 11.72 31.10 -12.56
N ARG A 86 11.07 31.72 -11.56
CA ARG A 86 11.70 32.61 -10.61
C ARG A 86 12.89 31.96 -9.91
N SER A 87 14.08 32.53 -10.14
CA SER A 87 15.31 32.09 -9.53
C SER A 87 15.54 32.87 -8.23
N LYS A 88 16.70 32.69 -7.60
CA LYS A 88 17.08 33.51 -6.47
C LYS A 88 17.67 34.83 -6.97
N ALA A 89 18.07 34.83 -8.25
CA ALA A 89 18.55 36.02 -8.94
C ALA A 89 17.45 36.67 -9.79
N GLY A 90 16.19 36.51 -9.36
CA GLY A 90 15.05 37.14 -10.03
C GLY A 90 14.55 36.41 -11.26
N VAL A 91 13.61 37.06 -11.96
CA VAL A 91 12.98 36.53 -13.18
C VAL A 91 13.99 36.51 -14.34
N PRO A 92 14.16 35.35 -15.01
CA PRO A 92 15.13 35.18 -16.12
C PRO A 92 14.89 36.07 -17.36
N ASP A 93 15.89 36.15 -18.22
CA ASP A 93 15.88 37.03 -19.40
C ASP A 93 15.01 36.51 -20.55
N THR A 94 14.59 35.24 -20.48
CA THR A 94 13.93 34.55 -21.59
C THR A 94 12.53 35.08 -21.92
N ASP A 95 12.19 35.01 -23.21
CA ASP A 95 10.89 35.46 -23.73
C ASP A 95 9.78 34.54 -23.24
N PRO A 96 8.68 35.12 -22.70
CA PRO A 96 7.53 34.34 -22.20
C PRO A 96 6.87 33.50 -23.30
N ARG A 97 6.89 34.02 -24.53
CA ARG A 97 6.45 33.31 -25.72
C ARG A 97 7.32 32.08 -25.98
N GLU A 98 8.63 32.25 -25.84
CA GLU A 98 9.59 31.16 -26.05
C GLU A 98 9.62 30.15 -24.90
N ALA A 99 9.19 30.58 -23.72
CA ALA A 99 9.03 29.68 -22.58
C ALA A 99 7.80 28.80 -22.78
N TRP A 100 6.76 29.41 -23.36
CA TRP A 100 5.50 28.74 -23.68
C TRP A 100 5.72 27.70 -24.78
N ARG A 101 6.56 28.07 -25.74
CA ARG A 101 6.94 27.20 -26.86
C ARG A 101 7.53 25.88 -26.37
N VAL A 102 8.41 25.95 -25.38
CA VAL A 102 9.07 24.77 -24.79
C VAL A 102 8.05 23.86 -24.08
N PHE A 103 7.13 24.49 -23.33
CA PHE A 103 6.09 23.76 -22.62
C PHE A 103 5.11 23.07 -23.59
N ALA A 104 4.76 23.77 -24.66
CA ALA A 104 3.86 23.26 -25.69
C ALA A 104 4.45 22.06 -26.43
N SER A 105 5.77 22.11 -26.67
CA SER A 105 6.49 21.01 -27.33
C SER A 105 6.63 19.80 -26.41
N HIS A 106 6.48 20.03 -25.10
CA HIS A 106 6.64 19.00 -24.09
C HIS A 106 5.34 18.73 -23.32
N PHE A 107 4.22 19.12 -23.90
CA PHE A 107 2.91 18.90 -23.28
C PHE A 107 2.48 17.42 -23.34
N TYR A 108 3.16 16.65 -24.19
CA TYR A 108 2.94 15.20 -24.34
C TYR A 108 3.39 14.42 -23.10
N LEU A 109 4.26 15.03 -22.29
CA LEU A 109 4.74 14.39 -21.06
C LEU A 109 3.61 14.18 -20.07
N PHE A 110 2.57 14.98 -20.17
CA PHE A 110 1.51 15.03 -19.17
C PHE A 110 0.36 14.07 -19.45
N ARG A 111 0.55 13.19 -20.41
CA ARG A 111 -0.40 12.13 -20.72
C ARG A 111 -0.50 11.18 -19.53
N GLY A 112 -1.72 10.97 -19.05
CA GLY A 112 -1.97 10.06 -17.92
C GLY A 112 -1.87 10.71 -16.56
N THR A 113 -1.41 11.96 -16.52
CA THR A 113 -1.25 12.72 -15.29
C THR A 113 -2.47 13.61 -15.08
N PRO A 114 -2.81 13.95 -13.81
CA PRO A 114 -3.92 14.87 -13.54
C PRO A 114 -3.80 16.27 -14.15
N SER A 115 -2.58 16.69 -14.47
CA SER A 115 -2.33 17.96 -15.16
C SER A 115 -2.94 18.00 -16.57
N TRP A 116 -3.19 16.83 -17.15
CA TRP A 116 -3.85 16.69 -18.44
C TRP A 116 -5.30 17.12 -18.33
N VAL A 117 -5.96 16.65 -17.28
CA VAL A 117 -7.37 16.92 -17.05
C VAL A 117 -7.60 18.38 -16.64
N TRP A 118 -6.79 18.88 -15.70
CA TRP A 118 -6.91 20.25 -15.21
C TRP A 118 -6.69 21.30 -16.28
N LEU A 119 -5.63 21.13 -17.07
CA LEU A 119 -5.27 22.11 -18.09
C LEU A 119 -6.23 22.13 -19.26
N ASN A 120 -6.67 20.96 -19.72
CA ASN A 120 -7.64 20.88 -20.81
C ASN A 120 -9.02 21.40 -20.41
N HIS A 121 -9.32 21.34 -19.11
CA HIS A 121 -10.51 21.97 -18.54
C HIS A 121 -10.37 23.49 -18.68
N VAL A 122 -9.23 24.02 -18.25
CA VAL A 122 -8.92 25.45 -18.36
C VAL A 122 -8.96 25.89 -19.84
N PHE A 123 -8.34 25.07 -20.69
CA PHE A 123 -8.26 25.38 -22.12
C PHE A 123 -9.63 25.39 -22.78
N SER A 124 -10.45 24.38 -22.49
CA SER A 124 -11.73 24.22 -23.17
C SER A 124 -12.89 24.95 -22.51
N GLN A 125 -12.86 25.07 -21.19
CA GLN A 125 -14.00 25.61 -20.42
C GLN A 125 -13.82 27.07 -20.03
N VAL A 126 -12.61 27.43 -19.61
CA VAL A 126 -12.32 28.80 -19.18
C VAL A 126 -11.99 29.68 -20.39
N PHE A 127 -11.27 29.11 -21.36
CA PHE A 127 -10.83 29.87 -22.52
C PHE A 127 -11.63 29.60 -23.80
N GLY A 128 -12.08 28.35 -23.97
CA GLY A 128 -12.89 27.98 -25.12
C GLY A 128 -12.11 27.51 -26.34
N PHE A 129 -10.89 27.01 -26.11
CA PHE A 129 -10.07 26.41 -27.17
C PHE A 129 -10.71 25.19 -27.77
N THR A 130 -10.43 24.98 -29.06
CA THR A 130 -11.07 23.94 -29.83
C THR A 130 -10.05 22.96 -30.40
N GLU A 131 -8.78 23.35 -30.33
CA GLU A 131 -7.67 22.52 -30.80
C GLU A 131 -6.74 22.15 -29.65
N PHE A 132 -6.11 20.96 -29.74
CA PHE A 132 -5.22 20.45 -28.70
C PHE A 132 -3.85 21.10 -28.77
N LEU A 133 -3.25 21.35 -27.60
CA LEU A 133 -1.97 22.05 -27.49
C LEU A 133 -0.80 21.23 -28.03
N GLU A 134 -0.16 21.77 -29.07
CA GLU A 134 1.00 21.16 -29.69
C GLU A 134 2.04 22.23 -29.99
N ALA A 135 3.21 21.83 -30.48
CA ALA A 135 4.29 22.77 -30.83
C ALA A 135 3.90 23.70 -31.98
N SER A 136 3.16 23.17 -32.94
CA SER A 136 2.62 23.93 -34.07
C SER A 136 1.46 24.85 -33.67
N ASN A 137 0.86 24.55 -32.52
CA ASN A 137 -0.28 25.28 -31.97
C ASN A 137 0.15 26.35 -30.96
N ALA A 138 1.43 26.30 -30.56
CA ALA A 138 1.97 27.06 -29.42
C ALA A 138 1.64 28.55 -29.42
N ASP A 139 2.03 29.22 -30.51
CA ASP A 139 1.91 30.67 -30.61
C ASP A 139 0.47 31.15 -30.57
N ASP A 140 -0.44 30.39 -31.21
CA ASP A 140 -1.87 30.73 -31.19
C ASP A 140 -2.45 30.62 -29.77
N TYR A 141 -2.02 29.60 -29.04
CA TYR A 141 -2.39 29.43 -27.63
C TYR A 141 -1.92 30.57 -26.76
N PHE A 142 -0.66 30.95 -26.93
CA PHE A 142 -0.05 32.01 -26.13
C PHE A 142 -0.80 33.33 -26.20
N ASP A 143 -0.84 33.94 -27.39
CA ASP A 143 -1.36 35.29 -27.54
C ASP A 143 -2.89 35.42 -27.47
N ARG A 144 -3.60 34.31 -27.67
CA ARG A 144 -5.05 34.30 -27.47
C ARG A 144 -5.44 34.32 -26.01
N ILE A 145 -4.59 33.75 -25.14
CA ILE A 145 -4.84 33.86 -23.69
C ILE A 145 -4.14 35.04 -23.07
N THR A 146 -3.10 35.53 -23.72
CA THR A 146 -2.49 36.80 -23.34
C THR A 146 -3.51 37.94 -23.58
N ALA A 147 -4.18 37.91 -24.72
CA ALA A 147 -5.19 38.92 -25.07
C ALA A 147 -6.48 38.81 -24.25
N ALA A 148 -6.81 37.61 -23.82
CA ALA A 148 -8.01 37.38 -22.99
C ALA A 148 -7.81 37.89 -21.56
N LEU A 149 -6.57 37.86 -21.08
CA LEU A 149 -6.24 38.33 -19.73
C LEU A 149 -6.26 39.84 -19.59
N ALA A 150 -6.16 40.53 -20.73
CA ALA A 150 -6.28 41.99 -20.78
C ALA A 150 -7.73 42.45 -20.58
N THR A 151 -8.68 41.59 -20.94
CA THR A 151 -10.11 41.91 -20.89
C THR A 151 -10.68 41.91 -19.46
N ASP A 152 -11.83 42.56 -19.29
CA ASP A 152 -12.45 42.76 -17.98
C ASP A 152 -13.06 41.50 -17.36
N ALA A 153 -13.34 40.52 -18.19
CA ALA A 153 -13.93 39.26 -17.74
C ALA A 153 -12.91 38.36 -17.04
N PHE A 154 -11.62 38.64 -17.24
CA PHE A 154 -10.53 37.82 -16.70
C PHE A 154 -9.70 38.53 -15.62
N ARG A 155 -10.29 39.56 -15.01
CA ARG A 155 -9.76 40.18 -13.80
C ARG A 155 -10.07 39.24 -12.64
N PRO A 156 -9.13 39.09 -11.67
CA PRO A 156 -9.25 38.21 -10.50
C PRO A 156 -10.62 38.24 -9.80
N ARG A 157 -11.15 39.43 -9.56
CA ARG A 157 -12.46 39.60 -8.91
C ARG A 157 -13.61 39.11 -9.78
N ALA A 158 -13.49 39.34 -11.09
CA ALA A 158 -14.50 38.90 -12.04
C ALA A 158 -14.52 37.38 -12.16
N LEU A 159 -13.33 36.78 -12.20
CA LEU A 159 -13.17 35.32 -12.28
C LEU A 159 -13.67 34.60 -11.02
N PHE A 160 -13.38 35.19 -9.86
CA PHE A 160 -13.87 34.70 -8.56
C PHE A 160 -15.40 34.55 -8.58
N ASP A 161 -16.07 35.57 -9.12
CA ASP A 161 -17.53 35.60 -9.21
C ASP A 161 -18.06 34.66 -10.29
N ARG A 162 -17.33 34.59 -11.40
CA ARG A 162 -17.66 33.71 -12.52
C ARG A 162 -17.51 32.23 -12.15
N PHE A 163 -16.48 31.92 -11.35
CA PHE A 163 -16.20 30.54 -10.94
C PHE A 163 -17.16 30.04 -9.85
N ASN A 164 -17.95 30.96 -9.30
CA ASN A 164 -18.92 30.69 -8.23
C ASN A 164 -18.24 30.18 -6.96
N ILE A 165 -17.10 30.80 -6.63
CA ILE A 165 -16.37 30.49 -5.40
C ILE A 165 -17.09 31.16 -4.23
N GLU A 166 -17.50 30.36 -3.25
CA GLU A 166 -18.18 30.88 -2.07
C GLU A 166 -17.18 31.34 -1.02
N THR A 167 -16.11 30.55 -0.85
CA THR A 167 -15.10 30.81 0.16
C THR A 167 -13.73 30.48 -0.42
N LEU A 168 -12.77 31.38 -0.19
CA LEU A 168 -11.37 31.12 -0.55
C LEU A 168 -10.49 31.42 0.65
N ALA A 169 -9.72 30.43 1.08
CA ALA A 169 -8.75 30.63 2.16
C ALA A 169 -7.33 30.67 1.60
N THR A 170 -6.58 31.65 2.05
CA THR A 170 -5.16 31.81 1.69
C THR A 170 -4.31 31.39 2.90
N THR A 171 -2.99 31.34 2.72
CA THR A 171 -2.11 30.89 3.82
C THR A 171 -1.07 31.95 4.17
N GLU A 172 -1.11 32.40 5.43
CA GLU A 172 -0.21 33.45 5.93
C GLU A 172 0.49 33.08 7.23
N GLY A 173 1.75 33.48 7.35
CA GLY A 173 2.49 33.36 8.59
C GLY A 173 2.12 34.47 9.58
N PRO A 174 2.51 34.31 10.86
CA PRO A 174 2.22 35.30 11.89
C PRO A 174 3.14 36.53 11.80
N HIS A 175 4.21 36.41 11.03
CA HIS A 175 5.21 37.45 10.85
C HIS A 175 4.90 38.41 9.71
N GLU A 176 3.84 38.14 8.96
CA GLU A 176 3.45 39.01 7.84
C GLU A 176 2.13 39.72 8.10
N SER A 177 1.94 40.84 7.38
CA SER A 177 0.77 41.69 7.54
CA SER A 177 0.76 41.68 7.55
C SER A 177 -0.44 41.17 6.75
N LEU A 178 -1.63 41.47 7.24
CA LEU A 178 -2.87 41.08 6.59
C LEU A 178 -3.54 42.31 5.95
N GLN A 179 -2.70 43.11 5.29
CA GLN A 179 -3.10 44.36 4.63
C GLN A 179 -4.03 44.14 3.44
N HIS A 180 -3.69 43.15 2.63
CA HIS A 180 -4.47 42.80 1.43
C HIS A 180 -5.84 42.24 1.78
N HIS A 181 -5.91 41.45 2.85
CA HIS A 181 -7.19 40.99 3.40
C HIS A 181 -8.04 42.13 3.94
N ALA A 182 -7.38 43.13 4.52
CA ALA A 182 -8.06 44.33 5.03
C ALA A 182 -8.64 45.12 3.87
N ALA A 183 -7.89 45.19 2.78
CA ALA A 183 -8.32 45.81 1.52
C ALA A 183 -9.52 45.09 0.87
N ILE A 184 -9.56 43.76 0.97
CA ILE A 184 -10.69 42.96 0.48
C ILE A 184 -11.98 43.37 1.20
N ARG A 185 -11.93 43.37 2.53
CA ARG A 185 -13.13 43.53 3.33
C ARG A 185 -13.63 44.96 3.52
N GLU A 186 -12.87 45.94 3.03
CA GLU A 186 -13.32 47.34 3.07
C GLU A 186 -13.87 47.81 1.71
N SER A 187 -13.52 47.10 0.64
CA SER A 187 -14.05 47.40 -0.69
C SER A 187 -15.45 46.80 -0.87
N GLY A 188 -16.21 47.33 -1.82
CA GLY A 188 -17.61 46.95 -2.06
C GLY A 188 -17.82 45.55 -2.63
N TRP A 189 -16.76 44.97 -3.19
CA TRP A 189 -16.76 43.61 -3.71
C TRP A 189 -16.91 42.61 -2.57
N GLY A 190 -17.96 41.80 -2.61
CA GLY A 190 -18.35 40.96 -1.48
C GLY A 190 -17.75 39.56 -1.44
N GLY A 191 -16.60 39.39 -2.09
CA GLY A 191 -15.92 38.09 -2.13
C GLY A 191 -15.34 37.69 -0.80
N HIS A 192 -15.71 36.49 -0.34
CA HIS A 192 -15.28 35.96 0.94
C HIS A 192 -13.89 35.34 0.82
N VAL A 193 -12.87 36.20 0.88
CA VAL A 193 -11.48 35.77 0.91
C VAL A 193 -10.95 35.87 2.35
N ILE A 194 -10.62 34.72 2.92
CA ILE A 194 -10.08 34.66 4.28
C ILE A 194 -8.62 34.19 4.29
N THR A 195 -8.08 33.97 5.48
CA THR A 195 -6.71 33.52 5.62
C THR A 195 -6.67 32.26 6.49
N ALA A 196 -5.47 31.74 6.73
CA ALA A 196 -5.25 30.65 7.66
C ALA A 196 -3.88 30.79 8.30
N TYR A 197 -3.81 30.47 9.58
CA TYR A 197 -2.61 30.66 10.39
C TYR A 197 -1.56 29.56 10.12
N ARG A 198 -0.42 29.94 9.54
CA ARG A 198 0.68 29.00 9.32
C ARG A 198 1.97 29.42 10.04
N PRO A 199 2.13 29.00 11.31
CA PRO A 199 3.26 29.42 12.14
C PRO A 199 4.57 28.62 11.98
N ASP A 200 4.80 28.05 10.79
CA ASP A 200 5.93 27.13 10.57
C ASP A 200 7.30 27.77 10.73
N ALA A 201 7.45 29.01 10.29
CA ALA A 201 8.74 29.68 10.26
C ALA A 201 9.24 30.09 11.65
N VAL A 202 8.29 30.35 12.55
CA VAL A 202 8.59 30.74 13.93
C VAL A 202 8.48 29.57 14.91
N ILE A 203 8.37 28.34 14.38
CA ILE A 203 8.32 27.12 15.19
C ILE A 203 9.47 26.18 14.80
N ASP A 204 9.67 25.98 13.50
CA ASP A 204 10.78 25.17 13.02
C ASP A 204 12.07 25.98 13.10
N PHE A 205 12.96 25.57 14.01
CA PHE A 205 14.23 26.25 14.24
C PHE A 205 15.32 25.85 13.24
N GLU A 206 15.10 24.75 12.54
CA GLU A 206 16.02 24.27 11.51
C GLU A 206 15.81 24.98 10.17
N ASP A 207 14.72 25.72 10.09
CA ASP A 207 14.41 26.56 8.93
C ASP A 207 15.44 27.69 8.81
N GLU A 208 15.91 27.91 7.59
CA GLU A 208 16.96 28.91 7.32
C GLU A 208 16.44 30.34 7.42
N ARG A 209 15.14 30.52 7.17
CA ARG A 209 14.49 31.82 7.22
C ARG A 209 13.85 32.09 8.58
N SER A 210 14.09 31.19 9.54
CA SER A 210 13.59 31.31 10.92
C SER A 210 14.07 32.55 11.69
N PRO A 211 15.41 32.83 11.73
CA PRO A 211 15.82 34.01 12.49
C PRO A 211 15.24 35.35 11.99
N ARG A 212 15.02 35.46 10.68
CA ARG A 212 14.42 36.67 10.10
C ARG A 212 12.92 36.73 10.38
N ALA A 213 12.27 35.56 10.40
CA ALA A 213 10.84 35.48 10.67
C ALA A 213 10.51 35.74 12.14
N PHE A 214 11.47 35.44 13.02
CA PHE A 214 11.36 35.76 14.45
C PHE A 214 11.40 37.27 14.68
N GLU A 215 12.20 37.96 13.87
CA GLU A 215 12.34 39.42 13.93
C GLU A 215 11.06 40.15 13.55
N ARG A 216 10.42 39.75 12.44
CA ARG A 216 9.15 40.39 12.03
C ARG A 216 7.92 39.86 12.78
N PHE A 217 8.07 38.71 13.44
CA PHE A 217 7.06 38.20 14.38
C PHE A 217 6.99 39.13 15.60
N ALA A 218 8.15 39.63 16.03
CA ALA A 218 8.23 40.64 17.08
C ALA A 218 7.61 41.97 16.66
N GLU A 219 7.78 42.34 15.40
CA GLU A 219 7.21 43.58 14.85
C GLU A 219 5.68 43.56 14.82
N THR A 220 5.10 42.46 14.34
CA THR A 220 3.65 42.35 14.15
C THR A 220 2.88 42.12 15.44
N SER A 221 3.56 41.61 16.47
CA SER A 221 2.91 41.33 17.76
C SER A 221 3.22 42.37 18.83
N GLY A 222 4.43 42.94 18.79
CA GLY A 222 4.88 43.89 19.80
C GLY A 222 5.17 43.19 21.12
N GLN A 223 5.78 42.01 21.03
CA GLN A 223 6.07 41.16 22.19
C GLN A 223 7.54 40.76 22.24
N ASP A 224 8.02 40.36 23.42
CA ASP A 224 9.36 39.78 23.53
C ASP A 224 9.29 38.33 23.05
N VAL A 225 9.58 38.17 21.77
CA VAL A 225 9.38 36.90 21.08
C VAL A 225 10.46 35.87 21.46
N TYR A 226 11.56 36.37 22.01
CA TYR A 226 12.70 35.53 22.39
C TYR A 226 12.66 35.04 23.84
N SER A 227 11.52 35.22 24.50
CA SER A 227 11.25 34.60 25.80
C SER A 227 9.87 33.92 25.78
N TRP A 228 9.81 32.75 26.41
CA TRP A 228 8.74 31.76 26.21
C TRP A 228 7.29 32.21 26.42
N LYS A 229 7.03 32.88 27.54
CA LYS A 229 5.68 33.26 27.92
C LYS A 229 5.08 34.32 27.00
N SER A 230 5.92 35.26 26.56
CA SER A 230 5.48 36.31 25.63
C SER A 230 5.57 35.85 24.18
N TYR A 231 6.31 34.76 23.95
CA TYR A 231 6.32 34.10 22.65
C TYR A 231 4.96 33.49 22.39
N LEU A 232 4.43 32.81 23.41
CA LEU A 232 3.08 32.24 23.37
C LEU A 232 1.98 33.28 23.27
N GLU A 233 2.20 34.43 23.91
CA GLU A 233 1.25 35.54 23.83
C GLU A 233 1.27 36.16 22.44
N ALA A 234 2.45 36.21 21.84
CA ALA A 234 2.62 36.72 20.48
C ALA A 234 1.83 35.88 19.48
N HIS A 235 1.85 34.56 19.66
CA HIS A 235 1.02 33.63 18.89
C HIS A 235 -0.48 33.91 19.08
N ARG A 236 -0.90 34.07 20.34
CA ARG A 236 -2.30 34.31 20.70
C ARG A 236 -2.85 35.62 20.13
N LEU A 237 -2.02 36.66 20.13
CA LEU A 237 -2.40 37.96 19.57
C LEU A 237 -2.47 37.94 18.05
N ARG A 238 -1.53 37.24 17.42
CA ARG A 238 -1.53 37.10 15.97
C ARG A 238 -2.67 36.21 15.50
N ARG A 239 -2.99 35.18 16.27
CA ARG A 239 -4.16 34.32 16.00
C ARG A 239 -5.48 35.07 16.04
N GLN A 240 -5.55 36.08 16.90
CA GLN A 240 -6.75 36.92 17.00
C GLN A 240 -6.89 37.81 15.77
N ALA A 241 -5.77 38.36 15.31
CA ALA A 241 -5.70 39.18 14.11
C ALA A 241 -6.13 38.40 12.85
N PHE A 242 -5.85 37.11 12.85
CA PHE A 242 -6.25 36.21 11.76
C PHE A 242 -7.76 35.99 11.77
N ILE A 243 -8.32 35.77 12.96
CA ILE A 243 -9.77 35.63 13.16
C ILE A 243 -10.54 36.91 12.79
N ASP A 244 -9.92 38.07 13.05
CA ASP A 244 -10.42 39.36 12.59
C ASP A 244 -10.49 39.44 11.07
N ALA A 245 -9.51 38.83 10.41
CA ALA A 245 -9.49 38.72 8.95
C ALA A 245 -10.34 37.56 8.41
N GLY A 246 -11.02 36.86 9.31
CA GLY A 246 -11.97 35.82 8.94
C GLY A 246 -11.49 34.39 8.99
N ALA A 247 -10.25 34.19 9.43
CA ALA A 247 -9.64 32.86 9.51
C ALA A 247 -10.37 31.93 10.47
N THR A 248 -10.53 30.68 10.05
CA THR A 248 -11.18 29.67 10.85
C THR A 248 -10.23 28.49 11.08
N SER A 249 -9.06 28.58 10.48
CA SER A 249 -8.14 27.47 10.40
C SER A 249 -6.69 27.84 10.72
N SER A 250 -5.95 26.88 11.27
CA SER A 250 -4.50 26.94 11.26
C SER A 250 -3.93 25.75 10.48
N ASP A 251 -2.72 25.92 9.95
CA ASP A 251 -2.08 24.93 9.11
C ASP A 251 -0.66 24.67 9.63
N HIS A 252 -0.29 23.40 9.74
CA HIS A 252 1.01 23.01 10.28
C HIS A 252 1.74 22.00 9.39
N GLY A 253 2.70 22.49 8.61
CA GLY A 253 3.47 21.64 7.70
C GLY A 253 4.80 21.16 8.27
N HIS A 254 4.74 20.38 9.34
CA HIS A 254 5.94 19.84 10.02
C HIS A 254 6.49 18.61 9.30
N PRO A 255 7.80 18.32 9.44
CA PRO A 255 8.37 17.08 8.88
C PRO A 255 7.78 15.78 9.44
N THR A 256 7.17 15.85 10.62
CA THR A 256 6.72 14.68 11.36
C THR A 256 5.37 15.04 11.98
N ALA A 257 4.56 14.03 12.29
CA ALA A 257 3.29 14.25 12.98
C ALA A 257 3.46 14.15 14.50
N ALA A 258 4.71 14.17 14.95
CA ALA A 258 5.06 14.04 16.37
C ALA A 258 4.46 15.14 17.21
N THR A 259 3.90 14.75 18.36
CA THR A 259 3.41 15.69 19.37
C THR A 259 4.07 15.39 20.72
N ALA A 260 3.93 16.31 21.67
CA ALA A 260 4.49 16.14 23.01
C ALA A 260 3.60 16.76 24.09
N ASP A 261 3.80 16.32 25.34
CA ASP A 261 3.11 16.93 26.46
C ASP A 261 4.11 17.28 27.56
N LEU A 262 4.96 18.24 27.27
CA LEU A 262 5.92 18.76 28.22
C LEU A 262 5.25 19.72 29.17
N SER A 263 5.73 19.77 30.41
CA SER A 263 5.28 20.75 31.38
C SER A 263 5.72 22.14 30.96
N ASP A 264 5.07 23.17 31.52
CA ASP A 264 5.36 24.58 31.20
C ASP A 264 6.84 24.91 31.38
N VAL A 265 7.46 24.23 32.33
CA VAL A 265 8.84 24.46 32.70
C VAL A 265 9.84 23.70 31.80
N GLU A 266 9.49 22.48 31.37
CA GLU A 266 10.31 21.72 30.41
C GLU A 266 10.25 22.34 29.02
N ALA A 267 9.09 22.91 28.68
CA ALA A 267 8.88 23.58 27.40
C ALA A 267 9.70 24.87 27.30
N GLU A 268 9.68 25.68 28.35
CA GLU A 268 10.52 26.89 28.46
C GLU A 268 12.03 26.57 28.40
N ALA A 269 12.46 25.55 29.16
CA ALA A 269 13.84 25.03 29.11
C ALA A 269 14.31 24.70 27.69
N LEU A 270 13.47 23.98 26.96
CA LEU A 270 13.71 23.63 25.55
C LEU A 270 13.73 24.87 24.65
N PHE A 271 12.75 25.76 24.83
CA PHE A 271 12.66 27.02 24.06
C PHE A 271 13.91 27.87 24.25
N ASN A 272 14.32 28.05 25.51
CA ASN A 272 15.52 28.81 25.87
C ASN A 272 16.80 28.31 25.21
N SER A 273 16.93 26.98 25.11
CA SER A 273 18.10 26.35 24.49
CA SER A 273 18.10 26.37 24.48
C SER A 273 18.16 26.58 22.98
N LEU A 274 16.99 26.62 22.34
CA LEU A 274 16.91 26.80 20.89
C LEU A 274 17.11 28.26 20.50
N VAL A 275 16.60 29.18 21.32
CA VAL A 275 16.86 30.63 21.17
C VAL A 275 18.34 30.98 21.42
N LYS A 276 19.00 30.23 22.32
CA LYS A 276 20.44 30.34 22.57
C LYS A 276 21.28 30.02 21.33
N GLY A 277 20.80 29.08 20.52
CA GLY A 277 21.48 28.69 19.29
C GLY A 277 21.92 27.24 19.29
N ASP A 278 21.60 26.51 20.35
CA ASP A 278 21.93 25.10 20.48
CA ASP A 278 21.94 25.09 20.46
C ASP A 278 20.85 24.25 19.80
N VAL A 279 20.73 24.40 18.49
CA VAL A 279 19.74 23.70 17.70
C VAL A 279 20.30 22.33 17.29
N THR A 280 19.77 21.28 17.90
CA THR A 280 20.05 19.91 17.49
C THR A 280 18.77 19.35 16.87
N PRO A 281 18.88 18.39 15.93
CA PRO A 281 17.71 17.73 15.36
C PRO A 281 16.69 17.20 16.38
N GLU A 282 17.16 16.66 17.50
CA GLU A 282 16.30 16.12 18.55
C GLU A 282 15.50 17.21 19.26
N LYS A 283 16.16 18.33 19.56
CA LYS A 283 15.54 19.47 20.23
C LYS A 283 14.54 20.18 19.31
N ALA A 284 14.94 20.39 18.06
CA ALA A 284 14.05 20.98 17.06
C ALA A 284 12.78 20.14 16.83
N GLU A 285 12.95 18.82 16.73
CA GLU A 285 11.81 17.88 16.64
C GLU A 285 10.87 17.99 17.83
N LEU A 286 11.45 18.00 19.03
CA LEU A 286 10.68 18.05 20.27
C LEU A 286 9.92 19.36 20.41
N PHE A 287 10.49 20.45 19.92
CA PHE A 287 9.85 21.76 19.95
C PHE A 287 8.67 21.84 18.98
N ARG A 288 8.88 21.37 17.75
CA ARG A 288 7.80 21.24 16.76
C ARG A 288 6.68 20.36 17.28
N ALA A 289 7.07 19.27 17.95
CA ALA A 289 6.14 18.38 18.65
C ALA A 289 5.33 19.10 19.71
N GLN A 290 6.02 19.85 20.57
CA GLN A 290 5.37 20.55 21.68
C GLN A 290 4.48 21.68 21.19
N MET A 291 4.91 22.36 20.14
CA MET A 291 4.16 23.49 19.58
C MET A 291 2.83 23.08 18.97
N LEU A 292 2.73 21.86 18.46
CA LEU A 292 1.46 21.31 17.99
C LEU A 292 0.44 21.23 19.13
N THR A 293 0.86 20.71 20.27
CA THR A 293 0.03 20.65 21.47
C THR A 293 -0.33 22.05 21.98
N GLU A 294 0.61 22.98 21.81
CA GLU A 294 0.41 24.35 22.28
C GLU A 294 -0.62 25.09 21.44
N MET A 295 -0.55 24.89 20.12
CA MET A 295 -1.53 25.40 19.18
C MET A 295 -2.90 24.80 19.46
N ALA A 296 -2.92 23.51 19.81
CA ALA A 296 -4.14 22.80 20.17
C ALA A 296 -4.77 23.38 21.44
N LYS A 297 -3.93 23.72 22.42
CA LYS A 297 -4.39 24.37 23.65
C LYS A 297 -4.93 25.78 23.40
N MET A 298 -4.32 26.48 22.44
CA MET A 298 -4.81 27.78 21.99
C MET A 298 -6.15 27.66 21.27
N SER A 299 -6.29 26.59 20.48
CA SER A 299 -7.52 26.26 19.74
C SER A 299 -8.73 25.98 20.62
N LEU A 300 -8.48 25.56 21.86
CA LEU A 300 -9.54 25.37 22.86
C LEU A 300 -10.19 26.71 23.24
N ASP A 301 -9.42 27.78 23.19
CA ASP A 301 -9.91 29.11 23.53
C ASP A 301 -10.46 29.85 22.32
N ASP A 302 -9.65 30.01 21.27
CA ASP A 302 -10.04 30.82 20.12
C ASP A 302 -10.83 30.09 19.01
N GLY A 303 -10.88 28.77 19.10
CA GLY A 303 -11.75 27.95 18.25
C GLY A 303 -11.26 27.67 16.84
N LEU A 304 -9.98 27.93 16.57
CA LEU A 304 -9.37 27.60 15.28
C LEU A 304 -9.30 26.10 15.02
N VAL A 305 -9.51 25.71 13.77
CA VAL A 305 -9.47 24.31 13.36
C VAL A 305 -8.04 23.99 12.95
N MET A 306 -7.50 22.90 13.48
CA MET A 306 -6.07 22.58 13.34
C MET A 306 -5.77 21.56 12.24
N GLN A 307 -5.14 22.01 11.15
CA GLN A 307 -4.75 21.11 10.06
C GLN A 307 -3.30 20.68 10.19
N ILE A 308 -3.07 19.37 10.32
CA ILE A 308 -1.71 18.85 10.34
C ILE A 308 -1.37 18.26 8.97
N HIS A 309 -0.36 18.85 8.33
CA HIS A 309 0.13 18.44 7.01
C HIS A 309 1.57 17.91 7.13
N PRO A 310 1.76 16.68 7.67
CA PRO A 310 3.15 16.26 7.85
C PRO A 310 3.74 15.49 6.67
N GLY A 311 5.05 15.25 6.74
CA GLY A 311 5.67 14.21 5.94
C GLY A 311 6.50 14.61 4.76
N SER A 312 6.54 15.90 4.45
CA SER A 312 7.31 16.38 3.30
C SER A 312 8.81 16.62 3.60
N HIS A 313 9.67 15.88 2.92
CA HIS A 313 11.11 16.14 2.91
C HIS A 313 11.36 17.28 1.96
N ARG A 314 11.28 18.50 2.50
CA ARG A 314 11.40 19.71 1.68
C ARG A 314 12.84 19.93 1.23
N ASN A 315 12.98 20.51 0.04
CA ASN A 315 14.26 20.91 -0.54
C ASN A 315 15.25 19.77 -0.65
N HIS A 316 14.79 18.67 -1.27
CA HIS A 316 15.58 17.45 -1.44
C HIS A 316 16.72 17.67 -2.44
N ASN A 317 16.48 18.52 -3.44
CA ASN A 317 17.51 18.93 -4.39
C ASN A 317 18.31 20.09 -3.78
N VAL A 318 19.50 19.77 -3.28
CA VAL A 318 20.33 20.72 -2.55
C VAL A 318 20.82 21.85 -3.46
N GLY A 319 21.38 21.50 -4.62
CA GLY A 319 21.83 22.47 -5.61
C GLY A 319 20.76 23.43 -6.12
N LEU A 320 19.53 22.94 -6.21
CA LEU A 320 18.39 23.72 -6.65
C LEU A 320 17.91 24.70 -5.57
N LEU A 321 18.05 24.29 -4.32
CA LEU A 321 17.71 25.13 -3.17
C LEU A 321 18.65 26.35 -3.10
N ASN A 322 19.93 26.13 -3.40
CA ASN A 322 20.92 27.19 -3.42
C ASN A 322 20.72 28.16 -4.58
N SER A 323 20.33 27.61 -5.74
CA SER A 323 20.14 28.40 -6.95
C SER A 323 18.77 29.09 -7.05
N HIS A 324 17.70 28.38 -6.71
CA HIS A 324 16.33 28.89 -6.90
C HIS A 324 15.52 29.09 -5.62
N GLY A 325 15.78 28.26 -4.61
CA GLY A 325 15.09 28.40 -3.32
C GLY A 325 13.98 27.40 -3.03
N ARG A 326 13.01 27.83 -2.23
CA ARG A 326 11.91 26.98 -1.78
C ARG A 326 10.75 26.86 -2.77
N ASP A 327 9.95 25.81 -2.59
CA ASP A 327 8.75 25.51 -3.41
C ASP A 327 9.03 25.36 -4.91
N LYS A 328 10.13 24.69 -5.24
CA LYS A 328 10.55 24.51 -6.63
C LYS A 328 10.31 23.09 -7.14
N GLY A 329 9.48 22.33 -6.42
CA GLY A 329 9.07 21.00 -6.85
C GLY A 329 9.99 19.85 -6.44
N ALA A 330 10.87 20.10 -5.47
CA ALA A 330 11.77 19.07 -4.98
C ALA A 330 11.42 18.65 -3.55
N ASP A 331 10.14 18.73 -3.20
CA ASP A 331 9.66 18.32 -1.88
C ASP A 331 9.05 16.92 -1.95
N ILE A 332 9.82 15.94 -1.48
CA ILE A 332 9.50 14.51 -1.64
C ILE A 332 8.84 13.97 -0.37
N PRO A 333 7.79 13.16 -0.50
CA PRO A 333 7.20 12.50 0.68
C PRO A 333 8.12 11.48 1.36
N MET A 334 7.93 11.31 2.67
CA MET A 334 8.58 10.31 3.52
CA MET A 334 8.54 10.19 3.36
C MET A 334 7.51 9.44 4.18
N ARG A 335 7.91 8.27 4.70
CA ARG A 335 7.02 7.43 5.51
CA ARG A 335 7.00 7.45 5.50
C ARG A 335 6.64 8.22 6.75
N THR A 336 5.36 8.20 7.10
CA THR A 336 4.86 8.96 8.22
C THR A 336 4.21 8.04 9.24
N GLU A 337 4.37 8.38 10.51
CA GLU A 337 3.82 7.62 11.61
C GLU A 337 2.82 8.51 12.38
N TYR A 338 1.69 7.95 12.77
CA TYR A 338 0.65 8.72 13.47
C TYR A 338 0.25 8.14 14.82
N VAL A 339 0.39 6.82 14.97
CA VAL A 339 -0.12 6.11 16.15
C VAL A 339 0.63 6.49 17.44
N ASP A 340 1.95 6.39 17.42
CA ASP A 340 2.77 6.79 18.56
C ASP A 340 2.94 8.29 18.62
N ALA A 341 2.99 8.90 17.43
CA ALA A 341 3.29 10.32 17.30
C ALA A 341 2.21 11.21 17.91
N LEU A 342 0.95 10.93 17.61
CA LEU A 342 -0.17 11.78 18.05
C LEU A 342 -0.65 11.45 19.45
N LYS A 343 -0.18 10.33 19.98
CA LYS A 343 -0.59 9.86 21.31
C LYS A 343 -0.43 10.84 22.49
N PRO A 344 0.73 11.56 22.62
CA PRO A 344 0.83 12.58 23.68
C PRO A 344 -0.21 13.71 23.61
N LEU A 345 -0.55 14.17 22.42
CA LEU A 345 -1.63 15.16 22.24
C LEU A 345 -2.99 14.55 22.53
N LEU A 346 -3.22 13.33 22.05
CA LEU A 346 -4.52 12.67 22.21
C LEU A 346 -4.80 12.16 23.62
N THR A 347 -3.75 11.95 24.41
CA THR A 347 -3.89 11.57 25.82
C THR A 347 -4.42 12.78 26.59
N ARG A 348 -3.93 13.96 26.25
CA ARG A 348 -4.33 15.19 26.89
C ARG A 348 -5.69 15.71 26.40
N LEU A 349 -5.88 15.76 25.09
CA LEU A 349 -7.03 16.47 24.52
C LEU A 349 -7.86 15.67 23.53
N GLY A 350 -7.71 14.35 23.52
CA GLY A 350 -8.35 13.49 22.53
C GLY A 350 -9.86 13.39 22.60
N ASN A 351 -10.41 13.67 23.77
CA ASN A 351 -11.85 13.54 24.01
C ASN A 351 -12.53 14.90 24.17
N ASP A 352 -11.78 15.98 23.97
CA ASP A 352 -12.25 17.34 24.20
C ASP A 352 -13.16 17.82 23.06
N PRO A 353 -14.40 18.21 23.37
CA PRO A 353 -15.39 18.64 22.37
C PRO A 353 -15.03 19.94 21.63
N ARG A 354 -14.22 20.79 22.26
CA ARG A 354 -13.88 22.09 21.67
C ARG A 354 -12.75 22.01 20.63
N LEU A 355 -12.04 20.88 20.61
CA LEU A 355 -10.90 20.71 19.71
C LEU A 355 -11.26 20.03 18.39
N SER A 356 -10.72 20.57 17.30
CA SER A 356 -10.90 20.00 15.98
C SER A 356 -9.55 19.91 15.27
N ILE A 357 -9.11 18.68 15.01
CA ILE A 357 -7.91 18.43 14.21
C ILE A 357 -8.29 17.74 12.89
N ILE A 358 -7.69 18.18 11.78
CA ILE A 358 -7.83 17.51 10.49
C ILE A 358 -6.47 16.95 10.06
N LEU A 359 -6.40 15.64 9.84
CA LEU A 359 -5.15 14.95 9.52
C LEU A 359 -4.96 14.72 8.03
N PHE A 360 -3.79 15.11 7.53
CA PHE A 360 -3.43 14.89 6.14
C PHE A 360 -2.27 13.90 6.06
N THR A 361 -2.07 13.31 4.88
CA THR A 361 -0.91 12.46 4.65
C THR A 361 -0.36 12.53 3.24
N LEU A 362 0.92 12.21 3.13
CA LEU A 362 1.60 12.02 1.87
C LEU A 362 1.94 10.54 1.71
N ASP A 363 1.52 9.74 2.70
CA ASP A 363 1.86 8.33 2.77
C ASP A 363 0.57 7.52 2.82
N GLU A 364 0.14 7.06 1.64
CA GLU A 364 -1.12 6.35 1.45
C GLU A 364 -1.27 5.05 2.24
N THR A 365 -0.15 4.52 2.73
CA THR A 365 -0.14 3.28 3.51
C THR A 365 -0.71 3.46 4.92
N THR A 366 -0.81 4.71 5.36
CA THR A 366 -1.36 5.03 6.67
C THR A 366 -2.89 5.17 6.67
N TYR A 367 -3.50 5.29 5.49
CA TYR A 367 -4.96 5.42 5.36
C TYR A 367 -5.72 4.34 6.12
N SER A 368 -5.59 3.10 5.68
CA SER A 368 -6.33 1.99 6.28
C SER A 368 -5.71 1.50 7.58
N ARG A 369 -4.41 1.71 7.73
CA ARG A 369 -3.68 1.22 8.89
C ARG A 369 -3.83 2.12 10.11
N GLU A 370 -3.67 3.43 9.92
CA GLU A 370 -3.57 4.34 11.07
C GLU A 370 -4.62 5.45 11.05
N LEU A 371 -4.71 6.18 9.94
CA LEU A 371 -5.54 7.37 9.85
C LEU A 371 -7.04 7.12 10.06
N ALA A 372 -7.58 6.13 9.38
CA ALA A 372 -8.99 5.81 9.53
C ALA A 372 -9.35 5.13 10.87
N PRO A 373 -8.53 4.17 11.36
CA PRO A 373 -8.76 3.74 12.75
C PRO A 373 -8.65 4.84 13.83
N LEU A 374 -7.75 5.81 13.64
CA LEU A 374 -7.65 6.94 14.57
C LEU A 374 -8.85 7.87 14.46
N ALA A 375 -9.17 8.31 13.24
CA ALA A 375 -10.32 9.20 12.99
C ALA A 375 -11.66 8.53 13.26
N GLY A 376 -11.75 7.23 13.07
CA GLY A 376 -12.95 6.48 13.40
C GLY A 376 -13.09 6.13 14.87
N HIS A 377 -12.27 6.74 15.71
CA HIS A 377 -12.40 6.60 17.16
C HIS A 377 -12.43 7.92 17.92
N TYR A 378 -11.41 8.75 17.70
CA TYR A 378 -11.22 9.95 18.52
C TYR A 378 -12.16 11.06 18.07
N PRO A 379 -12.94 11.63 19.01
CA PRO A 379 -13.87 12.75 18.78
C PRO A 379 -13.25 13.96 18.08
N VAL A 380 -11.96 14.19 18.29
CA VAL A 380 -11.26 15.38 17.76
C VAL A 380 -10.71 15.25 16.32
N LEU A 381 -10.45 14.02 15.88
CA LEU A 381 -9.74 13.76 14.61
C LEU A 381 -10.65 13.67 13.39
N LYS A 382 -10.16 14.17 12.25
CA LYS A 382 -10.91 14.11 10.99
C LYS A 382 -9.88 13.92 9.88
N LEU A 383 -10.29 13.35 8.76
CA LEU A 383 -9.36 13.12 7.65
C LEU A 383 -9.54 14.12 6.53
N GLY A 384 -8.43 14.77 6.17
CA GLY A 384 -8.40 15.66 5.04
C GLY A 384 -8.27 14.86 3.76
N PRO A 385 -8.63 15.47 2.61
CA PRO A 385 -8.61 14.74 1.34
C PRO A 385 -7.19 14.41 0.96
N SER A 386 -7.04 13.46 0.03
CA SER A 386 -5.75 13.10 -0.52
C SER A 386 -5.00 14.36 -0.98
N TRP A 387 -3.75 14.46 -0.58
CA TRP A 387 -3.01 15.71 -0.64
C TRP A 387 -1.82 15.61 -1.61
N TRP A 388 -1.59 16.69 -2.35
CA TRP A 388 -0.39 16.91 -3.19
C TRP A 388 -0.30 15.98 -4.39
N PHE A 389 0.55 14.96 -4.29
CA PHE A 389 0.75 13.99 -5.37
C PHE A 389 -0.45 13.06 -5.51
N HIS A 390 -1.30 13.06 -4.48
CA HIS A 390 -2.43 12.17 -4.41
C HIS A 390 -3.76 12.87 -4.70
N ASP A 391 -3.74 14.20 -4.88
CA ASP A 391 -4.96 14.89 -5.34
CA ASP A 391 -4.91 14.94 -5.35
C ASP A 391 -5.11 14.70 -6.85
N SER A 392 -5.65 13.54 -7.18
CA SER A 392 -5.69 13.02 -8.53
C SER A 392 -6.73 11.90 -8.56
N PRO A 393 -7.27 11.57 -9.74
CA PRO A 393 -8.32 10.53 -9.84
C PRO A 393 -8.02 9.20 -9.14
N GLU A 394 -6.84 8.62 -9.40
CA GLU A 394 -6.49 7.33 -8.76
C GLU A 394 -6.21 7.49 -7.27
N GLY A 395 -5.60 8.62 -6.90
CA GLY A 395 -5.32 8.96 -5.50
C GLY A 395 -6.57 9.17 -4.66
N MET A 396 -7.53 9.93 -5.18
CA MET A 396 -8.82 10.16 -4.52
C MET A 396 -9.65 8.89 -4.40
N MET A 397 -9.52 8.00 -5.38
CA MET A 397 -10.25 6.74 -5.38
C MET A 397 -9.64 5.78 -4.36
N ARG A 398 -8.31 5.73 -4.31
CA ARG A 398 -7.60 4.97 -3.27
C ARG A 398 -7.93 5.50 -1.88
N PHE A 399 -8.00 6.82 -1.75
CA PHE A 399 -8.43 7.45 -0.50
C PHE A 399 -9.77 6.92 -0.04
N ARG A 400 -10.79 7.06 -0.90
CA ARG A 400 -12.16 6.61 -0.62
C ARG A 400 -12.24 5.11 -0.37
N GLU A 401 -11.50 4.32 -1.14
CA GLU A 401 -11.48 2.86 -1.00
C GLU A 401 -10.80 2.35 0.26
N GLN A 402 -9.97 3.17 0.90
CA GLN A 402 -9.18 2.71 2.06
C GLN A 402 -9.57 3.33 3.40
N VAL A 403 -10.21 4.50 3.34
CA VAL A 403 -10.63 5.25 4.52
C VAL A 403 -12.07 4.95 4.97
N THR A 404 -12.99 4.82 4.01
CA THR A 404 -14.44 4.75 4.28
C THR A 404 -14.88 3.64 5.22
N GLU A 405 -14.30 2.46 5.08
CA GLU A 405 -14.76 1.29 5.83
C GLU A 405 -14.58 1.38 7.34
N THR A 406 -13.61 2.15 7.79
CA THR A 406 -13.36 2.33 9.22
C THR A 406 -13.81 3.70 9.73
N ALA A 407 -13.53 4.73 8.95
CA ALA A 407 -13.79 6.10 9.36
C ALA A 407 -15.18 6.58 8.96
N GLY A 408 -15.69 6.07 7.84
CA GLY A 408 -16.94 6.57 7.28
C GLY A 408 -16.74 7.84 6.49
N PHE A 409 -17.85 8.41 6.00
CA PHE A 409 -17.79 9.65 5.24
C PHE A 409 -17.84 10.87 6.13
N TYR A 410 -18.38 10.69 7.34
CA TYR A 410 -18.63 11.80 8.25
C TYR A 410 -17.45 12.10 9.16
N ASN A 411 -16.39 11.31 8.99
CA ASN A 411 -15.11 11.57 9.62
C ASN A 411 -14.10 12.10 8.61
N THR A 412 -14.60 12.42 7.43
CA THR A 412 -13.82 13.14 6.42
C THR A 412 -14.31 14.58 6.32
N VAL A 413 -13.65 15.37 5.48
CA VAL A 413 -13.70 16.82 5.58
C VAL A 413 -13.94 17.45 4.22
N GLY A 414 -14.30 16.63 3.24
CA GLY A 414 -14.51 17.10 1.88
C GLY A 414 -13.20 17.33 1.16
N PHE A 415 -13.20 18.27 0.23
CA PHE A 415 -12.06 18.51 -0.66
C PHE A 415 -11.52 19.93 -0.50
N ASN A 416 -10.20 20.09 -0.65
CA ASN A 416 -9.59 21.39 -0.85
C ASN A 416 -8.58 21.33 -1.99
N ASP A 417 -8.41 22.44 -2.70
CA ASP A 417 -7.63 22.45 -3.94
C ASP A 417 -6.12 22.58 -3.73
N ASP A 418 -5.73 23.31 -2.67
CA ASP A 418 -4.33 23.49 -2.26
C ASP A 418 -3.43 23.93 -3.43
N THR A 419 -3.76 25.07 -4.03
CA THR A 419 -3.08 25.49 -5.25
C THR A 419 -2.85 26.99 -5.35
N ARG A 420 -1.80 27.36 -6.07
CA ARG A 420 -1.51 28.75 -6.42
CA ARG A 420 -1.53 28.75 -6.41
C ARG A 420 -2.23 29.12 -7.71
N ALA A 421 -2.24 28.17 -8.66
CA ALA A 421 -2.91 28.33 -9.95
C ALA A 421 -4.41 28.54 -9.78
N PHE A 422 -4.82 29.81 -9.88
CA PHE A 422 -6.19 30.24 -9.59
C PHE A 422 -7.20 29.73 -10.60
N LEU A 423 -6.79 29.64 -11.86
CA LEU A 423 -7.66 29.17 -12.95
C LEU A 423 -7.97 27.68 -12.88
N SER A 424 -7.10 26.94 -12.20
CA SER A 424 -7.27 25.51 -12.04
C SER A 424 -8.26 25.13 -10.94
N ILE A 425 -8.69 26.11 -10.15
CA ILE A 425 -9.63 25.89 -9.04
C ILE A 425 -10.96 25.22 -9.44
N PRO A 426 -11.69 25.76 -10.45
CA PRO A 426 -12.90 25.03 -10.86
C PRO A 426 -12.62 23.67 -11.48
N ALA A 427 -11.49 23.53 -12.17
CA ALA A 427 -11.05 22.27 -12.76
C ALA A 427 -10.83 21.19 -11.69
N ARG A 428 -10.07 21.55 -10.65
CA ARG A 428 -9.71 20.65 -9.55
C ARG A 428 -10.93 20.23 -8.73
N HIS A 429 -11.84 21.18 -8.52
CA HIS A 429 -13.08 20.92 -7.80
C HIS A 429 -14.04 20.06 -8.62
N ASP A 430 -13.99 20.18 -9.95
CA ASP A 430 -14.79 19.34 -10.82
C ASP A 430 -14.31 17.89 -10.77
N VAL A 431 -13.00 17.68 -10.87
CA VAL A 431 -12.41 16.32 -10.73
C VAL A 431 -12.86 15.66 -9.43
N ALA A 432 -12.75 16.39 -8.33
CA ALA A 432 -13.20 15.95 -7.00
C ALA A 432 -14.65 15.50 -6.98
N ARG A 433 -15.51 16.25 -7.66
CA ARG A 433 -16.94 15.94 -7.71
C ARG A 433 -17.23 14.72 -8.59
N ARG A 434 -16.45 14.57 -9.66
CA ARG A 434 -16.62 13.45 -10.57
C ARG A 434 -16.16 12.12 -9.96
N VAL A 435 -15.04 12.17 -9.23
CA VAL A 435 -14.48 10.97 -8.58
C VAL A 435 -15.33 10.52 -7.38
N ASP A 436 -15.88 11.48 -6.65
CA ASP A 436 -16.81 11.18 -5.55
C ASP A 436 -18.09 10.55 -6.07
N SER A 437 -18.56 11.03 -7.22
CA SER A 437 -19.74 10.47 -7.88
C SER A 437 -19.47 9.06 -8.38
N ALA A 438 -18.27 8.85 -8.94
CA ALA A 438 -17.81 7.56 -9.42
C ALA A 438 -17.75 6.51 -8.32
N PHE A 439 -17.20 6.89 -7.17
CA PHE A 439 -17.02 5.98 -6.05
C PHE A 439 -18.35 5.56 -5.45
N LEU A 440 -19.21 6.55 -5.20
CA LEU A 440 -20.57 6.33 -4.71
C LEU A 440 -21.43 5.50 -5.66
N ALA A 441 -21.30 5.77 -6.97
CA ALA A 441 -21.97 4.99 -8.02
C ALA A 441 -21.60 3.50 -7.99
N ARG A 442 -20.32 3.22 -7.76
CA ARG A 442 -19.82 1.85 -7.66
C ARG A 442 -20.37 1.13 -6.42
N MET A 443 -20.67 1.89 -5.36
CA MET A 443 -21.26 1.34 -4.15
CA MET A 443 -21.26 1.33 -4.15
C MET A 443 -22.72 0.96 -4.37
N VAL A 444 -23.44 1.82 -5.10
CA VAL A 444 -24.85 1.61 -5.46
C VAL A 444 -25.00 0.43 -6.42
N ALA A 445 -24.20 0.45 -7.49
CA ALA A 445 -24.17 -0.63 -8.48
C ALA A 445 -23.85 -2.00 -7.89
N GLU A 446 -23.09 -2.03 -6.79
CA GLU A 446 -22.77 -3.28 -6.10
C GLU A 446 -23.69 -3.48 -4.90
N HIS A 447 -24.68 -2.59 -4.77
CA HIS A 447 -25.74 -2.62 -3.73
C HIS A 447 -25.20 -2.56 -2.31
N ARG A 448 -24.11 -1.80 -2.15
CA ARG A 448 -23.49 -1.57 -0.85
C ARG A 448 -24.04 -0.31 -0.21
N MET A 449 -24.70 0.52 -1.01
CA MET A 449 -25.52 1.61 -0.50
C MET A 449 -26.72 1.85 -1.41
N ASP A 450 -27.74 2.49 -0.84
CA ASP A 450 -28.93 2.82 -1.60
C ASP A 450 -28.69 4.15 -2.31
N LEU A 451 -29.44 4.41 -3.38
CA LEU A 451 -29.31 5.67 -4.13
C LEU A 451 -29.68 6.88 -3.29
N VAL A 452 -30.65 6.70 -2.38
CA VAL A 452 -31.09 7.74 -1.45
C VAL A 452 -29.93 8.21 -0.57
N GLU A 453 -29.11 7.25 -0.11
CA GLU A 453 -27.94 7.52 0.71
C GLU A 453 -26.84 8.22 -0.09
N ALA A 454 -26.62 7.76 -1.31
CA ALA A 454 -25.61 8.34 -2.21
C ALA A 454 -25.98 9.76 -2.65
N GLU A 455 -27.27 10.03 -2.82
CA GLU A 455 -27.76 11.35 -3.22
C GLU A 455 -27.55 12.36 -2.12
N GLU A 456 -27.79 11.93 -0.87
CA GLU A 456 -27.52 12.77 0.29
C GLU A 456 -26.01 13.03 0.44
N LEU A 457 -25.21 12.03 0.12
CA LEU A 457 -23.78 12.07 0.42
C LEU A 457 -22.93 12.99 -0.45
N ILE A 458 -23.10 12.98 -1.77
CA ILE A 458 -22.33 13.90 -2.61
C ILE A 458 -22.59 15.36 -2.30
N VAL A 459 -23.82 15.71 -1.90
CA VAL A 459 -24.15 17.09 -1.51
C VAL A 459 -23.48 17.42 -0.18
N ASP A 460 -23.46 16.45 0.74
CA ASP A 460 -22.75 16.58 2.00
C ASP A 460 -21.23 16.70 1.81
N LEU A 461 -20.65 15.77 1.06
CA LEU A 461 -19.22 15.74 0.77
C LEU A 461 -18.71 16.98 0.03
N THR A 462 -19.55 17.52 -0.86
CA THR A 462 -19.16 18.67 -1.68
C THR A 462 -19.34 20.00 -0.95
N TYR A 463 -20.41 20.11 -0.16
CA TYR A 463 -20.82 21.42 0.35
C TYR A 463 -21.02 21.48 1.87
N ASN A 464 -21.88 20.61 2.41
CA ASN A 464 -22.28 20.69 3.82
C ASN A 464 -21.18 20.30 4.79
N LEU A 465 -20.48 19.21 4.50
CA LEU A 465 -19.39 18.72 5.37
C LEU A 465 -18.14 19.62 5.44
N PRO A 466 -17.63 20.14 4.30
CA PRO A 466 -16.55 21.13 4.38
C PRO A 466 -16.90 22.38 5.20
N LYS A 467 -18.11 22.89 5.03
CA LYS A 467 -18.61 24.05 5.75
C LYS A 467 -18.71 23.84 7.26
N LYS A 468 -19.16 22.67 7.69
CA LYS A 468 -19.29 22.36 9.12
C LYS A 468 -17.91 22.20 9.75
N ALA A 469 -17.04 21.50 9.04
CA ALA A 469 -15.72 21.13 9.53
C ALA A 469 -14.79 22.31 9.68
N TYR A 470 -14.89 23.25 8.74
CA TYR A 470 -14.10 24.47 8.77
C TYR A 470 -14.86 25.64 9.39
N LYS A 471 -16.00 25.35 10.01
CA LYS A 471 -16.82 26.33 10.74
C LYS A 471 -17.16 27.58 9.91
N LEU A 472 -17.54 27.32 8.65
CA LEU A 472 -17.85 28.35 7.66
C LEU A 472 -19.33 28.75 7.64
N ASP A 473 -20.09 28.31 8.66
CA ASP A 473 -21.53 28.55 8.76
C ASP A 473 -21.92 30.00 9.01
N GLN A 474 -21.08 30.74 9.74
CA GLN A 474 -21.34 32.15 10.04
C GLN A 474 -20.57 33.04 9.08
N ARG A 475 -21.26 33.55 8.06
CA ARG A 475 -20.70 34.53 7.14
C ARG A 475 -20.55 35.87 7.86
N PRO A 476 -19.39 36.53 7.67
CA PRO A 476 -19.22 37.89 8.19
C PRO A 476 -19.99 38.90 7.34
N ASP A 477 -20.27 40.05 7.94
CA ASP A 477 -21.11 41.08 7.32
C ASP A 477 -20.44 41.83 6.16
N TRP A 478 -19.12 41.73 6.05
CA TRP A 478 -18.38 42.33 4.94
C TRP A 478 -18.45 41.50 3.65
N ALA A 479 -18.91 40.25 3.78
CA ALA A 479 -19.00 39.33 2.66
C ALA A 479 -20.44 39.15 2.18
N ARG A 480 -20.58 38.83 0.89
CA ARG A 480 -21.87 38.51 0.26
C ARG A 480 -22.56 37.34 0.95
N PRO A 481 -23.91 37.41 1.09
CA PRO A 481 -24.66 36.26 1.60
C PRO A 481 -24.55 35.05 0.66
N ALA A 482 -24.45 33.86 1.25
CA ALA A 482 -24.27 32.63 0.49
C ALA A 482 -25.56 32.17 -0.21
N THR A 483 -25.47 31.96 -1.52
CA THR A 483 -26.61 31.52 -2.33
C THR A 483 -26.16 30.61 -3.47
N ARG B 5 -39.20 4.46 4.40
CA ARG B 5 -38.12 4.03 3.47
C ARG B 5 -37.82 2.53 3.63
N PRO B 6 -37.92 1.76 2.52
CA PRO B 6 -37.81 0.31 2.56
C PRO B 6 -36.40 -0.25 2.75
N LEU B 7 -36.30 -1.40 3.42
CA LEU B 7 -35.04 -2.12 3.52
C LEU B 7 -34.91 -2.97 2.26
N SER B 8 -34.11 -2.49 1.32
CA SER B 8 -33.83 -3.19 0.08
C SER B 8 -32.48 -3.89 0.19
N PHE B 9 -32.52 -5.21 0.42
CA PHE B 9 -31.30 -6.00 0.50
C PHE B 9 -31.19 -6.93 -0.71
N HIS B 10 -30.40 -6.49 -1.69
CA HIS B 10 -30.38 -7.07 -3.03
C HIS B 10 -29.67 -8.42 -3.10
N GLU B 11 -30.13 -9.27 -4.01
CA GLU B 11 -29.59 -10.63 -4.19
C GLU B 11 -28.17 -10.62 -4.73
N ASP B 12 -27.84 -9.58 -5.50
CA ASP B 12 -26.57 -9.48 -6.20
C ASP B 12 -25.60 -8.52 -5.53
N ARG B 13 -25.74 -8.33 -4.23
CA ARG B 13 -24.86 -7.45 -3.46
C ARG B 13 -23.42 -7.97 -3.47
N LEU B 14 -22.47 -7.04 -3.48
CA LEU B 14 -21.02 -7.34 -3.45
C LEU B 14 -20.42 -7.94 -4.73
N PHE B 15 -21.26 -8.31 -5.69
CA PHE B 15 -20.80 -8.76 -7.01
C PHE B 15 -20.48 -7.53 -7.86
N PRO B 16 -19.51 -7.63 -8.78
CA PRO B 16 -19.17 -6.48 -9.63
C PRO B 16 -20.35 -6.10 -10.52
N SER B 17 -20.37 -4.84 -10.98
CA SER B 17 -21.50 -4.36 -11.78
C SER B 17 -21.48 -4.90 -13.21
N ASP B 18 -20.28 -5.13 -13.74
CA ASP B 18 -20.08 -5.73 -15.06
C ASP B 18 -20.82 -7.07 -15.18
N PRO B 19 -21.82 -7.13 -16.09
CA PRO B 19 -22.81 -8.20 -16.14
C PRO B 19 -22.24 -9.58 -16.46
N ALA B 20 -21.20 -9.64 -17.28
CA ALA B 20 -20.52 -10.91 -17.55
C ALA B 20 -19.80 -11.46 -16.32
N THR B 21 -19.12 -10.57 -15.59
CA THR B 21 -18.43 -10.92 -14.34
C THR B 21 -19.44 -11.27 -13.25
N ARG B 22 -20.46 -10.42 -13.10
CA ARG B 22 -21.54 -10.61 -12.13
C ARG B 22 -22.22 -11.96 -12.24
N SER B 23 -22.43 -12.42 -13.47
CA SER B 23 -23.12 -13.67 -13.70
CA SER B 23 -23.12 -13.68 -13.71
C SER B 23 -22.27 -14.90 -13.41
N TYR B 24 -20.95 -14.77 -13.60
CA TYR B 24 -20.00 -15.81 -13.17
C TYR B 24 -20.00 -15.86 -11.63
N ALA B 25 -19.95 -14.66 -11.02
CA ALA B 25 -19.97 -14.49 -9.57
C ALA B 25 -21.19 -15.13 -8.93
N ARG B 26 -22.36 -14.79 -9.46
CA ARG B 26 -23.65 -15.33 -9.04
C ARG B 26 -23.67 -16.87 -9.08
N GLY B 27 -23.09 -17.43 -10.14
CA GLY B 27 -23.02 -18.88 -10.32
C GLY B 27 -22.09 -19.57 -9.34
N LEU B 28 -20.96 -18.94 -9.03
CA LEU B 28 -19.99 -19.50 -8.10
C LEU B 28 -20.50 -19.43 -6.67
N TYR B 29 -21.21 -18.35 -6.36
CA TYR B 29 -21.80 -18.12 -5.05
C TYR B 29 -22.92 -19.10 -4.73
N ALA B 30 -23.75 -19.41 -5.72
CA ALA B 30 -24.82 -20.41 -5.60
C ALA B 30 -24.30 -21.80 -5.21
N LEU B 31 -23.07 -22.09 -5.64
CA LEU B 31 -22.38 -23.33 -5.37
C LEU B 31 -21.93 -23.44 -3.92
N VAL B 32 -22.06 -22.35 -3.18
CA VAL B 32 -21.35 -22.17 -1.92
C VAL B 32 -22.18 -21.51 -0.80
N LYS B 33 -23.26 -20.80 -1.17
CA LYS B 33 -24.07 -19.99 -0.24
C LYS B 33 -24.76 -20.74 0.89
N ASP B 34 -24.99 -22.03 0.67
CA ASP B 34 -25.76 -22.85 1.60
C ASP B 34 -24.91 -23.92 2.26
N LEU B 35 -23.60 -23.90 2.00
CA LEU B 35 -22.65 -24.76 2.70
C LEU B 35 -22.62 -24.39 4.19
N PRO B 36 -22.33 -25.38 5.06
CA PRO B 36 -22.24 -25.07 6.49
C PRO B 36 -21.14 -24.06 6.81
N ILE B 37 -21.36 -23.27 7.86
CA ILE B 37 -20.39 -22.30 8.31
C ILE B 37 -19.31 -22.96 9.18
N ILE B 38 -18.05 -22.80 8.78
CA ILE B 38 -16.92 -23.21 9.60
C ILE B 38 -16.24 -21.98 10.14
N SER B 39 -16.25 -21.85 11.46
CA SER B 39 -15.79 -20.64 12.13
C SER B 39 -14.67 -20.97 13.13
N PRO B 40 -13.42 -21.10 12.63
CA PRO B 40 -12.34 -21.71 13.41
C PRO B 40 -11.60 -20.74 14.35
N HIS B 41 -11.93 -19.46 14.31
CA HIS B 41 -11.42 -18.49 15.27
C HIS B 41 -12.43 -17.39 15.56
N GLY B 42 -12.81 -17.25 16.83
CA GLY B 42 -13.77 -16.24 17.24
C GLY B 42 -13.86 -16.01 18.74
N HIS B 43 -14.74 -15.09 19.14
CA HIS B 43 -14.83 -14.63 20.52
C HIS B 43 -16.23 -14.66 21.13
N THR B 44 -17.04 -15.64 20.73
CA THR B 44 -18.35 -15.82 21.34
C THR B 44 -18.20 -16.47 22.73
N ASP B 45 -19.18 -16.26 23.59
CA ASP B 45 -19.16 -16.79 24.96
C ASP B 45 -19.69 -18.21 24.92
N PRO B 46 -18.88 -19.19 25.36
CA PRO B 46 -19.30 -20.60 25.44
C PRO B 46 -20.45 -20.87 26.43
N SER B 47 -20.64 -19.97 27.39
CA SER B 47 -21.71 -20.09 28.38
C SER B 47 -23.09 -19.89 27.77
N TRP B 48 -23.15 -19.18 26.64
CA TRP B 48 -24.39 -18.97 25.90
C TRP B 48 -25.02 -20.30 25.45
N PHE B 49 -24.19 -21.25 25.08
CA PHE B 49 -24.65 -22.55 24.59
C PHE B 49 -24.73 -23.61 25.68
N ALA B 50 -24.03 -23.38 26.80
CA ALA B 50 -24.06 -24.32 27.90
C ALA B 50 -25.31 -24.13 28.75
N THR B 51 -25.69 -22.86 28.97
CA THR B 51 -26.89 -22.54 29.74
C THR B 51 -28.13 -22.48 28.85
N ASN B 52 -27.93 -22.05 27.60
CA ASN B 52 -28.99 -21.77 26.63
C ASN B 52 -30.04 -20.75 27.10
N ALA B 53 -29.56 -19.75 27.84
CA ALA B 53 -30.41 -18.66 28.31
C ALA B 53 -30.65 -17.68 27.18
N PRO B 54 -31.86 -17.09 27.10
CA PRO B 54 -32.14 -16.11 26.04
C PRO B 54 -31.39 -14.80 26.23
N PHE B 55 -31.12 -14.11 25.12
CA PHE B 55 -30.63 -12.73 25.16
C PHE B 55 -31.79 -11.81 25.57
N GLN B 56 -31.46 -10.62 26.06
CA GLN B 56 -32.50 -9.75 26.63
C GLN B 56 -32.95 -8.56 25.78
N ASP B 57 -32.00 -7.77 25.27
CA ASP B 57 -32.31 -6.52 24.57
C ASP B 57 -31.75 -6.49 23.16
N ALA B 58 -32.27 -5.57 22.35
CA ALA B 58 -31.66 -5.20 21.08
C ALA B 58 -30.33 -4.51 21.33
N THR B 59 -30.28 -3.74 22.43
CA THR B 59 -29.08 -3.04 22.86
C THR B 59 -28.01 -4.00 23.39
N ASP B 60 -28.41 -4.91 24.28
CA ASP B 60 -27.48 -5.87 24.88
C ASP B 60 -26.89 -6.90 23.92
N LEU B 61 -27.58 -7.12 22.80
CA LEU B 61 -27.15 -8.11 21.83
C LEU B 61 -26.36 -7.48 20.67
N LEU B 62 -26.82 -6.33 20.19
CA LEU B 62 -26.27 -5.73 18.99
C LEU B 62 -25.40 -4.51 19.24
N LEU B 63 -25.84 -3.66 20.17
CA LEU B 63 -25.22 -2.34 20.36
C LEU B 63 -24.10 -2.31 21.41
N ALA B 64 -24.40 -2.74 22.63
CA ALA B 64 -23.46 -2.67 23.76
C ALA B 64 -22.18 -3.50 23.65
N PRO B 65 -22.25 -4.78 23.20
CA PRO B 65 -20.97 -5.49 23.17
C PRO B 65 -20.14 -5.32 21.89
N ASP B 66 -20.65 -4.61 20.89
CA ASP B 66 -19.96 -4.50 19.61
C ASP B 66 -19.17 -3.20 19.47
N HIS B 67 -17.85 -3.33 19.52
CA HIS B 67 -16.94 -2.17 19.48
C HIS B 67 -16.86 -1.50 18.11
N TYR B 68 -17.14 -2.25 17.03
CA TYR B 68 -17.25 -1.69 15.67
C TYR B 68 -18.31 -0.59 15.61
N LEU B 69 -19.40 -0.80 16.35
CA LEU B 69 -20.52 0.13 16.36
C LEU B 69 -20.29 1.36 17.23
N PHE B 70 -19.95 1.15 18.52
CA PHE B 70 -19.78 2.30 19.39
C PHE B 70 -18.54 3.18 19.12
N ARG B 71 -17.53 2.62 18.49
CA ARG B 71 -16.42 3.41 17.97
C ARG B 71 -16.92 4.60 17.16
N MET B 72 -17.61 4.31 16.06
CA MET B 72 -18.14 5.35 15.18
C MET B 72 -18.94 6.40 15.95
N LEU B 73 -19.80 5.94 16.84
CA LEU B 73 -20.61 6.85 17.62
C LEU B 73 -19.75 7.68 18.56
N TYR B 74 -18.84 7.03 19.30
CA TYR B 74 -17.88 7.73 20.17
C TYR B 74 -17.03 8.72 19.38
N SER B 75 -16.73 8.34 18.15
CA SER B 75 -15.98 9.18 17.23
C SER B 75 -16.71 10.44 16.81
N GLN B 76 -18.02 10.48 17.05
CA GLN B 76 -18.84 11.58 16.57
C GLN B 76 -19.48 12.40 17.71
N GLY B 77 -19.05 12.12 18.93
CA GLY B 77 -19.47 12.92 20.09
C GLY B 77 -20.40 12.23 21.07
N VAL B 78 -20.71 10.97 20.81
CA VAL B 78 -21.62 10.20 21.67
C VAL B 78 -20.84 9.58 22.83
N SER B 79 -21.37 9.69 24.05
CA SER B 79 -20.77 9.06 25.22
CA SER B 79 -20.77 9.06 25.22
C SER B 79 -21.14 7.59 25.26
N LEU B 80 -20.27 6.78 25.86
CA LEU B 80 -20.50 5.34 25.97
C LEU B 80 -21.56 4.98 27.01
N ASP B 81 -21.80 5.90 27.95
CA ASP B 81 -22.86 5.76 28.94
C ASP B 81 -24.23 5.85 28.28
N ALA B 82 -24.32 6.71 27.26
CA ALA B 82 -25.54 6.89 26.47
C ALA B 82 -25.94 5.62 25.71
N LEU B 83 -24.95 4.77 25.42
CA LEU B 83 -25.17 3.53 24.66
C LEU B 83 -25.10 2.27 25.53
N LYS B 84 -25.15 2.46 26.85
CA LYS B 84 -25.11 1.38 27.86
C LYS B 84 -23.89 0.45 27.78
N VAL B 85 -22.74 1.02 27.41
CA VAL B 85 -21.50 0.24 27.29
C VAL B 85 -20.90 0.02 28.66
N ARG B 86 -20.67 -1.26 29.00
CA ARG B 86 -20.09 -1.65 30.28
C ARG B 86 -18.81 -0.89 30.62
N SER B 87 -18.87 -0.16 31.72
CA SER B 87 -17.75 0.60 32.26
C SER B 87 -16.94 -0.30 33.20
N LYS B 88 -15.91 0.26 33.84
CA LYS B 88 -15.18 -0.44 34.89
C LYS B 88 -15.98 -0.39 36.19
N ALA B 89 -16.90 0.58 36.27
CA ALA B 89 -17.85 0.73 37.36
C ALA B 89 -19.17 -0.01 37.09
N GLY B 90 -19.24 -0.73 35.97
CA GLY B 90 -20.40 -1.57 35.64
C GLY B 90 -21.30 -1.06 34.53
N VAL B 91 -22.45 -1.71 34.37
CA VAL B 91 -23.46 -1.34 33.38
C VAL B 91 -24.12 -0.01 33.75
N PRO B 92 -24.08 0.98 32.84
CA PRO B 92 -24.65 2.32 33.06
C PRO B 92 -26.15 2.36 33.33
N ASP B 93 -26.59 3.45 33.94
CA ASP B 93 -27.96 3.62 34.44
C ASP B 93 -28.99 3.95 33.35
N THR B 94 -28.54 4.10 32.11
CA THR B 94 -29.41 4.53 31.01
C THR B 94 -30.38 3.44 30.53
N ASP B 95 -31.51 3.89 29.98
CA ASP B 95 -32.57 3.03 29.47
C ASP B 95 -32.11 2.37 28.15
N PRO B 96 -32.18 1.03 28.07
CA PRO B 96 -31.83 0.28 26.85
C PRO B 96 -32.55 0.77 25.60
N ARG B 97 -33.79 1.23 25.76
CA ARG B 97 -34.57 1.79 24.67
C ARG B 97 -33.96 3.10 24.19
N GLU B 98 -33.54 3.94 25.14
CA GLU B 98 -32.92 5.22 24.82
C GLU B 98 -31.53 5.05 24.20
N ALA B 99 -30.79 4.03 24.65
CA ALA B 99 -29.51 3.67 24.05
C ALA B 99 -29.68 3.30 22.58
N TRP B 100 -30.68 2.47 22.30
CA TRP B 100 -31.06 2.08 20.95
C TRP B 100 -31.53 3.25 20.10
N ARG B 101 -32.23 4.19 20.72
CA ARG B 101 -32.71 5.41 20.07
C ARG B 101 -31.56 6.27 19.55
N VAL B 102 -30.48 6.37 20.31
CA VAL B 102 -29.29 7.15 19.94
C VAL B 102 -28.56 6.50 18.77
N PHE B 103 -28.43 5.18 18.83
CA PHE B 103 -27.83 4.40 17.74
C PHE B 103 -28.62 4.55 16.44
N ALA B 104 -29.94 4.41 16.54
CA ALA B 104 -30.84 4.51 15.40
C ALA B 104 -30.74 5.88 14.74
N SER B 105 -30.70 6.93 15.56
CA SER B 105 -30.56 8.32 15.08
C SER B 105 -29.20 8.63 14.49
N HIS B 106 -28.25 7.72 14.70
CA HIS B 106 -26.89 7.86 14.19
C HIS B 106 -26.48 6.71 13.28
N PHE B 107 -27.47 5.92 12.84
CA PHE B 107 -27.22 4.76 11.97
C PHE B 107 -26.70 5.16 10.58
N TYR B 108 -27.00 6.39 10.16
CA TYR B 108 -26.50 6.98 8.91
C TYR B 108 -24.96 7.05 8.82
N LEU B 109 -24.30 7.07 9.97
CA LEU B 109 -22.84 7.14 10.02
C LEU B 109 -22.20 5.96 9.32
N PHE B 110 -22.89 4.82 9.35
CA PHE B 110 -22.34 3.57 8.82
C PHE B 110 -22.48 3.38 7.31
N ARG B 111 -22.90 4.43 6.60
CA ARG B 111 -22.96 4.42 5.14
C ARG B 111 -21.59 4.16 4.54
N GLY B 112 -21.47 3.05 3.81
CA GLY B 112 -20.22 2.73 3.12
C GLY B 112 -19.31 1.79 3.88
N THR B 113 -19.71 1.47 5.11
CA THR B 113 -18.93 0.62 6.00
C THR B 113 -19.45 -0.80 5.89
N PRO B 114 -18.62 -1.82 6.23
CA PRO B 114 -19.10 -3.19 6.22
C PRO B 114 -20.21 -3.51 7.25
N SER B 115 -20.32 -2.67 8.28
CA SER B 115 -21.37 -2.81 9.29
C SER B 115 -22.77 -2.51 8.75
N TRP B 116 -22.83 -1.72 7.67
CA TRP B 116 -24.05 -1.48 6.94
C TRP B 116 -24.52 -2.80 6.34
N VAL B 117 -23.59 -3.53 5.73
CA VAL B 117 -23.86 -4.82 5.12
C VAL B 117 -24.26 -5.88 6.17
N TRP B 118 -23.50 -5.97 7.27
CA TRP B 118 -23.75 -7.01 8.28
C TRP B 118 -25.05 -6.81 9.05
N LEU B 119 -25.30 -5.59 9.49
CA LEU B 119 -26.50 -5.28 10.28
C LEU B 119 -27.78 -5.35 9.47
N ASN B 120 -27.73 -4.91 8.21
CA ASN B 120 -28.88 -5.03 7.33
C ASN B 120 -29.18 -6.46 6.90
N HIS B 121 -28.14 -7.31 6.88
CA HIS B 121 -28.31 -8.75 6.74
C HIS B 121 -29.06 -9.30 7.95
N VAL B 122 -28.64 -8.89 9.15
CA VAL B 122 -29.28 -9.33 10.40
C VAL B 122 -30.75 -8.87 10.46
N PHE B 123 -30.99 -7.61 10.10
CA PHE B 123 -32.32 -7.03 10.14
C PHE B 123 -33.28 -7.69 9.16
N SER B 124 -32.81 -7.94 7.93
CA SER B 124 -33.66 -8.46 6.87
C SER B 124 -33.75 -9.98 6.81
N GLN B 125 -32.65 -10.67 7.11
CA GLN B 125 -32.63 -12.14 7.01
C GLN B 125 -32.91 -12.85 8.34
N VAL B 126 -32.42 -12.30 9.45
CA VAL B 126 -32.60 -12.96 10.75
C VAL B 126 -33.93 -12.54 11.39
N PHE B 127 -34.27 -11.26 11.31
CA PHE B 127 -35.49 -10.75 11.93
C PHE B 127 -36.65 -10.51 10.96
N GLY B 128 -36.34 -10.35 9.68
CA GLY B 128 -37.37 -10.14 8.67
C GLY B 128 -37.99 -8.75 8.70
N PHE B 129 -37.17 -7.74 9.00
CA PHE B 129 -37.60 -6.34 8.90
C PHE B 129 -37.78 -5.92 7.45
N THR B 130 -38.68 -4.98 7.22
CA THR B 130 -38.99 -4.53 5.86
C THR B 130 -38.73 -3.04 5.65
N GLU B 131 -38.55 -2.31 6.74
CA GLU B 131 -38.22 -0.88 6.68
C GLU B 131 -36.81 -0.62 7.20
N PHE B 132 -36.17 0.41 6.66
CA PHE B 132 -34.81 0.79 7.03
C PHE B 132 -34.82 1.51 8.38
N LEU B 133 -33.79 1.23 9.19
CA LEU B 133 -33.66 1.82 10.51
C LEU B 133 -33.47 3.32 10.43
N GLU B 134 -34.31 4.04 11.15
CA GLU B 134 -34.20 5.50 11.28
C GLU B 134 -34.54 5.91 12.71
N ALA B 135 -34.57 7.23 12.96
CA ALA B 135 -34.99 7.77 14.25
C ALA B 135 -36.46 7.50 14.56
N SER B 136 -37.31 7.67 13.55
CA SER B 136 -38.76 7.44 13.68
C SER B 136 -39.15 5.96 13.68
N ASN B 137 -38.21 5.10 13.31
CA ASN B 137 -38.42 3.67 13.20
C ASN B 137 -37.85 2.93 14.40
N ALA B 138 -37.15 3.68 15.26
CA ALA B 138 -36.31 3.14 16.34
C ALA B 138 -37.04 2.24 17.31
N ASP B 139 -38.15 2.74 17.85
CA ASP B 139 -38.91 2.03 18.88
C ASP B 139 -39.55 0.75 18.36
N ASP B 140 -39.96 0.76 17.09
CA ASP B 140 -40.54 -0.41 16.45
C ASP B 140 -39.50 -1.51 16.32
N TYR B 141 -38.27 -1.14 15.93
CA TYR B 141 -37.13 -2.06 15.86
C TYR B 141 -36.80 -2.68 17.21
N PHE B 142 -36.77 -1.85 18.25
CA PHE B 142 -36.35 -2.27 19.59
C PHE B 142 -37.21 -3.40 20.14
N ASP B 143 -38.50 -3.12 20.31
CA ASP B 143 -39.40 -4.09 20.94
C ASP B 143 -39.77 -5.29 20.08
N ARG B 144 -39.62 -5.17 18.76
CA ARG B 144 -39.81 -6.33 17.87
C ARG B 144 -38.63 -7.31 17.91
N ILE B 145 -37.42 -6.79 18.11
CA ILE B 145 -36.23 -7.61 18.34
C ILE B 145 -36.30 -8.23 19.73
N THR B 146 -36.62 -7.41 20.72
CA THR B 146 -36.76 -7.84 22.12
C THR B 146 -37.82 -8.94 22.28
N ALA B 147 -38.98 -8.75 21.64
CA ALA B 147 -40.04 -9.76 21.64
C ALA B 147 -39.60 -11.07 20.98
N ALA B 148 -38.84 -10.94 19.90
CA ALA B 148 -38.27 -12.08 19.18
C ALA B 148 -37.26 -12.85 20.01
N LEU B 149 -36.51 -12.15 20.84
CA LEU B 149 -35.48 -12.76 21.69
C LEU B 149 -36.05 -13.63 22.81
N ALA B 150 -37.31 -13.37 23.17
CA ALA B 150 -38.02 -14.17 24.17
C ALA B 150 -38.49 -15.52 23.63
N THR B 151 -38.63 -15.62 22.30
CA THR B 151 -39.12 -16.84 21.65
C THR B 151 -38.09 -17.97 21.68
N ASP B 152 -38.57 -19.20 21.45
CA ASP B 152 -37.73 -20.41 21.46
C ASP B 152 -36.82 -20.51 20.24
N ALA B 153 -37.15 -19.77 19.18
CA ALA B 153 -36.40 -19.81 17.93
C ALA B 153 -35.14 -18.95 17.96
N PHE B 154 -35.02 -18.13 19.00
CA PHE B 154 -33.88 -17.24 19.17
C PHE B 154 -33.05 -17.59 20.41
N ARG B 155 -33.20 -18.82 20.91
CA ARG B 155 -32.32 -19.37 21.91
C ARG B 155 -30.99 -19.64 21.21
N PRO B 156 -29.86 -19.39 21.89
CA PRO B 156 -28.51 -19.62 21.35
C PRO B 156 -28.30 -20.93 20.58
N ARG B 157 -28.74 -22.04 21.18
CA ARG B 157 -28.63 -23.36 20.54
C ARG B 157 -29.51 -23.48 19.29
N ALA B 158 -30.72 -22.92 19.38
CA ALA B 158 -31.67 -22.94 18.27
C ALA B 158 -31.18 -22.11 17.08
N LEU B 159 -30.52 -20.99 17.39
CA LEU B 159 -29.93 -20.12 16.38
C LEU B 159 -28.70 -20.75 15.73
N PHE B 160 -27.90 -21.44 16.54
CA PHE B 160 -26.73 -22.20 16.08
C PHE B 160 -27.11 -23.21 15.01
N ASP B 161 -28.26 -23.87 15.20
CA ASP B 161 -28.75 -24.86 14.25
C ASP B 161 -29.36 -24.24 13.00
N ARG B 162 -30.10 -23.16 13.18
CA ARG B 162 -30.70 -22.42 12.07
C ARG B 162 -29.65 -21.79 11.17
N PHE B 163 -28.54 -21.35 11.76
CA PHE B 163 -27.45 -20.71 11.02
C PHE B 163 -26.59 -21.71 10.25
N ASN B 164 -26.77 -22.99 10.56
CA ASN B 164 -26.05 -24.10 9.94
C ASN B 164 -24.56 -24.02 10.24
N ILE B 165 -24.24 -23.77 11.50
CA ILE B 165 -22.87 -23.72 11.94
C ILE B 165 -22.40 -25.15 12.18
N GLU B 166 -21.33 -25.53 11.49
CA GLU B 166 -20.75 -26.84 11.67
C GLU B 166 -19.78 -26.84 12.84
N THR B 167 -18.87 -25.87 12.84
CA THR B 167 -17.85 -25.70 13.88
C THR B 167 -17.81 -24.25 14.31
N LEU B 168 -17.83 -24.01 15.63
CA LEU B 168 -17.60 -22.68 16.19
C LEU B 168 -16.52 -22.77 17.26
N ALA B 169 -15.47 -21.97 17.11
CA ALA B 169 -14.42 -21.92 18.12
C ALA B 169 -14.50 -20.65 18.96
N THR B 170 -14.35 -20.81 20.26
CA THR B 170 -14.22 -19.69 21.18
C THR B 170 -12.75 -19.54 21.60
N THR B 171 -12.42 -18.50 22.37
CA THR B 171 -11.02 -18.23 22.71
C THR B 171 -10.82 -18.02 24.23
N GLU B 172 -10.08 -18.93 24.85
CA GLU B 172 -9.80 -18.88 26.30
C GLU B 172 -8.31 -18.93 26.59
N GLY B 173 -7.90 -18.34 27.71
CA GLY B 173 -6.53 -18.46 28.20
C GLY B 173 -6.35 -19.68 29.08
N PRO B 174 -5.08 -20.02 29.40
CA PRO B 174 -4.72 -21.18 30.24
C PRO B 174 -5.14 -21.02 31.70
N HIS B 175 -5.39 -19.77 32.10
CA HIS B 175 -5.80 -19.42 33.45
C HIS B 175 -7.31 -19.54 33.70
N GLU B 176 -8.12 -19.58 32.64
CA GLU B 176 -9.58 -19.75 32.80
C GLU B 176 -10.05 -21.20 32.61
N SER B 177 -11.23 -21.50 33.15
CA SER B 177 -11.77 -22.86 33.11
CA SER B 177 -11.80 -22.85 33.12
C SER B 177 -12.50 -23.17 31.80
N LEU B 178 -12.50 -24.45 31.45
CA LEU B 178 -13.22 -24.93 30.27
C LEU B 178 -14.55 -25.57 30.69
N GLN B 179 -15.12 -24.96 31.72
CA GLN B 179 -16.39 -25.32 32.35
C GLN B 179 -17.54 -25.44 31.34
N HIS B 180 -17.72 -24.40 30.54
CA HIS B 180 -18.89 -24.30 29.67
C HIS B 180 -18.76 -25.17 28.44
N HIS B 181 -17.53 -25.48 28.04
CA HIS B 181 -17.28 -26.40 26.94
C HIS B 181 -17.57 -27.83 27.32
N ALA B 182 -17.25 -28.20 28.57
CA ALA B 182 -17.56 -29.53 29.10
C ALA B 182 -19.07 -29.74 29.19
N ALA B 183 -19.80 -28.68 29.53
CA ALA B 183 -21.25 -28.74 29.65
C ALA B 183 -21.95 -28.85 28.30
N ILE B 184 -21.32 -28.28 27.26
CA ILE B 184 -21.82 -28.34 25.90
C ILE B 184 -21.73 -29.78 25.38
N ARG B 185 -20.57 -30.40 25.57
CA ARG B 185 -20.34 -31.76 25.10
C ARG B 185 -21.27 -32.76 25.79
N GLU B 186 -21.42 -32.60 27.11
CA GLU B 186 -22.13 -33.58 27.93
C GLU B 186 -23.64 -33.56 27.68
N SER B 187 -24.14 -32.44 27.17
CA SER B 187 -25.57 -32.31 26.84
C SER B 187 -25.92 -33.10 25.58
N GLY B 188 -27.22 -33.33 25.38
CA GLY B 188 -27.72 -34.07 24.23
C GLY B 188 -27.59 -33.33 22.90
N TRP B 189 -27.52 -32.01 22.99
CA TRP B 189 -27.27 -31.12 21.85
C TRP B 189 -25.92 -31.42 21.22
N GLY B 190 -25.89 -31.46 19.89
CA GLY B 190 -24.71 -31.95 19.17
C GLY B 190 -23.86 -30.88 18.51
N GLY B 191 -24.00 -29.63 18.96
CA GLY B 191 -23.23 -28.52 18.42
C GLY B 191 -21.75 -28.62 18.75
N HIS B 192 -20.93 -28.43 17.72
CA HIS B 192 -19.47 -28.55 17.84
C HIS B 192 -18.89 -27.19 18.19
N VAL B 193 -19.03 -26.82 19.46
CA VAL B 193 -18.42 -25.63 20.00
C VAL B 193 -17.10 -26.01 20.67
N ILE B 194 -16.00 -25.54 20.10
CA ILE B 194 -14.66 -25.85 20.60
C ILE B 194 -13.96 -24.59 21.09
N THR B 195 -12.71 -24.75 21.52
CA THR B 195 -11.95 -23.65 22.10
C THR B 195 -10.63 -23.41 21.34
N ALA B 196 -9.93 -22.35 21.70
CA ALA B 196 -8.61 -22.06 21.18
C ALA B 196 -7.71 -21.58 22.32
N TYR B 197 -6.44 -21.98 22.29
CA TYR B 197 -5.48 -21.68 23.35
C TYR B 197 -4.82 -20.32 23.16
N ARG B 198 -5.14 -19.35 24.02
CA ARG B 198 -4.58 -18.00 23.93
C ARG B 198 -3.80 -17.61 25.19
N PRO B 199 -2.50 -17.94 25.24
CA PRO B 199 -1.70 -17.77 26.45
C PRO B 199 -1.19 -16.34 26.75
N ASP B 200 -1.69 -15.35 25.98
CA ASP B 200 -1.22 -13.95 26.03
C ASP B 200 -1.04 -13.33 27.42
N ALA B 201 -1.95 -13.62 28.33
CA ALA B 201 -1.93 -13.01 29.66
C ALA B 201 -0.83 -13.56 30.59
N VAL B 202 -0.37 -14.79 30.32
CA VAL B 202 0.71 -15.39 31.12
C VAL B 202 2.04 -15.37 30.38
N ILE B 203 2.08 -14.62 29.29
CA ILE B 203 3.28 -14.49 28.46
C ILE B 203 3.74 -13.02 28.42
N ASP B 204 2.79 -12.11 28.32
CA ASP B 204 3.11 -10.67 28.33
C ASP B 204 3.21 -10.18 29.76
N PHE B 205 4.43 -9.86 30.18
CA PHE B 205 4.69 -9.27 31.50
C PHE B 205 4.32 -7.78 31.57
N GLU B 206 4.15 -7.14 30.42
CA GLU B 206 3.68 -5.75 30.34
C GLU B 206 2.16 -5.63 30.40
N ASP B 207 1.47 -6.77 30.36
CA ASP B 207 0.03 -6.82 30.52
C ASP B 207 -0.27 -6.54 31.99
N GLU B 208 -1.21 -5.63 32.24
CA GLU B 208 -1.52 -5.21 33.62
C GLU B 208 -2.20 -6.29 34.45
N ARG B 209 -2.93 -7.18 33.77
CA ARG B 209 -3.68 -8.24 34.43
C ARG B 209 -2.91 -9.56 34.46
N SER B 210 -1.61 -9.49 34.23
CA SER B 210 -0.70 -10.64 34.26
C SER B 210 -0.45 -11.30 35.64
N PRO B 211 -0.20 -10.49 36.72
CA PRO B 211 -0.04 -11.13 38.04
C PRO B 211 -1.23 -11.96 38.56
N ARG B 212 -2.45 -11.51 38.30
CA ARG B 212 -3.64 -12.30 38.62
C ARG B 212 -3.78 -13.49 37.67
N ALA B 213 -3.39 -13.30 36.41
CA ALA B 213 -3.41 -14.35 35.41
C ALA B 213 -2.46 -15.50 35.76
N PHE B 214 -1.25 -15.15 36.20
CA PHE B 214 -0.25 -16.12 36.66
C PHE B 214 -0.71 -16.89 37.89
N GLU B 215 -1.47 -16.21 38.74
CA GLU B 215 -1.95 -16.77 39.99
C GLU B 215 -2.96 -17.88 39.74
N ARG B 216 -3.96 -17.59 38.91
CA ARG B 216 -4.97 -18.61 38.57
C ARG B 216 -4.50 -19.62 37.51
N PHE B 217 -3.43 -19.30 36.80
CA PHE B 217 -2.72 -20.25 35.92
C PHE B 217 -2.11 -21.39 36.76
N ALA B 218 -1.62 -21.05 37.95
CA ALA B 218 -1.10 -22.03 38.92
C ALA B 218 -2.20 -22.91 39.53
N GLU B 219 -3.40 -22.34 39.69
CA GLU B 219 -4.55 -23.08 40.21
C GLU B 219 -5.09 -24.09 39.20
N THR B 220 -5.20 -23.69 37.93
CA THR B 220 -5.71 -24.57 36.87
C THR B 220 -4.72 -25.66 36.42
N SER B 221 -3.43 -25.43 36.65
CA SER B 221 -2.43 -26.41 36.25
C SER B 221 -1.89 -27.26 37.41
N GLY B 222 -1.93 -26.70 38.62
CA GLY B 222 -1.38 -27.36 39.81
C GLY B 222 0.14 -27.36 39.84
N GLN B 223 0.73 -26.41 39.12
CA GLN B 223 2.18 -26.35 38.91
C GLN B 223 2.82 -25.12 39.55
N ASP B 224 4.11 -25.22 39.83
CA ASP B 224 4.92 -24.06 40.24
C ASP B 224 5.18 -23.22 38.99
N VAL B 225 4.34 -22.20 38.84
CA VAL B 225 4.26 -21.41 37.63
C VAL B 225 5.32 -20.30 37.55
N TYR B 226 5.89 -19.97 38.71
CA TYR B 226 6.93 -18.96 38.82
C TYR B 226 8.34 -19.57 38.76
N SER B 227 8.44 -20.77 38.20
CA SER B 227 9.72 -21.44 37.95
C SER B 227 9.66 -22.07 36.55
N TRP B 228 10.75 -21.95 35.81
CA TRP B 228 10.76 -22.13 34.35
C TRP B 228 10.26 -23.45 33.78
N LYS B 229 10.91 -24.57 34.16
CA LYS B 229 10.57 -25.87 33.61
C LYS B 229 9.15 -26.31 33.95
N SER B 230 8.64 -25.85 35.09
CA SER B 230 7.27 -26.17 35.48
C SER B 230 6.25 -25.13 35.02
N TYR B 231 6.72 -23.99 34.53
CA TYR B 231 5.88 -23.02 33.83
C TYR B 231 5.58 -23.59 32.44
N LEU B 232 6.60 -24.21 31.85
CA LEU B 232 6.46 -24.91 30.58
C LEU B 232 5.60 -26.16 30.70
N GLU B 233 5.74 -26.89 31.81
CA GLU B 233 4.86 -28.02 32.09
C GLU B 233 3.41 -27.61 32.28
N ALA B 234 3.21 -26.43 32.88
CA ALA B 234 1.87 -25.88 33.07
C ALA B 234 1.21 -25.51 31.76
N HIS B 235 2.01 -25.09 30.78
CA HIS B 235 1.50 -24.80 29.43
C HIS B 235 1.13 -26.07 28.67
N ARG B 236 1.94 -27.12 28.84
CA ARG B 236 1.68 -28.41 28.21
C ARG B 236 0.41 -29.05 28.73
N LEU B 237 0.25 -29.04 30.05
CA LEU B 237 -0.94 -29.59 30.70
C LEU B 237 -2.22 -28.84 30.35
N ARG B 238 -2.11 -27.51 30.22
CA ARG B 238 -3.27 -26.70 29.86
C ARG B 238 -3.63 -26.85 28.38
N ARG B 239 -2.63 -26.95 27.52
CA ARG B 239 -2.83 -27.22 26.11
C ARG B 239 -3.54 -28.55 25.88
N GLN B 240 -3.12 -29.57 26.64
CA GLN B 240 -3.75 -30.89 26.61
C GLN B 240 -5.23 -30.83 26.99
N ALA B 241 -5.54 -30.06 28.04
CA ALA B 241 -6.91 -29.81 28.48
C ALA B 241 -7.77 -29.13 27.41
N PHE B 242 -7.14 -28.27 26.61
CA PHE B 242 -7.83 -27.58 25.52
C PHE B 242 -8.12 -28.53 24.36
N ILE B 243 -7.13 -29.36 24.03
CA ILE B 243 -7.26 -30.43 23.03
C ILE B 243 -8.41 -31.37 23.38
N ASP B 244 -8.48 -31.78 24.65
CA ASP B 244 -9.56 -32.61 25.17
C ASP B 244 -10.92 -31.91 25.12
N ALA B 245 -10.90 -30.57 25.10
CA ALA B 245 -12.10 -29.76 24.94
C ALA B 245 -12.38 -29.47 23.45
N GLY B 246 -11.57 -30.04 22.57
CA GLY B 246 -11.80 -29.97 21.13
C GLY B 246 -10.93 -29.01 20.35
N ALA B 247 -10.05 -28.29 21.03
CA ALA B 247 -9.15 -27.33 20.38
C ALA B 247 -8.21 -27.97 19.37
N THR B 248 -8.00 -27.26 18.27
CA THR B 248 -7.06 -27.66 17.24
C THR B 248 -6.06 -26.53 16.99
N SER B 249 -6.29 -25.39 17.64
CA SER B 249 -5.50 -24.21 17.39
CA SER B 249 -5.52 -24.18 17.38
C SER B 249 -5.04 -23.45 18.63
N SER B 250 -3.98 -22.68 18.49
CA SER B 250 -3.56 -21.74 19.52
C SER B 250 -3.54 -20.34 18.90
N ASP B 251 -3.58 -19.31 19.73
CA ASP B 251 -3.66 -17.93 19.24
C ASP B 251 -2.76 -16.99 20.03
N HIS B 252 -2.05 -16.10 19.32
CA HIS B 252 -1.05 -15.23 19.92
C HIS B 252 -1.16 -13.78 19.43
N GLY B 253 -1.72 -12.92 20.27
CA GLY B 253 -1.86 -11.50 19.97
C GLY B 253 -0.76 -10.67 20.62
N HIS B 254 0.43 -10.71 20.03
CA HIS B 254 1.58 -9.99 20.54
C HIS B 254 1.66 -8.64 19.83
N PRO B 255 2.39 -7.65 20.42
CA PRO B 255 2.66 -6.37 19.75
C PRO B 255 3.45 -6.52 18.45
N THR B 256 4.35 -7.51 18.39
CA THR B 256 5.18 -7.73 17.22
C THR B 256 5.10 -9.19 16.78
N ALA B 257 5.66 -9.48 15.61
CA ALA B 257 5.75 -10.84 15.11
C ALA B 257 7.08 -11.50 15.51
N ALA B 258 7.82 -10.83 16.40
CA ALA B 258 9.18 -11.23 16.77
C ALA B 258 9.22 -12.62 17.37
N THR B 259 10.18 -13.42 16.90
CA THR B 259 10.48 -14.74 17.48
C THR B 259 11.94 -14.79 17.90
N ALA B 260 12.29 -15.73 18.78
CA ALA B 260 13.68 -15.89 19.22
C ALA B 260 14.06 -17.36 19.36
N ASP B 261 15.35 -17.66 19.38
CA ASP B 261 15.80 -19.04 19.56
C ASP B 261 16.92 -19.07 20.60
N LEU B 262 16.52 -18.83 21.85
CA LEU B 262 17.45 -18.89 22.98
C LEU B 262 17.69 -20.32 23.41
N SER B 263 18.81 -20.56 24.09
CA SER B 263 19.07 -21.83 24.74
C SER B 263 18.18 -21.95 25.98
N ASP B 264 18.14 -23.14 26.57
CA ASP B 264 17.32 -23.38 27.76
C ASP B 264 17.73 -22.48 28.93
N VAL B 265 19.04 -22.31 29.12
CA VAL B 265 19.57 -21.48 30.22
C VAL B 265 19.35 -19.98 30.01
N GLU B 266 19.40 -19.54 28.75
CA GLU B 266 19.14 -18.13 28.41
C GLU B 266 17.66 -17.78 28.60
N ALA B 267 16.79 -18.73 28.26
CA ALA B 267 15.35 -18.58 28.41
C ALA B 267 14.96 -18.54 29.88
N GLU B 268 15.57 -19.41 30.68
CA GLU B 268 15.35 -19.46 32.13
C GLU B 268 15.84 -18.19 32.81
N ALA B 269 17.03 -17.73 32.42
CA ALA B 269 17.61 -16.47 32.89
C ALA B 269 16.66 -15.30 32.68
N LEU B 270 16.14 -15.17 31.46
CA LEU B 270 15.22 -14.10 31.08
C LEU B 270 13.90 -14.21 31.84
N PHE B 271 13.40 -15.43 31.96
CA PHE B 271 12.18 -15.72 32.72
C PHE B 271 12.31 -15.28 34.18
N ASN B 272 13.43 -15.65 34.81
CA ASN B 272 13.71 -15.30 36.21
C ASN B 272 13.77 -13.80 36.48
N SER B 273 14.36 -13.03 35.56
CA SER B 273 14.43 -11.58 35.66
C SER B 273 13.04 -10.94 35.70
N LEU B 274 12.13 -11.47 34.88
CA LEU B 274 10.80 -10.88 34.75
C LEU B 274 9.91 -11.25 35.93
N VAL B 275 10.00 -12.52 36.36
CA VAL B 275 9.32 -13.01 37.57
C VAL B 275 9.74 -12.23 38.83
N LYS B 276 11.05 -11.94 38.94
CA LYS B 276 11.60 -11.04 39.96
C LYS B 276 10.95 -9.64 39.97
N GLY B 277 10.68 -9.13 38.78
CA GLY B 277 10.01 -7.83 38.63
C GLY B 277 10.82 -6.82 37.83
N ASP B 278 11.88 -7.28 37.18
CA ASP B 278 12.72 -6.42 36.34
CA ASP B 278 12.71 -6.39 36.34
C ASP B 278 12.19 -6.40 34.90
N VAL B 279 10.92 -6.00 34.76
CA VAL B 279 10.23 -5.93 33.49
C VAL B 279 10.65 -4.66 32.74
N THR B 280 11.58 -4.82 31.80
CA THR B 280 11.96 -3.75 30.88
C THR B 280 11.31 -4.07 29.54
N PRO B 281 10.93 -3.04 28.75
CA PRO B 281 10.29 -3.27 27.45
C PRO B 281 11.07 -4.22 26.51
N GLU B 282 12.40 -4.19 26.60
CA GLU B 282 13.28 -5.05 25.82
C GLU B 282 13.22 -6.52 26.25
N LYS B 283 13.17 -6.74 27.57
CA LYS B 283 13.11 -8.10 28.12
C LYS B 283 11.74 -8.75 27.93
N ALA B 284 10.69 -7.95 28.04
CA ALA B 284 9.31 -8.40 27.84
C ALA B 284 9.05 -8.81 26.38
N GLU B 285 9.60 -8.03 25.44
CA GLU B 285 9.60 -8.34 24.02
C GLU B 285 10.31 -9.64 23.72
N LEU B 286 11.47 -9.84 24.34
CA LEU B 286 12.30 -11.01 24.14
C LEU B 286 11.61 -12.28 24.62
N PHE B 287 10.91 -12.17 25.76
CA PHE B 287 10.20 -13.32 26.31
C PHE B 287 9.01 -13.70 25.46
N ARG B 288 8.24 -12.71 25.02
CA ARG B 288 7.13 -12.92 24.09
C ARG B 288 7.60 -13.54 22.76
N ALA B 289 8.75 -13.08 22.27
CA ALA B 289 9.45 -13.69 21.15
C ALA B 289 9.89 -15.12 21.41
N GLN B 290 10.51 -15.38 22.56
CA GLN B 290 10.98 -16.72 22.90
C GLN B 290 9.83 -17.69 23.08
N MET B 291 8.74 -17.20 23.67
CA MET B 291 7.53 -18.01 23.87
C MET B 291 6.80 -18.39 22.59
N LEU B 292 6.92 -17.57 21.54
CA LEU B 292 6.38 -17.93 20.22
C LEU B 292 7.04 -19.20 19.71
N THR B 293 8.37 -19.26 19.85
CA THR B 293 9.15 -20.45 19.49
C THR B 293 8.85 -21.63 20.42
N GLU B 294 8.60 -21.34 21.69
CA GLU B 294 8.36 -22.37 22.68
C GLU B 294 7.02 -23.04 22.44
N MET B 295 6.02 -22.26 22.03
CA MET B 295 4.68 -22.79 21.70
C MET B 295 4.71 -23.63 20.43
N ALA B 296 5.62 -23.31 19.52
CA ALA B 296 5.80 -24.04 18.27
C ALA B 296 6.49 -25.36 18.51
N LYS B 297 7.41 -25.38 19.48
CA LYS B 297 8.08 -26.60 19.93
C LYS B 297 7.11 -27.57 20.63
N MET B 298 6.09 -27.03 21.30
CA MET B 298 5.05 -27.83 21.91
C MET B 298 4.09 -28.36 20.85
N SER B 299 3.85 -27.54 19.83
CA SER B 299 2.98 -27.89 18.69
C SER B 299 3.54 -29.05 17.86
N LEU B 300 4.86 -29.19 17.89
CA LEU B 300 5.55 -30.35 17.30
C LEU B 300 5.10 -31.66 17.95
N ASP B 301 4.73 -31.58 19.23
CA ASP B 301 4.27 -32.76 19.97
C ASP B 301 2.75 -32.92 19.98
N ASP B 302 2.01 -31.85 20.26
CA ASP B 302 0.55 -31.95 20.42
C ASP B 302 -0.31 -31.55 19.21
N GLY B 303 0.33 -31.01 18.17
CA GLY B 303 -0.34 -30.72 16.91
C GLY B 303 -1.29 -29.54 16.89
N LEU B 304 -1.11 -28.62 17.83
CA LEU B 304 -1.87 -27.37 17.83
C LEU B 304 -1.39 -26.41 16.75
N VAL B 305 -2.32 -26.03 15.86
CA VAL B 305 -2.06 -25.07 14.81
C VAL B 305 -1.90 -23.67 15.41
N MET B 306 -0.82 -22.99 15.03
CA MET B 306 -0.43 -21.78 15.72
C MET B 306 -0.81 -20.53 14.92
N GLN B 307 -1.73 -19.73 15.46
CA GLN B 307 -2.10 -18.48 14.82
C GLN B 307 -1.39 -17.29 15.43
N ILE B 308 -0.66 -16.54 14.60
CA ILE B 308 -0.04 -15.30 15.05
C ILE B 308 -0.83 -14.08 14.55
N HIS B 309 -1.36 -13.32 15.51
CA HIS B 309 -2.11 -12.08 15.28
C HIS B 309 -1.34 -10.86 15.80
N PRO B 310 -0.28 -10.41 15.08
CA PRO B 310 0.49 -9.33 15.67
C PRO B 310 0.12 -7.92 15.20
N GLY B 311 0.61 -6.92 15.92
CA GLY B 311 0.68 -5.55 15.40
C GLY B 311 -0.40 -4.61 15.85
N SER B 312 -1.04 -4.91 16.98
CA SER B 312 -2.05 -4.02 17.52
C SER B 312 -1.51 -3.20 18.70
N HIS B 313 -1.62 -1.88 18.58
CA HIS B 313 -1.36 -0.95 19.67
C HIS B 313 -2.60 -0.91 20.53
N ARG B 314 -2.65 -1.79 21.53
CA ARG B 314 -3.84 -1.91 22.36
C ARG B 314 -3.93 -0.77 23.36
N ASN B 315 -5.17 -0.38 23.66
CA ASN B 315 -5.50 0.62 24.66
C ASN B 315 -4.85 1.98 24.41
N HIS B 316 -4.97 2.43 23.17
CA HIS B 316 -4.37 3.67 22.70
C HIS B 316 -4.94 4.90 23.42
N ASN B 317 -6.23 4.86 23.70
CA ASN B 317 -6.89 5.87 24.52
C ASN B 317 -6.64 5.53 25.99
N VAL B 318 -5.79 6.34 26.63
CA VAL B 318 -5.37 6.09 28.02
C VAL B 318 -6.50 6.40 28.99
N GLY B 319 -7.19 7.51 28.75
CA GLY B 319 -8.36 7.91 29.54
C GLY B 319 -9.45 6.86 29.55
N LEU B 320 -9.74 6.30 28.37
CA LEU B 320 -10.71 5.24 28.19
C LEU B 320 -10.29 3.91 28.85
N LEU B 321 -8.98 3.66 28.92
CA LEU B 321 -8.45 2.48 29.61
C LEU B 321 -8.65 2.57 31.13
N ASN B 322 -8.56 3.79 31.66
CA ASN B 322 -8.80 4.04 33.08
C ASN B 322 -10.27 3.90 33.46
N SER B 323 -11.14 4.53 32.68
CA SER B 323 -12.58 4.56 32.98
C SER B 323 -13.34 3.31 32.59
N HIS B 324 -13.03 2.73 31.43
CA HIS B 324 -13.79 1.61 30.87
C HIS B 324 -13.00 0.30 30.78
N GLY B 325 -11.73 0.39 30.41
CA GLY B 325 -10.87 -0.79 30.36
C GLY B 325 -10.51 -1.25 28.96
N ARG B 326 -10.27 -2.55 28.83
CA ARG B 326 -9.86 -3.15 27.56
C ARG B 326 -11.01 -3.36 26.55
N ASP B 327 -10.63 -3.56 25.29
CA ASP B 327 -11.55 -3.86 24.17
C ASP B 327 -12.69 -2.86 23.96
N LYS B 328 -12.38 -1.56 24.10
CA LYS B 328 -13.40 -0.51 23.96
C LYS B 328 -13.26 0.27 22.66
N GLY B 329 -12.61 -0.35 21.67
CA GLY B 329 -12.49 0.22 20.34
C GLY B 329 -11.38 1.23 20.18
N ALA B 330 -10.37 1.15 21.03
CA ALA B 330 -9.23 2.05 20.92
C ALA B 330 -7.92 1.31 20.67
N ASP B 331 -8.01 0.18 19.96
CA ASP B 331 -6.81 -0.59 19.56
C ASP B 331 -6.50 -0.32 18.10
N ILE B 332 -5.38 0.38 17.88
CA ILE B 332 -5.00 0.90 16.56
C ILE B 332 -3.88 0.04 15.98
N PRO B 333 -3.96 -0.33 14.69
CA PRO B 333 -2.88 -1.07 14.04
C PRO B 333 -1.54 -0.35 13.99
N MET B 334 -0.47 -1.13 14.00
CA MET B 334 0.89 -0.62 13.90
CA MET B 334 0.87 -0.58 13.88
C MET B 334 1.54 -1.17 12.64
N ARG B 335 2.56 -0.46 12.16
CA ARG B 335 3.42 -0.94 11.10
C ARG B 335 4.12 -2.21 11.62
N THR B 336 3.99 -3.30 10.86
CA THR B 336 4.44 -4.62 11.30
C THR B 336 5.50 -5.24 10.37
N GLU B 337 6.45 -5.97 10.96
CA GLU B 337 7.56 -6.58 10.24
C GLU B 337 7.55 -8.09 10.47
N TYR B 338 7.84 -8.86 9.41
CA TYR B 338 7.79 -10.32 9.46
C TYR B 338 9.11 -11.00 9.08
N VAL B 339 9.84 -10.40 8.14
CA VAL B 339 10.99 -11.04 7.50
C VAL B 339 12.16 -11.30 8.44
N ASP B 340 12.59 -10.25 9.15
CA ASP B 340 13.63 -10.40 10.17
C ASP B 340 13.04 -11.03 11.41
N ALA B 341 11.79 -10.68 11.68
CA ALA B 341 11.09 -11.07 12.91
C ALA B 341 10.93 -12.58 13.06
N LEU B 342 10.42 -13.23 12.03
CA LEU B 342 10.11 -14.67 12.07
C LEU B 342 11.32 -15.57 11.79
N LYS B 343 12.42 -14.95 11.37
CA LYS B 343 13.65 -15.67 11.00
C LYS B 343 14.25 -16.66 12.03
N PRO B 344 14.39 -16.27 13.33
CA PRO B 344 14.88 -17.24 14.34
C PRO B 344 14.07 -18.53 14.53
N LEU B 345 12.74 -18.43 14.42
CA LEU B 345 11.86 -19.59 14.51
C LEU B 345 11.92 -20.44 13.24
N LEU B 346 12.01 -19.76 12.09
CA LEU B 346 12.01 -20.42 10.79
C LEU B 346 13.33 -21.11 10.49
N THR B 347 14.41 -20.62 11.09
CA THR B 347 15.73 -21.24 10.99
C THR B 347 15.71 -22.56 11.76
N ARG B 348 15.03 -22.55 12.90
CA ARG B 348 14.93 -23.75 13.73
C ARG B 348 13.93 -24.75 13.15
N LEU B 349 12.73 -24.26 12.83
CA LEU B 349 11.59 -25.13 12.56
C LEU B 349 10.83 -24.89 11.26
N GLY B 350 11.40 -24.11 10.35
CA GLY B 350 10.68 -23.71 9.13
C GLY B 350 10.42 -24.80 8.12
N ASN B 351 11.23 -25.85 8.14
CA ASN B 351 11.12 -26.95 7.19
C ASN B 351 10.58 -28.23 7.84
N ASP B 352 10.00 -28.09 9.04
CA ASP B 352 9.43 -29.23 9.76
C ASP B 352 8.03 -29.56 9.26
N PRO B 353 7.76 -30.85 8.97
CA PRO B 353 6.43 -31.28 8.51
C PRO B 353 5.31 -31.15 9.57
N ARG B 354 5.66 -31.31 10.84
CA ARG B 354 4.67 -31.37 11.93
C ARG B 354 4.14 -30.01 12.37
N LEU B 355 4.80 -28.93 11.97
CA LEU B 355 4.43 -27.58 12.40
C LEU B 355 3.54 -26.86 11.39
N SER B 356 2.49 -26.24 11.91
CA SER B 356 1.58 -25.45 11.10
C SER B 356 1.37 -24.09 11.75
N ILE B 357 1.80 -23.03 11.05
CA ILE B 357 1.63 -21.65 11.50
C ILE B 357 0.74 -20.87 10.52
N ILE B 358 -0.20 -20.08 11.05
CA ILE B 358 -1.05 -19.21 10.23
C ILE B 358 -0.80 -17.76 10.60
N LEU B 359 -0.33 -16.97 9.63
CA LEU B 359 0.04 -15.57 9.85
C LEU B 359 -1.09 -14.61 9.45
N PHE B 360 -1.32 -13.64 10.33
CA PHE B 360 -2.31 -12.60 10.12
C PHE B 360 -1.59 -11.27 10.14
N THR B 361 -2.24 -10.23 9.66
CA THR B 361 -1.69 -8.89 9.70
C THR B 361 -2.75 -7.81 9.86
N LEU B 362 -2.33 -6.67 10.41
CA LEU B 362 -3.13 -5.46 10.46
C LEU B 362 -2.51 -4.44 9.50
N ASP B 363 -1.38 -4.84 8.93
CA ASP B 363 -0.62 -4.01 8.02
C ASP B 363 -0.70 -4.60 6.60
N GLU B 364 -1.65 -4.10 5.82
CA GLU B 364 -1.92 -4.57 4.44
C GLU B 364 -0.73 -4.49 3.48
N THR B 365 0.24 -3.64 3.84
CA THR B 365 1.43 -3.43 3.02
C THR B 365 2.38 -4.63 3.01
N THR B 366 2.20 -5.52 3.98
CA THR B 366 3.03 -6.72 4.11
C THR B 366 2.52 -7.91 3.28
N TYR B 367 1.33 -7.76 2.66
CA TYR B 367 0.73 -8.83 1.86
C TYR B 367 1.62 -9.27 0.71
N SER B 368 1.87 -8.34 -0.20
CA SER B 368 2.65 -8.64 -1.39
C SER B 368 4.12 -8.63 -1.05
N ARG B 369 4.50 -7.83 -0.05
CA ARG B 369 5.90 -7.62 0.26
C ARG B 369 6.50 -8.79 1.05
N GLU B 370 5.85 -9.16 2.14
CA GLU B 370 6.47 -10.07 3.09
C GLU B 370 5.73 -11.39 3.25
N LEU B 371 4.42 -11.31 3.49
CA LEU B 371 3.60 -12.47 3.85
C LEU B 371 3.47 -13.51 2.75
N ALA B 372 3.09 -13.09 1.55
CA ALA B 372 2.96 -14.03 0.44
C ALA B 372 4.29 -14.65 -0.01
N PRO B 373 5.38 -13.84 -0.18
CA PRO B 373 6.71 -14.44 -0.39
C PRO B 373 7.16 -15.46 0.65
N LEU B 374 6.86 -15.20 1.93
CA LEU B 374 7.18 -16.13 3.01
C LEU B 374 6.32 -17.38 2.94
N ALA B 375 5.02 -17.19 2.76
CA ALA B 375 4.06 -18.29 2.77
C ALA B 375 4.07 -19.08 1.47
N GLY B 376 4.50 -18.46 0.38
CA GLY B 376 4.71 -19.15 -0.89
C GLY B 376 6.01 -19.94 -0.95
N HIS B 377 6.77 -19.96 0.14
CA HIS B 377 8.01 -20.73 0.22
C HIS B 377 8.05 -21.73 1.37
N TYR B 378 7.78 -21.29 2.59
CA TYR B 378 7.96 -22.13 3.78
C TYR B 378 6.83 -23.15 3.94
N PRO B 379 7.17 -24.44 4.14
CA PRO B 379 6.21 -25.52 4.37
C PRO B 379 5.25 -25.27 5.55
N VAL B 380 5.71 -24.54 6.55
CA VAL B 380 4.98 -24.37 7.80
C VAL B 380 4.01 -23.19 7.84
N LEU B 381 4.16 -22.25 6.91
CA LEU B 381 3.47 -20.95 6.96
C LEU B 381 2.24 -20.91 6.08
N LYS B 382 1.15 -20.36 6.60
CA LYS B 382 -0.07 -20.21 5.81
C LYS B 382 -0.59 -18.82 6.10
N LEU B 383 -1.42 -18.28 5.20
CA LEU B 383 -1.94 -16.93 5.39
C LEU B 383 -3.38 -16.92 5.87
N GLY B 384 -3.62 -16.15 6.92
CA GLY B 384 -4.97 -15.97 7.43
C GLY B 384 -5.66 -14.91 6.62
N PRO B 385 -7.00 -14.86 6.69
CA PRO B 385 -7.73 -13.83 5.94
C PRO B 385 -7.47 -12.44 6.48
N SER B 386 -7.89 -11.43 5.72
CA SER B 386 -7.80 -10.05 6.17
C SER B 386 -8.57 -9.88 7.48
N TRP B 387 -7.94 -9.18 8.42
CA TRP B 387 -8.36 -9.21 9.81
C TRP B 387 -8.80 -7.82 10.31
N TRP B 388 -9.82 -7.82 11.16
CA TRP B 388 -10.26 -6.65 11.93
C TRP B 388 -10.85 -5.54 11.06
N PHE B 389 -10.05 -4.50 10.83
CA PHE B 389 -10.46 -3.35 10.03
C PHE B 389 -10.49 -3.69 8.54
N HIS B 390 -9.72 -4.72 8.17
CA HIS B 390 -9.60 -5.16 6.78
C HIS B 390 -10.53 -6.35 6.49
N ASP B 391 -11.28 -6.75 7.49
CA ASP B 391 -12.36 -7.73 7.34
C ASP B 391 -13.58 -6.98 6.77
N SER B 392 -13.60 -6.84 5.45
CA SER B 392 -14.49 -5.93 4.76
C SER B 392 -14.40 -6.15 3.24
N PRO B 393 -15.46 -5.79 2.47
CA PRO B 393 -15.46 -5.90 1.00
C PRO B 393 -14.19 -5.44 0.29
N GLU B 394 -13.76 -4.20 0.54
CA GLU B 394 -12.51 -3.69 -0.03
C GLU B 394 -11.26 -4.37 0.52
N GLY B 395 -11.30 -4.79 1.79
CA GLY B 395 -10.15 -5.39 2.45
C GLY B 395 -9.89 -6.81 1.98
N MET B 396 -10.93 -7.62 1.95
CA MET B 396 -10.82 -9.00 1.50
C MET B 396 -10.38 -9.07 0.03
N MET B 397 -10.87 -8.13 -0.77
CA MET B 397 -10.51 -8.06 -2.17
C MET B 397 -9.04 -7.71 -2.33
N ARG B 398 -8.56 -6.74 -1.54
CA ARG B 398 -7.15 -6.35 -1.56
C ARG B 398 -6.24 -7.50 -1.15
N PHE B 399 -6.65 -8.24 -0.12
CA PHE B 399 -5.99 -9.47 0.26
C PHE B 399 -5.85 -10.40 -0.94
N ARG B 400 -6.97 -10.76 -1.57
CA ARG B 400 -6.98 -11.65 -2.74
C ARG B 400 -6.16 -11.13 -3.92
N GLU B 401 -6.21 -9.82 -4.16
CA GLU B 401 -5.43 -9.17 -5.21
C GLU B 401 -3.92 -9.12 -4.95
N GLN B 402 -3.53 -9.11 -3.67
CA GLN B 402 -2.12 -8.92 -3.31
C GLN B 402 -1.37 -10.19 -2.89
N VAL B 403 -2.12 -11.22 -2.52
CA VAL B 403 -1.57 -12.44 -1.93
C VAL B 403 -1.53 -13.63 -2.89
N THR B 404 -2.52 -13.69 -3.78
CA THR B 404 -2.74 -14.86 -4.65
C THR B 404 -1.57 -15.19 -5.58
N GLU B 405 -0.99 -14.17 -6.19
CA GLU B 405 0.03 -14.36 -7.21
C GLU B 405 1.33 -15.04 -6.74
N THR B 406 1.68 -14.84 -5.47
CA THR B 406 2.86 -15.49 -4.89
C THR B 406 2.51 -16.71 -4.01
N ALA B 407 1.52 -16.54 -3.14
CA ALA B 407 1.13 -17.62 -2.23
C ALA B 407 0.19 -18.64 -2.87
N GLY B 408 -0.57 -18.23 -3.87
CA GLY B 408 -1.61 -19.07 -4.43
C GLY B 408 -2.80 -19.08 -3.50
N PHE B 409 -3.71 -20.01 -3.73
CA PHE B 409 -4.91 -20.15 -2.91
C PHE B 409 -4.73 -21.17 -1.80
N TYR B 410 -3.81 -22.12 -2.02
CA TYR B 410 -3.71 -23.29 -1.16
C TYR B 410 -2.76 -23.06 0.00
N ASN B 411 -2.15 -21.87 0.00
CA ASN B 411 -1.35 -21.35 1.10
C ASN B 411 -2.17 -20.36 1.95
N THR B 412 -3.48 -20.32 1.72
CA THR B 412 -4.40 -19.54 2.55
C THR B 412 -5.33 -20.50 3.31
N VAL B 413 -6.08 -19.99 4.28
CA VAL B 413 -6.88 -20.84 5.17
C VAL B 413 -8.38 -20.58 5.11
N GLY B 414 -8.82 -19.80 4.13
CA GLY B 414 -10.22 -19.41 4.02
C GLY B 414 -10.56 -18.23 4.91
N PHE B 415 -11.70 -18.30 5.58
CA PHE B 415 -12.25 -17.17 6.31
C PHE B 415 -12.59 -17.53 7.76
N ASN B 416 -12.29 -16.61 8.67
CA ASN B 416 -12.82 -16.65 10.03
C ASN B 416 -13.50 -15.32 10.35
N ASP B 417 -14.58 -15.37 11.12
CA ASP B 417 -15.36 -14.17 11.38
C ASP B 417 -14.78 -13.27 12.46
N ASP B 418 -14.11 -13.89 13.44
CA ASP B 418 -13.40 -13.21 14.55
C ASP B 418 -14.29 -12.18 15.29
N THR B 419 -15.49 -12.60 15.67
CA THR B 419 -16.46 -11.67 16.26
C THR B 419 -17.07 -12.20 17.55
N ARG B 420 -17.53 -11.27 18.39
CA ARG B 420 -18.33 -11.62 19.57
C ARG B 420 -19.82 -11.62 19.21
N ALA B 421 -20.20 -10.78 18.25
CA ALA B 421 -21.58 -10.68 17.77
C ALA B 421 -21.99 -11.95 17.04
N PHE B 422 -22.79 -12.76 17.72
CA PHE B 422 -23.17 -14.08 17.24
C PHE B 422 -24.12 -14.03 16.04
N LEU B 423 -25.05 -13.08 16.07
CA LEU B 423 -26.05 -12.92 15.01
C LEU B 423 -25.47 -12.44 13.68
N SER B 424 -24.27 -11.86 13.74
CA SER B 424 -23.59 -11.37 12.53
CA SER B 424 -23.60 -11.37 12.54
C SER B 424 -22.76 -12.47 11.87
N ILE B 425 -22.66 -13.63 12.51
CA ILE B 425 -21.86 -14.75 11.97
C ILE B 425 -22.28 -15.20 10.55
N PRO B 426 -23.57 -15.55 10.33
CA PRO B 426 -23.98 -15.82 8.94
C PRO B 426 -23.85 -14.63 7.99
N ALA B 427 -24.08 -13.41 8.48
CA ALA B 427 -23.87 -12.17 7.72
C ALA B 427 -22.43 -12.00 7.23
N ARG B 428 -21.47 -12.28 8.11
CA ARG B 428 -20.05 -12.12 7.83
C ARG B 428 -19.49 -13.18 6.90
N HIS B 429 -19.97 -14.41 7.07
CA HIS B 429 -19.61 -15.51 6.19
C HIS B 429 -20.20 -15.38 4.80
N ASP B 430 -21.40 -14.79 4.70
CA ASP B 430 -22.02 -14.47 3.41
C ASP B 430 -21.21 -13.45 2.62
N VAL B 431 -20.73 -12.41 3.30
CA VAL B 431 -19.85 -11.39 2.69
C VAL B 431 -18.57 -12.03 2.16
N ALA B 432 -17.97 -12.92 2.94
CA ALA B 432 -16.77 -13.67 2.54
C ALA B 432 -17.00 -14.45 1.25
N ARG B 433 -18.15 -15.12 1.18
CA ARG B 433 -18.52 -15.95 0.03
C ARG B 433 -18.80 -15.16 -1.26
N ARG B 434 -19.41 -13.98 -1.12
CA ARG B 434 -19.70 -13.11 -2.27
C ARG B 434 -18.47 -12.44 -2.84
N VAL B 435 -17.58 -11.97 -1.96
CA VAL B 435 -16.34 -11.31 -2.36
C VAL B 435 -15.37 -12.29 -3.03
N ASP B 436 -15.26 -13.50 -2.46
CA ASP B 436 -14.50 -14.59 -3.07
C ASP B 436 -15.07 -14.98 -4.43
N SER B 437 -16.40 -15.00 -4.52
CA SER B 437 -17.08 -15.26 -5.79
C SER B 437 -16.80 -14.18 -6.81
N ALA B 438 -16.83 -12.91 -6.38
CA ALA B 438 -16.52 -11.76 -7.23
C ALA B 438 -15.08 -11.78 -7.76
N PHE B 439 -14.14 -12.15 -6.90
CA PHE B 439 -12.72 -12.18 -7.28
C PHE B 439 -12.42 -13.27 -8.29
N LEU B 440 -12.90 -14.48 -8.00
CA LEU B 440 -12.80 -15.62 -8.92
C LEU B 440 -13.48 -15.35 -10.27
N ALA B 441 -14.64 -14.69 -10.22
CA ALA B 441 -15.39 -14.29 -11.43
C ALA B 441 -14.61 -13.35 -12.33
N ARG B 442 -13.82 -12.45 -11.73
CA ARG B 442 -12.97 -11.55 -12.50
C ARG B 442 -11.80 -12.29 -13.14
N MET B 443 -11.33 -13.36 -12.47
CA MET B 443 -10.29 -14.21 -13.03
C MET B 443 -10.83 -14.98 -14.23
N VAL B 444 -12.08 -15.43 -14.14
CA VAL B 444 -12.71 -16.15 -15.24
C VAL B 444 -13.06 -15.23 -16.41
N ALA B 445 -13.61 -14.05 -16.11
CA ALA B 445 -14.00 -13.06 -17.12
C ALA B 445 -12.81 -12.50 -17.90
N GLU B 446 -11.66 -12.38 -17.24
CA GLU B 446 -10.43 -11.94 -17.89
C GLU B 446 -9.57 -13.13 -18.35
N HIS B 447 -10.13 -14.34 -18.24
CA HIS B 447 -9.53 -15.59 -18.75
C HIS B 447 -8.17 -15.91 -18.11
N ARG B 448 -8.05 -15.55 -16.83
CA ARG B 448 -6.86 -15.80 -16.04
C ARG B 448 -7.02 -17.13 -15.32
N MET B 449 -8.25 -17.64 -15.34
CA MET B 449 -8.55 -18.97 -14.87
C MET B 449 -9.77 -19.55 -15.59
N ASP B 450 -9.80 -20.87 -15.71
CA ASP B 450 -10.91 -21.56 -16.31
C ASP B 450 -12.04 -21.69 -15.30
N LEU B 451 -13.27 -21.74 -15.78
CA LEU B 451 -14.43 -21.86 -14.90
C LEU B 451 -14.33 -23.10 -14.02
N VAL B 452 -13.90 -24.21 -14.61
CA VAL B 452 -13.77 -25.47 -13.88
C VAL B 452 -12.91 -25.31 -12.62
N GLU B 453 -11.82 -24.55 -12.74
CA GLU B 453 -10.92 -24.24 -11.62
C GLU B 453 -11.60 -23.37 -10.56
N ALA B 454 -12.35 -22.36 -11.01
CA ALA B 454 -13.08 -21.46 -10.10
C ALA B 454 -14.16 -22.16 -9.29
N GLU B 455 -14.88 -23.09 -9.92
CA GLU B 455 -15.92 -23.87 -9.26
C GLU B 455 -15.34 -24.80 -8.19
N GLU B 456 -14.15 -25.33 -8.46
CA GLU B 456 -13.39 -26.11 -7.47
C GLU B 456 -12.91 -25.23 -6.34
N LEU B 457 -12.33 -24.07 -6.69
CA LEU B 457 -11.74 -23.15 -5.71
C LEU B 457 -12.70 -22.53 -4.74
N ILE B 458 -13.88 -22.15 -5.22
CA ILE B 458 -14.87 -21.52 -4.35
C ILE B 458 -15.30 -22.46 -3.21
N VAL B 459 -15.48 -23.75 -3.51
CA VAL B 459 -15.88 -24.76 -2.54
C VAL B 459 -14.73 -25.08 -1.57
N ASP B 460 -13.51 -25.09 -2.08
CA ASP B 460 -12.31 -25.32 -1.27
C ASP B 460 -12.13 -24.19 -0.27
N LEU B 461 -12.06 -22.97 -0.80
CA LEU B 461 -11.93 -21.74 0.00
C LEU B 461 -12.98 -21.62 1.11
N THR B 462 -14.20 -22.04 0.82
CA THR B 462 -15.31 -21.94 1.76
C THR B 462 -15.28 -23.03 2.83
N TYR B 463 -15.02 -24.27 2.41
CA TYR B 463 -15.29 -25.42 3.27
C TYR B 463 -14.09 -26.34 3.50
N ASN B 464 -13.48 -26.82 2.43
CA ASN B 464 -12.44 -27.85 2.52
C ASN B 464 -11.10 -27.35 3.06
N LEU B 465 -10.68 -26.18 2.59
CA LEU B 465 -9.44 -25.55 3.03
C LEU B 465 -9.41 -25.05 4.48
N PRO B 466 -10.49 -24.39 4.98
CA PRO B 466 -10.55 -24.14 6.44
C PRO B 466 -10.51 -25.41 7.31
N LYS B 467 -11.14 -26.48 6.84
CA LYS B 467 -11.12 -27.76 7.53
C LYS B 467 -9.74 -28.40 7.60
N LYS B 468 -9.05 -28.50 6.46
CA LYS B 468 -7.71 -29.08 6.42
C LYS B 468 -6.72 -28.31 7.29
N ALA B 469 -6.75 -26.98 7.16
CA ALA B 469 -5.79 -26.11 7.83
C ALA B 469 -5.92 -26.11 9.34
N TYR B 470 -7.16 -26.21 9.82
CA TYR B 470 -7.45 -26.25 11.25
C TYR B 470 -7.69 -27.66 11.77
N LYS B 471 -7.28 -28.66 11.00
CA LYS B 471 -7.34 -30.08 11.38
C LYS B 471 -8.72 -30.51 11.92
N LEU B 472 -9.75 -30.06 11.22
CA LEU B 472 -11.14 -30.26 11.63
C LEU B 472 -11.78 -31.50 10.97
N ASP B 473 -10.94 -32.32 10.34
CA ASP B 473 -11.40 -33.49 9.58
C ASP B 473 -11.86 -34.66 10.44
N GLN B 474 -11.43 -34.69 11.71
CA GLN B 474 -11.94 -35.68 12.65
C GLN B 474 -12.94 -35.02 13.59
N ARG B 475 -14.23 -35.24 13.32
CA ARG B 475 -15.29 -34.84 14.24
C ARG B 475 -15.22 -35.75 15.46
N PRO B 476 -15.36 -35.17 16.67
CA PRO B 476 -15.45 -36.03 17.84
C PRO B 476 -16.84 -36.63 17.98
N ASP B 477 -16.94 -37.67 18.80
CA ASP B 477 -18.18 -38.43 19.00
C ASP B 477 -19.27 -37.63 19.71
N TRP B 478 -18.85 -36.63 20.50
CA TRP B 478 -19.78 -35.81 21.30
C TRP B 478 -20.57 -34.78 20.50
N ALA B 479 -20.13 -34.51 19.27
CA ALA B 479 -20.80 -33.61 18.36
C ALA B 479 -21.63 -34.37 17.32
N ARG B 480 -22.37 -33.64 16.50
CA ARG B 480 -23.08 -34.21 15.36
C ARG B 480 -22.11 -34.71 14.30
N PRO B 481 -22.54 -35.66 13.45
CA PRO B 481 -21.79 -35.86 12.21
C PRO B 481 -21.97 -34.67 11.25
N ALA B 482 -21.03 -34.51 10.33
CA ALA B 482 -21.05 -33.40 9.38
C ALA B 482 -21.79 -33.76 8.09
N THR B 483 -22.92 -33.10 7.86
CA THR B 483 -23.68 -33.25 6.62
C THR B 483 -23.92 -31.89 5.96
N LEU B 484 -24.07 -31.90 4.64
CA LEU B 484 -24.29 -30.68 3.87
C LEU B 484 -25.77 -30.30 3.84
N ARG C 5 -9.44 -32.92 -20.12
CA ARG C 5 -9.83 -31.47 -20.02
C ARG C 5 -9.01 -30.61 -20.99
N PRO C 6 -9.70 -29.78 -21.81
CA PRO C 6 -9.04 -28.96 -22.83
C PRO C 6 -8.18 -27.80 -22.28
N LEU C 7 -7.19 -27.41 -23.08
CA LEU C 7 -6.37 -26.24 -22.79
C LEU C 7 -6.94 -25.08 -23.59
N SER C 8 -7.77 -24.28 -22.93
CA SER C 8 -8.41 -23.11 -23.54
CA SER C 8 -8.40 -23.12 -23.54
C SER C 8 -7.60 -21.86 -23.22
N PHE C 9 -6.93 -21.31 -24.22
CA PHE C 9 -6.10 -20.13 -24.02
C PHE C 9 -6.61 -18.95 -24.84
N HIS C 10 -7.47 -18.15 -24.21
CA HIS C 10 -8.34 -17.19 -24.89
C HIS C 10 -7.56 -16.01 -25.44
N GLU C 11 -7.89 -15.65 -26.69
CA GLU C 11 -7.20 -14.59 -27.44
C GLU C 11 -7.31 -13.20 -26.84
N ASP C 12 -8.25 -13.01 -25.90
CA ASP C 12 -8.49 -11.75 -25.24
CA ASP C 12 -8.38 -11.72 -25.25
C ASP C 12 -8.23 -11.81 -23.73
N ARG C 13 -7.33 -12.70 -23.31
CA ARG C 13 -6.95 -12.85 -21.91
C ARG C 13 -6.29 -11.57 -21.38
N LEU C 14 -6.48 -11.32 -20.09
CA LEU C 14 -5.92 -10.15 -19.35
C LEU C 14 -6.55 -8.79 -19.67
N PHE C 15 -7.39 -8.72 -20.71
CA PHE C 15 -8.16 -7.51 -20.99
C PHE C 15 -9.34 -7.46 -20.03
N PRO C 16 -9.77 -6.25 -19.62
CA PRO C 16 -10.91 -6.12 -18.69
C PRO C 16 -12.20 -6.65 -19.31
N SER C 17 -13.13 -7.09 -18.47
CA SER C 17 -14.36 -7.71 -18.95
C SER C 17 -15.28 -6.71 -19.64
N ASP C 18 -15.28 -5.47 -19.14
CA ASP C 18 -16.03 -4.38 -19.71
C ASP C 18 -15.74 -4.29 -21.20
N PRO C 19 -16.79 -4.49 -22.03
CA PRO C 19 -16.63 -4.68 -23.47
C PRO C 19 -16.12 -3.42 -24.18
N ALA C 20 -16.58 -2.26 -23.74
CA ALA C 20 -16.08 -0.96 -24.20
C ALA C 20 -14.56 -0.85 -24.00
N THR C 21 -14.09 -1.15 -22.79
CA THR C 21 -12.66 -1.16 -22.44
C THR C 21 -11.88 -2.27 -23.15
N ARG C 22 -12.48 -3.45 -23.24
CA ARG C 22 -11.85 -4.61 -23.90
C ARG C 22 -11.62 -4.37 -25.39
N SER C 23 -12.57 -3.71 -26.05
CA SER C 23 -12.46 -3.35 -27.46
C SER C 23 -11.32 -2.36 -27.72
N TYR C 24 -11.18 -1.35 -26.86
CA TYR C 24 -10.04 -0.43 -26.94
C TYR C 24 -8.71 -1.14 -26.71
N ALA C 25 -8.68 -2.05 -25.72
CA ALA C 25 -7.49 -2.81 -25.34
C ALA C 25 -6.98 -3.70 -26.45
N ARG C 26 -7.88 -4.48 -27.04
CA ARG C 26 -7.58 -5.38 -28.15
C ARG C 26 -6.98 -4.66 -29.36
N GLY C 27 -7.48 -3.45 -29.63
CA GLY C 27 -6.95 -2.62 -30.71
C GLY C 27 -5.57 -2.08 -30.44
N LEU C 28 -5.31 -1.73 -29.18
CA LEU C 28 -3.98 -1.27 -28.74
C LEU C 28 -2.96 -2.40 -28.75
N TYR C 29 -3.37 -3.56 -28.27
CA TYR C 29 -2.55 -4.75 -28.28
C TYR C 29 -2.25 -5.25 -29.70
N ALA C 30 -3.20 -5.07 -30.61
CA ALA C 30 -3.02 -5.40 -32.02
C ALA C 30 -1.82 -4.66 -32.63
N LEU C 31 -1.66 -3.40 -32.24
CA LEU C 31 -0.59 -2.53 -32.71
C LEU C 31 0.81 -2.94 -32.23
N VAL C 32 0.86 -3.94 -31.36
CA VAL C 32 2.01 -4.15 -30.51
C VAL C 32 2.41 -5.62 -30.31
N LYS C 33 1.48 -6.52 -30.62
CA LYS C 33 1.64 -7.96 -30.36
C LYS C 33 2.74 -8.67 -31.14
N ASP C 34 3.09 -8.15 -32.31
CA ASP C 34 4.06 -8.78 -33.20
C ASP C 34 5.35 -7.99 -33.34
N LEU C 35 5.44 -6.86 -32.62
CA LEU C 35 6.68 -6.10 -32.49
C LEU C 35 7.75 -6.96 -31.80
N PRO C 36 9.04 -6.79 -32.19
CA PRO C 36 10.11 -7.61 -31.61
C PRO C 36 10.27 -7.44 -30.09
N ILE C 37 10.83 -8.46 -29.45
CA ILE C 37 11.08 -8.43 -28.02
C ILE C 37 12.40 -7.76 -27.73
N ILE C 38 12.36 -6.70 -26.92
CA ILE C 38 13.56 -6.12 -26.34
C ILE C 38 13.67 -6.56 -24.89
N SER C 39 14.73 -7.32 -24.57
CA SER C 39 14.93 -7.88 -23.25
C SER C 39 16.25 -7.35 -22.66
N PRO C 40 16.22 -6.15 -22.04
CA PRO C 40 17.44 -5.46 -21.64
C PRO C 40 17.98 -5.83 -20.25
N HIS C 41 17.29 -6.71 -19.54
CA HIS C 41 17.76 -7.25 -18.27
C HIS C 41 17.26 -8.67 -18.11
N GLY C 42 18.17 -9.58 -17.79
CA GLY C 42 17.82 -10.99 -17.64
C GLY C 42 18.98 -11.89 -17.23
N HIS C 43 18.67 -13.14 -16.92
CA HIS C 43 19.65 -14.08 -16.38
C HIS C 43 19.72 -15.40 -17.15
N THR C 44 19.55 -15.34 -18.47
CA THR C 44 19.75 -16.52 -19.30
C THR C 44 21.24 -16.79 -19.47
N ASP C 45 21.56 -18.03 -19.78
CA ASP C 45 22.93 -18.49 -19.94
C ASP C 45 23.37 -18.18 -21.36
N PRO C 46 24.45 -17.39 -21.51
CA PRO C 46 24.94 -17.09 -22.87
C PRO C 46 25.59 -18.30 -23.54
N SER C 47 25.93 -19.32 -22.75
CA SER C 47 26.50 -20.57 -23.27
C SER C 47 25.47 -21.44 -23.98
N TRP C 48 24.19 -21.08 -23.84
CA TRP C 48 23.13 -21.72 -24.61
C TRP C 48 23.22 -21.36 -26.09
N PHE C 49 23.52 -20.09 -26.36
CA PHE C 49 23.58 -19.59 -27.73
C PHE C 49 24.97 -19.69 -28.31
N ALA C 50 25.97 -19.87 -27.44
CA ALA C 50 27.35 -19.98 -27.86
C ALA C 50 27.64 -21.36 -28.45
N THR C 51 27.17 -22.40 -27.76
CA THR C 51 27.35 -23.77 -28.21
C THR C 51 26.22 -24.21 -29.11
N ASN C 52 25.06 -23.58 -28.95
CA ASN C 52 23.79 -23.95 -29.60
C ASN C 52 23.40 -25.42 -29.39
N ALA C 53 23.73 -25.95 -28.22
CA ALA C 53 23.40 -27.31 -27.85
C ALA C 53 21.92 -27.40 -27.48
N PRO C 54 21.27 -28.53 -27.80
CA PRO C 54 19.87 -28.75 -27.41
C PRO C 54 19.68 -28.87 -25.90
N PHE C 55 18.48 -28.57 -25.44
CA PHE C 55 18.07 -28.86 -24.06
C PHE C 55 17.65 -30.33 -24.03
N GLN C 56 17.76 -30.96 -22.87
CA GLN C 56 17.50 -32.40 -22.77
C GLN C 56 16.08 -32.82 -22.37
N ASP C 57 15.66 -32.47 -21.16
CA ASP C 57 14.34 -32.86 -20.64
C ASP C 57 13.39 -31.68 -20.54
N ALA C 58 12.13 -31.99 -20.23
CA ALA C 58 11.15 -31.01 -19.80
C ALA C 58 11.54 -30.46 -18.43
N THR C 59 12.00 -31.35 -17.55
CA THR C 59 12.44 -30.99 -16.20
C THR C 59 13.66 -30.06 -16.22
N ASP C 60 14.66 -30.39 -17.03
CA ASP C 60 15.87 -29.58 -17.13
C ASP C 60 15.66 -28.20 -17.76
N LEU C 61 14.52 -28.02 -18.43
CA LEU C 61 14.23 -26.77 -19.11
C LEU C 61 13.23 -25.92 -18.34
N LEU C 62 12.19 -26.56 -17.82
CA LEU C 62 11.05 -25.84 -17.25
C LEU C 62 10.90 -25.93 -15.74
N LEU C 63 11.30 -27.06 -15.17
CA LEU C 63 11.02 -27.34 -13.77
C LEU C 63 12.21 -27.09 -12.84
N ALA C 64 13.31 -27.78 -13.10
CA ALA C 64 14.52 -27.70 -12.27
C ALA C 64 15.22 -26.32 -12.18
N PRO C 65 15.32 -25.56 -13.30
CA PRO C 65 15.98 -24.25 -13.12
C PRO C 65 15.07 -23.08 -12.70
N ASP C 66 13.76 -23.29 -12.65
CA ASP C 66 12.84 -22.18 -12.36
C ASP C 66 12.34 -22.16 -10.92
N HIS C 67 12.82 -21.18 -10.15
CA HIS C 67 12.49 -21.06 -8.73
C HIS C 67 11.07 -20.61 -8.43
N TYR C 68 10.41 -19.95 -9.39
CA TYR C 68 8.99 -19.60 -9.26
C TYR C 68 8.13 -20.86 -9.07
N LEU C 69 8.49 -21.92 -9.79
CA LEU C 69 7.73 -23.16 -9.77
C LEU C 69 8.06 -24.04 -8.57
N PHE C 70 9.34 -24.26 -8.27
CA PHE C 70 9.68 -25.14 -7.15
C PHE C 70 9.50 -24.54 -5.75
N ARG C 71 9.41 -23.21 -5.68
CA ARG C 71 8.97 -22.51 -4.46
C ARG C 71 7.64 -23.02 -3.98
N MET C 72 6.63 -23.00 -4.86
CA MET C 72 5.27 -23.42 -4.54
C MET C 72 5.18 -24.86 -4.07
N LEU C 73 5.92 -25.73 -4.74
CA LEU C 73 5.89 -27.14 -4.42
C LEU C 73 6.61 -27.41 -3.12
N TYR C 74 7.75 -26.72 -2.90
CA TYR C 74 8.46 -26.78 -1.62
C TYR C 74 7.58 -26.27 -0.50
N SER C 75 6.83 -25.22 -0.81
CA SER C 75 5.89 -24.62 0.10
C SER C 75 4.77 -25.56 0.54
N GLN C 76 4.51 -26.58 -0.28
CA GLN C 76 3.41 -27.51 -0.01
C GLN C 76 3.90 -28.91 0.40
N GLY C 77 5.18 -29.02 0.76
CA GLY C 77 5.73 -30.24 1.34
C GLY C 77 6.56 -31.12 0.42
N VAL C 78 6.87 -30.62 -0.78
CA VAL C 78 7.64 -31.38 -1.76
C VAL C 78 9.13 -31.06 -1.63
N SER C 79 9.96 -32.11 -1.56
CA SER C 79 11.41 -31.93 -1.44
C SER C 79 12.00 -31.50 -2.77
N LEU C 80 13.14 -30.82 -2.72
CA LEU C 80 13.84 -30.40 -3.93
C LEU C 80 14.50 -31.57 -4.66
N ASP C 81 14.77 -32.66 -3.94
CA ASP C 81 15.29 -33.90 -4.51
C ASP C 81 14.26 -34.53 -5.45
N ALA C 82 13.01 -34.55 -5.02
CA ALA C 82 11.89 -35.07 -5.82
C ALA C 82 11.65 -34.31 -7.14
N LEU C 83 12.25 -33.14 -7.28
CA LEU C 83 12.06 -32.31 -8.47
C LEU C 83 13.33 -32.11 -9.27
N LYS C 84 14.37 -32.88 -8.94
CA LYS C 84 15.71 -32.82 -9.57
C LYS C 84 16.39 -31.43 -9.51
N VAL C 85 16.17 -30.72 -8.40
CA VAL C 85 16.74 -29.38 -8.22
C VAL C 85 18.20 -29.49 -7.79
N ARG C 86 19.07 -28.83 -8.55
CA ARG C 86 20.52 -28.86 -8.36
C ARG C 86 20.95 -28.48 -6.94
N SER C 87 21.46 -29.46 -6.22
CA SER C 87 21.95 -29.29 -4.85
C SER C 87 23.42 -28.85 -4.87
N LYS C 88 23.97 -28.57 -3.68
CA LYS C 88 25.40 -28.30 -3.54
C LYS C 88 26.19 -29.61 -3.67
N ALA C 89 25.51 -30.72 -3.44
CA ALA C 89 26.06 -32.06 -3.67
C ALA C 89 25.86 -32.52 -5.12
N GLY C 90 25.25 -31.67 -5.94
CA GLY C 90 25.03 -31.96 -7.36
C GLY C 90 23.58 -32.30 -7.69
N VAL C 91 23.34 -32.65 -8.96
CA VAL C 91 22.01 -33.02 -9.46
C VAL C 91 21.55 -34.35 -8.84
N PRO C 92 20.34 -34.37 -8.23
CA PRO C 92 19.79 -35.56 -7.55
C PRO C 92 19.57 -36.80 -8.43
N ASP C 93 19.36 -37.94 -7.77
CA ASP C 93 19.24 -39.26 -8.42
C ASP C 93 17.88 -39.50 -9.09
N THR C 94 16.98 -38.54 -8.95
CA THR C 94 15.59 -38.65 -9.40
C THR C 94 15.45 -38.80 -10.91
N ASP C 95 14.45 -39.59 -11.32
CA ASP C 95 14.07 -39.74 -12.72
C ASP C 95 13.44 -38.42 -13.18
N PRO C 96 13.92 -37.84 -14.29
CA PRO C 96 13.34 -36.61 -14.87
C PRO C 96 11.85 -36.75 -15.24
N ARG C 97 11.43 -37.97 -15.56
CA ARG C 97 10.04 -38.29 -15.80
C ARG C 97 9.23 -38.22 -14.51
N GLU C 98 9.79 -38.79 -13.43
CA GLU C 98 9.12 -38.83 -12.14
C GLU C 98 9.09 -37.46 -11.45
N ALA C 99 10.09 -36.63 -11.75
CA ALA C 99 10.12 -35.25 -11.27
C ALA C 99 9.01 -34.44 -11.92
N TRP C 100 8.80 -34.69 -13.21
CA TRP C 100 7.74 -34.06 -13.98
C TRP C 100 6.35 -34.52 -13.52
N ARG C 101 6.24 -35.80 -13.16
CA ARG C 101 5.01 -36.38 -12.65
C ARG C 101 4.52 -35.65 -11.39
N VAL C 102 5.45 -35.37 -10.48
CA VAL C 102 5.17 -34.63 -9.24
C VAL C 102 4.72 -33.20 -9.54
N PHE C 103 5.39 -32.53 -10.47
CA PHE C 103 4.98 -31.18 -10.89
C PHE C 103 3.57 -31.15 -11.47
N ALA C 104 3.31 -32.06 -12.42
CA ALA C 104 2.00 -32.17 -13.08
C ALA C 104 0.87 -32.48 -12.10
N SER C 105 1.16 -33.32 -11.10
CA SER C 105 0.20 -33.63 -10.03
C SER C 105 -0.08 -32.43 -9.11
N HIS C 106 0.85 -31.49 -9.06
CA HIS C 106 0.73 -30.32 -8.19
C HIS C 106 0.51 -29.04 -8.97
N PHE C 107 0.18 -29.16 -10.26
CA PHE C 107 0.02 -28.01 -11.16
C PHE C 107 -1.18 -27.11 -10.77
N TYR C 108 -2.16 -27.69 -10.06
CA TYR C 108 -3.33 -26.96 -9.54
C TYR C 108 -2.97 -25.83 -8.56
N LEU C 109 -1.84 -25.97 -7.88
CA LEU C 109 -1.37 -24.95 -6.95
C LEU C 109 -1.25 -23.60 -7.62
N PHE C 110 -0.96 -23.60 -8.92
CA PHE C 110 -0.63 -22.38 -9.66
C PHE C 110 -1.82 -21.59 -10.20
N ARG C 111 -3.03 -21.96 -9.78
CA ARG C 111 -4.24 -21.26 -10.19
C ARG C 111 -4.25 -19.81 -9.70
N GLY C 112 -4.45 -18.86 -10.61
CA GLY C 112 -4.53 -17.44 -10.25
C GLY C 112 -3.17 -16.76 -10.12
N THR C 113 -2.10 -17.55 -10.19
CA THR C 113 -0.74 -17.04 -10.19
C THR C 113 -0.35 -16.75 -11.63
N PRO C 114 0.64 -15.88 -11.88
CA PRO C 114 1.07 -15.64 -13.26
C PRO C 114 1.74 -16.84 -13.97
N SER C 115 2.24 -17.82 -13.20
CA SER C 115 2.84 -19.03 -13.78
C SER C 115 1.84 -19.86 -14.58
N TRP C 116 0.56 -19.81 -14.19
CA TRP C 116 -0.57 -20.37 -14.96
C TRP C 116 -0.64 -19.78 -16.37
N VAL C 117 -0.47 -18.47 -16.48
CA VAL C 117 -0.50 -17.78 -17.76
C VAL C 117 0.75 -18.05 -18.57
N TRP C 118 1.93 -17.95 -17.94
CA TRP C 118 3.22 -18.13 -18.62
C TRP C 118 3.43 -19.54 -19.16
N LEU C 119 3.12 -20.55 -18.35
CA LEU C 119 3.33 -21.92 -18.75
C LEU C 119 2.32 -22.39 -19.77
N ASN C 120 1.05 -22.00 -19.60
CA ASN C 120 0.01 -22.36 -20.56
C ASN C 120 0.19 -21.65 -21.90
N HIS C 121 0.87 -20.51 -21.88
CA HIS C 121 1.31 -19.84 -23.09
C HIS C 121 2.39 -20.66 -23.76
N VAL C 122 3.34 -21.17 -22.99
CA VAL C 122 4.39 -22.04 -23.53
C VAL C 122 3.78 -23.36 -24.05
N PHE C 123 2.87 -23.94 -23.27
CA PHE C 123 2.25 -25.20 -23.64
C PHE C 123 1.40 -25.11 -24.92
N SER C 124 0.54 -24.09 -24.98
CA SER C 124 -0.34 -23.93 -26.14
C SER C 124 0.34 -23.27 -27.34
N GLN C 125 1.19 -22.28 -27.10
CA GLN C 125 1.72 -21.44 -28.18
C GLN C 125 3.11 -21.86 -28.68
N VAL C 126 3.91 -22.50 -27.84
CA VAL C 126 5.24 -22.97 -28.25
C VAL C 126 5.22 -24.45 -28.66
N PHE C 127 4.53 -25.28 -27.87
CA PHE C 127 4.49 -26.72 -28.12
C PHE C 127 3.21 -27.22 -28.80
N GLY C 128 2.18 -26.37 -28.84
CA GLY C 128 0.93 -26.70 -29.51
C GLY C 128 0.10 -27.77 -28.82
N PHE C 129 0.19 -27.85 -27.50
CA PHE C 129 -0.65 -28.75 -26.71
C PHE C 129 -2.11 -28.31 -26.74
N THR C 130 -3.00 -29.29 -26.66
CA THR C 130 -4.44 -29.05 -26.76
C THR C 130 -5.20 -29.53 -25.52
N GLU C 131 -4.49 -30.18 -24.59
CA GLU C 131 -5.07 -30.65 -23.35
C GLU C 131 -4.36 -30.04 -22.15
N PHE C 132 -5.09 -29.89 -21.04
CA PHE C 132 -4.56 -29.26 -19.83
C PHE C 132 -3.74 -30.26 -19.01
N LEU C 133 -2.64 -29.78 -18.45
CA LEU C 133 -1.68 -30.61 -17.71
C LEU C 133 -2.22 -31.16 -16.40
N GLU C 134 -2.26 -32.49 -16.30
CA GLU C 134 -2.73 -33.20 -15.12
C GLU C 134 -1.81 -34.39 -14.86
N ALA C 135 -2.14 -35.20 -13.86
CA ALA C 135 -1.36 -36.42 -13.57
C ALA C 135 -1.58 -37.50 -14.62
N SER C 136 -2.79 -37.58 -15.16
CA SER C 136 -3.14 -38.55 -16.19
C SER C 136 -2.50 -38.20 -17.53
N ASN C 137 -2.26 -36.91 -17.75
CA ASN C 137 -1.69 -36.34 -18.96
C ASN C 137 -0.17 -36.17 -18.88
N ALA C 138 0.39 -36.44 -17.70
CA ALA C 138 1.79 -36.10 -17.35
C ALA C 138 2.86 -36.64 -18.28
N ASP C 139 2.84 -37.96 -18.52
CA ASP C 139 3.85 -38.63 -19.34
C ASP C 139 3.77 -38.25 -20.81
N ASP C 140 2.56 -38.00 -21.29
CA ASP C 140 2.32 -37.52 -22.64
C ASP C 140 2.96 -36.14 -22.85
N TYR C 141 2.84 -35.27 -21.84
CA TYR C 141 3.51 -33.97 -21.85
C TYR C 141 5.04 -34.12 -21.84
N PHE C 142 5.54 -35.01 -20.99
CA PHE C 142 6.98 -35.17 -20.81
C PHE C 142 7.69 -35.58 -22.10
N ASP C 143 7.28 -36.70 -22.68
CA ASP C 143 7.95 -37.22 -23.87
C ASP C 143 7.65 -36.46 -25.16
N ARG C 144 6.53 -35.74 -25.22
CA ARG C 144 6.25 -34.87 -26.36
C ARG C 144 7.08 -33.59 -26.39
N ILE C 145 7.46 -33.07 -25.23
CA ILE C 145 8.37 -31.92 -25.22
C ILE C 145 9.84 -32.31 -25.17
N THR C 146 10.14 -33.49 -24.64
CA THR C 146 11.48 -34.06 -24.76
C THR C 146 11.82 -34.31 -26.24
N ALA C 147 10.86 -34.89 -26.97
CA ALA C 147 11.01 -35.14 -28.41
C ALA C 147 11.13 -33.86 -29.23
N ALA C 148 10.37 -32.84 -28.84
CA ALA C 148 10.42 -31.52 -29.49
C ALA C 148 11.77 -30.85 -29.32
N LEU C 149 12.37 -31.00 -28.14
CA LEU C 149 13.67 -30.40 -27.84
C LEU C 149 14.82 -31.03 -28.61
N ALA C 150 14.63 -32.29 -29.03
CA ALA C 150 15.59 -33.00 -29.87
C ALA C 150 15.56 -32.55 -31.34
N THR C 151 14.49 -31.85 -31.74
CA THR C 151 14.36 -31.35 -33.11
C THR C 151 15.18 -30.08 -33.34
N ASP C 152 15.41 -29.76 -34.61
CA ASP C 152 16.33 -28.70 -35.00
C ASP C 152 15.73 -27.30 -34.81
N ALA C 153 14.40 -27.23 -34.75
CA ALA C 153 13.68 -25.98 -34.55
C ALA C 153 13.75 -25.46 -33.12
N PHE C 154 14.07 -26.35 -32.18
CA PHE C 154 14.12 -26.01 -30.76
C PHE C 154 15.56 -25.86 -30.23
N ARG C 155 16.49 -25.57 -31.13
CA ARG C 155 17.83 -25.18 -30.75
C ARG C 155 17.73 -23.73 -30.28
N PRO C 156 18.54 -23.35 -29.26
CA PRO C 156 18.55 -22.01 -28.67
C PRO C 156 18.57 -20.84 -29.66
N ARG C 157 19.39 -20.92 -30.71
CA ARG C 157 19.45 -19.88 -31.73
C ARG C 157 18.18 -19.87 -32.59
N ALA C 158 17.66 -21.05 -32.90
CA ALA C 158 16.45 -21.19 -33.69
C ALA C 158 15.22 -20.62 -32.97
N LEU C 159 15.14 -20.87 -31.66
CA LEU C 159 14.07 -20.32 -30.81
C LEU C 159 14.19 -18.82 -30.64
N PHE C 160 15.41 -18.32 -30.48
CA PHE C 160 15.70 -16.89 -30.44
C PHE C 160 15.15 -16.19 -31.69
N ASP C 161 15.35 -16.83 -32.84
CA ASP C 161 14.88 -16.30 -34.12
C ASP C 161 13.37 -16.40 -34.26
N ARG C 162 12.80 -17.53 -33.81
CA ARG C 162 11.35 -17.72 -33.85
C ARG C 162 10.59 -16.78 -32.89
N PHE C 163 11.22 -16.47 -31.75
CA PHE C 163 10.58 -15.63 -30.74
C PHE C 163 10.62 -14.14 -31.08
N ASN C 164 11.38 -13.80 -32.13
CA ASN C 164 11.56 -12.41 -32.60
C ASN C 164 12.24 -11.51 -31.56
N ILE C 165 13.23 -12.07 -30.89
CA ILE C 165 14.02 -11.31 -29.90
C ILE C 165 15.01 -10.42 -30.65
N GLU C 166 14.93 -9.13 -30.38
CA GLU C 166 15.81 -8.15 -30.99
C GLU C 166 17.06 -7.96 -30.15
N THR C 167 16.88 -7.86 -28.84
CA THR C 167 17.97 -7.68 -27.89
C THR C 167 17.75 -8.60 -26.70
N LEU C 168 18.80 -9.29 -26.28
CA LEU C 168 18.74 -10.11 -25.07
C LEU C 168 19.98 -9.86 -24.21
N ALA C 169 19.74 -9.48 -22.95
CA ALA C 169 20.82 -9.21 -22.02
C ALA C 169 20.96 -10.30 -20.97
N THR C 170 22.17 -10.81 -20.84
CA THR C 170 22.54 -11.70 -19.74
C THR C 170 23.27 -10.88 -18.68
N THR C 171 23.40 -11.41 -17.48
CA THR C 171 24.06 -10.69 -16.39
C THR C 171 25.31 -11.44 -15.95
N GLU C 172 26.46 -10.78 -16.09
CA GLU C 172 27.74 -11.39 -15.70
C GLU C 172 28.52 -10.46 -14.75
N GLY C 173 29.31 -11.06 -13.87
CA GLY C 173 30.19 -10.32 -12.97
C GLY C 173 31.54 -10.01 -13.61
N PRO C 174 32.32 -9.10 -13.00
CA PRO C 174 33.64 -8.71 -13.51
C PRO C 174 34.69 -9.81 -13.35
N HIS C 175 34.41 -10.77 -12.47
CA HIS C 175 35.32 -11.86 -12.16
C HIS C 175 35.17 -13.05 -13.10
N GLU C 176 34.08 -13.08 -13.87
CA GLU C 176 33.85 -14.14 -14.86
C GLU C 176 34.23 -13.68 -16.27
N SER C 177 34.63 -14.64 -17.11
CA SER C 177 35.08 -14.35 -18.47
C SER C 177 33.91 -14.27 -19.45
N LEU C 178 34.06 -13.40 -20.43
CA LEU C 178 33.05 -13.22 -21.46
C LEU C 178 33.40 -14.00 -22.74
N GLN C 179 33.75 -15.27 -22.57
CA GLN C 179 34.16 -16.12 -23.67
C GLN C 179 32.98 -16.57 -24.54
N HIS C 180 31.84 -16.77 -23.90
CA HIS C 180 30.63 -17.21 -24.59
C HIS C 180 30.03 -16.10 -25.42
N HIS C 181 30.18 -14.86 -24.94
CA HIS C 181 29.71 -13.69 -25.67
C HIS C 181 30.51 -13.41 -26.92
N ALA C 182 31.83 -13.62 -26.83
CA ALA C 182 32.74 -13.49 -27.97
C ALA C 182 32.34 -14.49 -29.05
N ALA C 183 32.07 -15.72 -28.63
CA ALA C 183 31.55 -16.79 -29.48
C ALA C 183 30.22 -16.46 -30.20
N ILE C 184 29.34 -15.66 -29.57
CA ILE C 184 28.08 -15.21 -30.20
C ILE C 184 28.35 -14.28 -31.37
N ARG C 185 29.31 -13.36 -31.20
CA ARG C 185 29.55 -12.35 -32.21
C ARG C 185 30.55 -12.74 -33.30
N GLU C 186 31.47 -13.65 -32.98
CA GLU C 186 32.40 -14.14 -34.00
C GLU C 186 31.83 -15.32 -34.79
N SER C 187 30.72 -15.88 -34.32
CA SER C 187 29.86 -16.72 -35.17
C SER C 187 29.04 -15.76 -36.02
N GLY C 188 28.61 -16.23 -37.19
CA GLY C 188 27.92 -15.35 -38.13
C GLY C 188 26.45 -15.16 -37.82
N TRP C 189 25.97 -15.78 -36.75
CA TRP C 189 24.56 -15.86 -36.40
C TRP C 189 23.85 -14.49 -36.32
N GLY C 190 24.50 -13.53 -35.68
CA GLY C 190 24.04 -12.14 -35.68
C GLY C 190 22.94 -11.82 -34.69
N GLY C 191 22.61 -12.78 -33.83
CA GLY C 191 21.67 -12.55 -32.74
C GLY C 191 22.30 -11.65 -31.71
N HIS C 192 21.63 -10.54 -31.42
CA HIS C 192 22.15 -9.49 -30.54
C HIS C 192 22.06 -9.90 -29.07
N VAL C 193 22.97 -10.77 -28.64
CA VAL C 193 23.07 -11.21 -27.25
C VAL C 193 24.16 -10.38 -26.57
N ILE C 194 23.74 -9.67 -25.52
CA ILE C 194 24.52 -8.62 -24.90
C ILE C 194 24.79 -9.05 -23.45
N THR C 195 25.66 -8.35 -22.74
CA THR C 195 25.85 -8.62 -21.32
C THR C 195 25.53 -7.39 -20.46
N ALA C 196 25.54 -7.53 -19.14
CA ALA C 196 25.38 -6.40 -18.22
C ALA C 196 26.32 -6.57 -17.05
N TYR C 197 26.74 -5.44 -16.48
CA TYR C 197 27.77 -5.42 -15.45
C TYR C 197 27.19 -5.56 -14.04
N ARG C 198 27.40 -6.72 -13.41
CA ARG C 198 26.98 -6.94 -12.02
C ARG C 198 28.17 -7.16 -11.08
N PRO C 199 28.71 -6.07 -10.51
CA PRO C 199 29.90 -6.16 -9.65
C PRO C 199 29.63 -6.49 -8.17
N ASP C 200 28.43 -6.99 -7.88
CA ASP C 200 27.98 -7.29 -6.51
C ASP C 200 28.91 -8.19 -5.68
N ALA C 201 29.57 -9.14 -6.34
CA ALA C 201 30.39 -10.12 -5.63
C ALA C 201 31.71 -9.55 -5.12
N VAL C 202 32.20 -8.51 -5.82
CA VAL C 202 33.43 -7.83 -5.43
C VAL C 202 33.14 -6.47 -4.77
N ILE C 203 31.89 -6.27 -4.37
CA ILE C 203 31.45 -5.04 -3.67
C ILE C 203 30.90 -5.37 -2.29
N ASP C 204 30.14 -6.47 -2.21
CA ASP C 204 29.58 -6.93 -0.94
C ASP C 204 30.60 -7.81 -0.22
N PHE C 205 31.19 -7.26 0.85
CA PHE C 205 32.17 -7.98 1.66
C PHE C 205 31.53 -9.01 2.58
N GLU C 206 30.21 -8.88 2.77
CA GLU C 206 29.41 -9.83 3.54
C GLU C 206 28.94 -11.05 2.73
N ASP C 207 29.18 -11.01 1.42
CA ASP C 207 28.91 -12.14 0.54
C ASP C 207 29.92 -13.24 0.87
N GLU C 208 29.44 -14.48 0.97
CA GLU C 208 30.31 -15.60 1.37
C GLU C 208 31.26 -16.02 0.25
N ARG C 209 30.89 -15.69 -0.98
CA ARG C 209 31.69 -16.02 -2.15
C ARG C 209 32.53 -14.83 -2.63
N SER C 210 32.65 -13.80 -1.77
CA SER C 210 33.46 -12.61 -2.04
C SER C 210 34.99 -12.83 -2.11
N PRO C 211 35.58 -13.64 -1.18
CA PRO C 211 37.03 -13.88 -1.30
C PRO C 211 37.47 -14.53 -2.62
N ARG C 212 36.72 -15.51 -3.11
CA ARG C 212 37.02 -16.15 -4.39
C ARG C 212 36.73 -15.22 -5.57
N ALA C 213 35.70 -14.39 -5.43
CA ALA C 213 35.34 -13.41 -6.45
C ALA C 213 36.43 -12.38 -6.67
N PHE C 214 37.03 -11.89 -5.58
CA PHE C 214 38.16 -10.97 -5.63
C PHE C 214 39.38 -11.59 -6.31
N GLU C 215 39.61 -12.87 -6.04
CA GLU C 215 40.74 -13.64 -6.55
C GLU C 215 40.73 -13.77 -8.08
N ARG C 216 39.57 -14.06 -8.65
CA ARG C 216 39.45 -14.14 -10.11
C ARG C 216 39.10 -12.79 -10.78
N PHE C 217 38.73 -11.80 -9.98
CA PHE C 217 38.64 -10.40 -10.43
C PHE C 217 40.04 -9.86 -10.72
N ALA C 218 41.02 -10.36 -9.97
CA ALA C 218 42.43 -10.01 -10.16
C ALA C 218 42.99 -10.62 -11.45
N GLU C 219 42.58 -11.85 -11.75
CA GLU C 219 43.00 -12.55 -12.97
C GLU C 219 42.45 -11.88 -14.22
N THR C 220 41.16 -11.55 -14.21
CA THR C 220 40.47 -11.00 -15.38
C THR C 220 40.88 -9.56 -15.72
N SER C 221 41.26 -8.78 -14.71
CA SER C 221 41.63 -7.38 -14.92
C SER C 221 43.15 -7.15 -14.94
N GLY C 222 43.90 -8.07 -14.32
CA GLY C 222 45.37 -7.97 -14.26
C GLY C 222 45.86 -6.87 -13.34
N GLN C 223 45.09 -6.58 -12.29
CA GLN C 223 45.38 -5.47 -11.39
C GLN C 223 45.55 -5.96 -9.94
N ASP C 224 46.11 -5.08 -9.11
CA ASP C 224 46.13 -5.26 -7.66
C ASP C 224 44.77 -4.83 -7.11
N VAL C 225 43.85 -5.79 -7.03
CA VAL C 225 42.48 -5.49 -6.61
C VAL C 225 42.34 -5.29 -5.10
N TYR C 226 43.43 -5.53 -4.36
CA TYR C 226 43.45 -5.38 -2.91
C TYR C 226 43.98 -4.01 -2.46
N SER C 227 44.27 -3.16 -3.45
CA SER C 227 44.64 -1.77 -3.21
C SER C 227 43.65 -0.89 -3.96
N TRP C 228 43.20 0.19 -3.30
CA TRP C 228 42.03 0.98 -3.72
C TRP C 228 42.04 1.59 -5.12
N LYS C 229 43.14 2.24 -5.49
CA LYS C 229 43.24 2.95 -6.78
C LYS C 229 43.28 2.00 -7.97
N SER C 230 43.81 0.81 -7.75
CA SER C 230 43.89 -0.22 -8.78
C SER C 230 42.66 -1.14 -8.74
N TYR C 231 41.93 -1.11 -7.63
CA TYR C 231 40.63 -1.78 -7.54
C TYR C 231 39.62 -1.05 -8.42
N LEU C 232 39.68 0.29 -8.39
CA LEU C 232 38.88 1.13 -9.25
C LEU C 232 39.26 1.01 -10.73
N GLU C 233 40.57 0.93 -11.00
CA GLU C 233 41.04 0.74 -12.37
C GLU C 233 40.58 -0.60 -12.94
N ALA C 234 40.55 -1.61 -12.08
CA ALA C 234 40.08 -2.94 -12.44
C ALA C 234 38.61 -2.94 -12.85
N HIS C 235 37.81 -2.12 -12.18
CA HIS C 235 36.41 -1.92 -12.55
C HIS C 235 36.29 -1.21 -13.89
N ARG C 236 37.09 -0.18 -14.11
CA ARG C 236 37.12 0.56 -15.38
C ARG C 236 37.53 -0.32 -16.56
N LEU C 237 38.54 -1.17 -16.34
CA LEU C 237 39.05 -2.07 -17.37
C LEU C 237 38.05 -3.17 -17.71
N ARG C 238 37.39 -3.71 -16.69
CA ARG C 238 36.38 -4.74 -16.90
C ARG C 238 35.12 -4.17 -17.53
N ARG C 239 34.72 -2.96 -17.12
CA ARG C 239 33.56 -2.28 -17.72
C ARG C 239 33.73 -2.08 -19.21
N GLN C 240 34.93 -1.66 -19.62
CA GLN C 240 35.26 -1.48 -21.03
C GLN C 240 35.18 -2.80 -21.80
N ALA C 241 35.63 -3.89 -21.17
CA ALA C 241 35.53 -5.23 -21.75
C ALA C 241 34.08 -5.69 -21.92
N PHE C 242 33.18 -5.15 -21.09
CA PHE C 242 31.76 -5.41 -21.20
C PHE C 242 31.14 -4.58 -22.33
N ILE C 243 31.58 -3.34 -22.47
CA ILE C 243 31.14 -2.46 -23.58
C ILE C 243 31.57 -3.00 -24.94
N ASP C 244 32.75 -3.64 -24.95
CA ASP C 244 33.27 -4.34 -26.12
C ASP C 244 32.45 -5.59 -26.46
N ALA C 245 31.80 -6.16 -25.45
CA ALA C 245 30.85 -7.25 -25.61
C ALA C 245 29.43 -6.73 -25.86
N GLY C 246 29.30 -5.41 -26.00
CA GLY C 246 28.04 -4.80 -26.40
C GLY C 246 27.24 -4.17 -25.27
N ALA C 247 27.59 -4.50 -24.03
CA ALA C 247 26.88 -4.03 -22.82
C ALA C 247 26.55 -2.55 -22.81
N THR C 248 25.35 -2.22 -22.34
CA THR C 248 24.90 -0.84 -22.27
C THR C 248 24.49 -0.47 -20.85
N SER C 249 24.48 -1.48 -19.96
CA SER C 249 23.95 -1.30 -18.62
CA SER C 249 23.94 -1.32 -18.63
C SER C 249 24.77 -1.99 -17.52
N SER C 250 24.67 -1.44 -16.31
CA SER C 250 25.21 -2.07 -15.11
C SER C 250 24.05 -2.38 -14.15
N ASP C 251 24.23 -3.38 -13.30
CA ASP C 251 23.16 -3.82 -12.42
C ASP C 251 23.67 -4.03 -10.99
N HIS C 252 22.91 -3.57 -10.01
CA HIS C 252 23.36 -3.52 -8.61
C HIS C 252 22.34 -4.04 -7.61
N GLY C 253 22.49 -5.31 -7.23
CA GLY C 253 21.54 -5.98 -6.33
C GLY C 253 22.00 -5.89 -4.89
N HIS C 254 21.89 -4.69 -4.34
CA HIS C 254 22.27 -4.42 -2.97
C HIS C 254 21.07 -4.66 -2.05
N PRO C 255 21.31 -4.88 -0.74
CA PRO C 255 20.19 -4.99 0.21
C PRO C 255 19.47 -3.66 0.43
N THR C 256 20.13 -2.56 0.12
CA THR C 256 19.65 -1.23 0.45
C THR C 256 19.81 -0.34 -0.77
N ALA C 257 19.05 0.74 -0.84
CA ALA C 257 19.22 1.74 -1.89
C ALA C 257 20.20 2.84 -1.47
N ALA C 258 20.85 2.64 -0.32
CA ALA C 258 21.78 3.61 0.27
C ALA C 258 22.95 3.95 -0.65
N THR C 259 23.20 5.26 -0.75
CA THR C 259 24.37 5.81 -1.44
C THR C 259 25.16 6.69 -0.47
N ALA C 260 26.42 6.98 -0.81
CA ALA C 260 27.29 7.81 0.04
C ALA C 260 28.24 8.63 -0.84
N ASP C 261 28.73 9.75 -0.31
CA ASP C 261 29.65 10.60 -1.08
C ASP C 261 30.93 10.90 -0.29
N LEU C 262 31.69 9.84 0.01
CA LEU C 262 32.94 9.95 0.75
C LEU C 262 34.02 10.57 -0.12
N SER C 263 35.01 11.18 0.53
CA SER C 263 36.21 11.64 -0.16
C SER C 263 37.05 10.45 -0.56
N ASP C 264 37.95 10.67 -1.52
CA ASP C 264 38.79 9.59 -2.05
C ASP C 264 39.54 8.86 -0.93
N VAL C 265 40.01 9.63 0.04
CA VAL C 265 40.75 9.08 1.17
C VAL C 265 39.84 8.34 2.13
N GLU C 266 38.66 8.89 2.37
CA GLU C 266 37.69 8.27 3.28
C GLU C 266 37.25 6.89 2.77
N ALA C 267 37.12 6.79 1.46
CA ALA C 267 36.75 5.54 0.79
C ALA C 267 37.87 4.52 0.83
N GLU C 268 39.11 4.98 0.60
CA GLU C 268 40.30 4.13 0.65
C GLU C 268 40.50 3.54 2.03
N ALA C 269 40.34 4.37 3.06
CA ALA C 269 40.43 3.95 4.46
C ALA C 269 39.44 2.82 4.76
N LEU C 270 38.19 3.03 4.34
CA LEU C 270 37.12 2.05 4.50
C LEU C 270 37.40 0.77 3.74
N PHE C 271 37.91 0.92 2.51
CA PHE C 271 38.28 -0.20 1.65
C PHE C 271 39.37 -1.04 2.30
N ASN C 272 40.36 -0.36 2.87
CA ASN C 272 41.47 -1.00 3.56
C ASN C 272 41.02 -1.84 4.77
N SER C 273 40.10 -1.29 5.55
CA SER C 273 39.55 -1.99 6.74
C SER C 273 38.79 -3.26 6.37
N LEU C 274 38.09 -3.23 5.24
CA LEU C 274 37.28 -4.38 4.84
C LEU C 274 38.14 -5.45 4.20
N VAL C 275 39.14 -5.04 3.42
CA VAL C 275 40.11 -5.95 2.80
C VAL C 275 41.01 -6.63 3.86
N LYS C 276 41.27 -5.89 4.95
CA LYS C 276 42.03 -6.39 6.11
C LYS C 276 41.30 -7.53 6.81
N GLY C 277 39.97 -7.51 6.74
CA GLY C 277 39.14 -8.57 7.30
C GLY C 277 38.26 -8.09 8.43
N ASP C 278 38.33 -6.80 8.73
CA ASP C 278 37.54 -6.19 9.80
C ASP C 278 36.17 -5.77 9.26
N VAL C 279 35.35 -6.76 8.93
CA VAL C 279 34.08 -6.55 8.25
C VAL C 279 32.92 -6.53 9.24
N THR C 280 32.43 -5.32 9.52
CA THR C 280 31.23 -5.13 10.32
C THR C 280 30.08 -4.84 9.35
N PRO C 281 28.83 -5.14 9.74
CA PRO C 281 27.67 -4.81 8.90
C PRO C 281 27.54 -3.33 8.53
N GLU C 282 28.05 -2.44 9.38
CA GLU C 282 27.99 -0.99 9.15
C GLU C 282 29.00 -0.55 8.07
N LYS C 283 30.21 -1.12 8.14
CA LYS C 283 31.27 -0.81 7.18
C LYS C 283 30.97 -1.39 5.81
N ALA C 284 30.42 -2.60 5.79
CA ALA C 284 30.03 -3.28 4.56
C ALA C 284 28.86 -2.59 3.84
N GLU C 285 27.93 -2.03 4.62
CA GLU C 285 26.80 -1.26 4.10
C GLU C 285 27.28 0.06 3.49
N LEU C 286 28.19 0.71 4.20
CA LEU C 286 28.74 2.00 3.75
C LEU C 286 29.60 1.85 2.50
N PHE C 287 30.29 0.73 2.37
CA PHE C 287 31.10 0.48 1.18
C PHE C 287 30.23 0.23 -0.03
N ARG C 288 29.15 -0.53 0.16
CA ARG C 288 28.16 -0.74 -0.90
C ARG C 288 27.53 0.57 -1.33
N ALA C 289 27.26 1.43 -0.36
CA ALA C 289 26.71 2.76 -0.59
C ALA C 289 27.66 3.67 -1.35
N GLN C 290 28.95 3.61 -0.99
CA GLN C 290 29.96 4.39 -1.68
C GLN C 290 30.23 3.88 -3.09
N MET C 291 30.16 2.55 -3.25
CA MET C 291 30.34 1.95 -4.56
C MET C 291 29.25 2.28 -5.56
N LEU C 292 28.02 2.48 -5.11
CA LEU C 292 26.94 2.97 -5.98
C LEU C 292 27.26 4.33 -6.60
N THR C 293 27.81 5.23 -5.78
CA THR C 293 28.26 6.55 -6.24
C THR C 293 29.51 6.42 -7.11
N GLU C 294 30.40 5.51 -6.72
CA GLU C 294 31.62 5.25 -7.46
C GLU C 294 31.36 4.68 -8.87
N MET C 295 30.38 3.78 -8.97
CA MET C 295 29.94 3.23 -10.25
C MET C 295 29.28 4.30 -11.14
N ALA C 296 28.50 5.19 -10.53
CA ALA C 296 27.87 6.32 -11.22
C ALA C 296 28.88 7.32 -11.77
N LYS C 297 29.99 7.46 -11.04
CA LYS C 297 31.11 8.32 -11.45
C LYS C 297 31.83 7.77 -12.68
N MET C 298 31.90 6.45 -12.78
CA MET C 298 32.44 5.78 -13.95
C MET C 298 31.46 5.84 -15.13
N SER C 299 30.16 5.85 -14.83
CA SER C 299 29.09 5.96 -15.83
C SER C 299 29.04 7.34 -16.49
N LEU C 300 29.58 8.34 -15.81
CA LEU C 300 29.80 9.66 -16.38
C LEU C 300 30.79 9.59 -17.54
N ASP C 301 31.76 8.68 -17.43
CA ASP C 301 32.79 8.50 -18.46
C ASP C 301 32.40 7.47 -19.52
N ASP C 302 32.14 6.22 -19.10
CA ASP C 302 31.88 5.14 -20.05
C ASP C 302 30.44 5.03 -20.57
N GLY C 303 29.53 5.81 -19.97
CA GLY C 303 28.16 5.92 -20.47
C GLY C 303 27.20 4.78 -20.19
N LEU C 304 27.60 3.83 -19.34
CA LEU C 304 26.74 2.73 -18.93
C LEU C 304 25.50 3.20 -18.16
N VAL C 305 24.38 2.53 -18.41
CA VAL C 305 23.11 2.84 -17.75
C VAL C 305 23.03 2.09 -16.43
N MET C 306 22.78 2.80 -15.35
CA MET C 306 22.88 2.21 -14.03
C MET C 306 21.52 1.73 -13.48
N GLN C 307 21.37 0.42 -13.32
CA GLN C 307 20.18 -0.16 -12.72
C GLN C 307 20.44 -0.47 -11.25
N ILE C 308 19.54 -0.02 -10.39
CA ILE C 308 19.60 -0.33 -8.96
C ILE C 308 18.44 -1.26 -8.60
N HIS C 309 18.79 -2.45 -8.09
CA HIS C 309 17.82 -3.48 -7.72
C HIS C 309 17.84 -3.77 -6.21
N PRO C 310 17.32 -2.85 -5.39
CA PRO C 310 17.55 -3.05 -3.97
C PRO C 310 16.46 -3.87 -3.26
N GLY C 311 16.75 -4.27 -2.02
CA GLY C 311 15.71 -4.71 -1.10
C GLY C 311 15.42 -6.19 -0.94
N SER C 312 16.30 -7.04 -1.46
CA SER C 312 16.11 -8.48 -1.31
C SER C 312 16.90 -9.03 -0.12
N HIS C 313 16.18 -9.62 0.84
CA HIS C 313 16.79 -10.41 1.92
C HIS C 313 17.15 -11.76 1.35
N ARG C 314 18.36 -11.86 0.81
CA ARG C 314 18.81 -13.07 0.15
C ARG C 314 19.12 -14.15 1.17
N ASN C 315 18.73 -15.39 0.83
CA ASN C 315 19.02 -16.61 1.60
C ASN C 315 18.41 -16.63 2.99
N HIS C 316 17.10 -16.39 3.03
CA HIS C 316 16.32 -16.29 4.27
C HIS C 316 16.18 -17.65 4.94
N ASN C 317 16.08 -18.70 4.13
CA ASN C 317 16.09 -20.08 4.60
C ASN C 317 17.54 -20.52 4.78
N VAL C 318 18.00 -20.54 6.02
CA VAL C 318 19.41 -20.81 6.34
C VAL C 318 19.76 -22.27 6.08
N GLY C 319 18.91 -23.18 6.56
CA GLY C 319 19.06 -24.62 6.30
C GLY C 319 19.13 -25.01 4.84
N LEU C 320 18.42 -24.26 3.99
CA LEU C 320 18.44 -24.46 2.55
C LEU C 320 19.72 -23.93 1.93
N LEU C 321 20.26 -22.86 2.50
CA LEU C 321 21.50 -22.25 2.00
C LEU C 321 22.69 -23.20 2.18
N ASN C 322 22.67 -23.94 3.29
CA ASN C 322 23.66 -24.96 3.58
C ASN C 322 23.61 -26.13 2.60
N SER C 323 22.38 -26.58 2.32
CA SER C 323 22.18 -27.77 1.50
C SER C 323 22.22 -27.51 -0.01
N HIS C 324 21.65 -26.40 -0.46
CA HIS C 324 21.46 -26.15 -1.89
C HIS C 324 22.13 -24.88 -2.43
N GLY C 325 22.28 -23.87 -1.59
CA GLY C 325 22.97 -22.64 -1.97
C GLY C 325 22.09 -21.50 -2.43
N ARG C 326 22.65 -20.66 -3.29
CA ARG C 326 22.00 -19.42 -3.74
C ARG C 326 20.92 -19.62 -4.79
N ASP C 327 19.94 -18.70 -4.79
CA ASP C 327 18.84 -18.64 -5.76
C ASP C 327 17.93 -19.87 -5.79
N LYS C 328 17.47 -20.28 -4.60
CA LYS C 328 16.58 -21.42 -4.48
C LYS C 328 15.21 -20.99 -3.97
N GLY C 329 14.81 -19.78 -4.33
CA GLY C 329 13.48 -19.26 -3.99
C GLY C 329 13.24 -18.88 -2.54
N ALA C 330 14.30 -18.47 -1.84
CA ALA C 330 14.17 -18.04 -0.45
C ALA C 330 14.74 -16.65 -0.26
N ASP C 331 14.57 -15.82 -1.28
CA ASP C 331 14.94 -14.42 -1.20
C ASP C 331 13.68 -13.57 -0.99
N ILE C 332 13.55 -12.98 0.20
CA ILE C 332 12.32 -12.32 0.63
C ILE C 332 12.46 -10.79 0.62
N PRO C 333 11.49 -10.06 0.04
CA PRO C 333 11.56 -8.59 0.03
C PRO C 333 11.53 -7.93 1.40
N MET C 334 12.28 -6.84 1.52
CA MET C 334 12.35 -6.00 2.73
CA MET C 334 12.26 -6.04 2.73
C MET C 334 11.72 -4.67 2.39
N ARG C 335 11.22 -3.95 3.39
CA ARG C 335 10.81 -2.57 3.17
CA ARG C 335 10.80 -2.56 3.18
C ARG C 335 12.02 -1.71 2.84
N THR C 336 11.91 -0.95 1.75
CA THR C 336 13.04 -0.17 1.22
C THR C 336 12.77 1.34 1.32
N GLU C 337 13.85 2.10 1.47
CA GLU C 337 13.81 3.55 1.56
C GLU C 337 14.58 4.15 0.39
N TYR C 338 14.14 5.29 -0.13
CA TYR C 338 14.80 5.91 -1.28
C TYR C 338 15.14 7.37 -1.06
N VAL C 339 14.21 8.11 -0.44
CA VAL C 339 14.33 9.55 -0.22
C VAL C 339 15.62 9.94 0.52
N ASP C 340 15.90 9.30 1.65
CA ASP C 340 17.13 9.57 2.40
C ASP C 340 18.32 8.79 1.85
N ALA C 341 18.04 7.61 1.30
CA ALA C 341 19.07 6.68 0.82
C ALA C 341 19.83 7.21 -0.40
N LEU C 342 19.08 7.72 -1.37
CA LEU C 342 19.63 8.18 -2.64
C LEU C 342 20.14 9.61 -2.61
N LYS C 343 19.84 10.33 -1.53
CA LYS C 343 20.18 11.76 -1.42
C LYS C 343 21.67 12.15 -1.62
N PRO C 344 22.64 11.44 -0.97
CA PRO C 344 24.05 11.74 -1.25
C PRO C 344 24.49 11.70 -2.73
N LEU C 345 24.10 10.65 -3.45
CA LEU C 345 24.39 10.53 -4.88
C LEU C 345 23.66 11.60 -5.71
N LEU C 346 22.42 11.88 -5.35
CA LEU C 346 21.62 12.88 -6.05
C LEU C 346 22.06 14.32 -5.78
N THR C 347 22.77 14.53 -4.67
CA THR C 347 23.34 15.84 -4.35
C THR C 347 24.52 16.12 -5.27
N ARG C 348 25.32 15.08 -5.52
CA ARG C 348 26.51 15.19 -6.34
C ARG C 348 26.21 15.20 -7.83
N LEU C 349 25.41 14.24 -8.27
CA LEU C 349 25.24 13.94 -9.70
C LEU C 349 23.79 13.92 -10.19
N GLY C 350 22.87 14.45 -9.40
CA GLY C 350 21.43 14.32 -9.70
C GLY C 350 20.86 15.15 -10.82
N ASN C 351 21.65 16.10 -11.33
CA ASN C 351 21.21 16.96 -12.42
C ASN C 351 22.13 16.83 -13.63
N ASP C 352 23.06 15.87 -13.56
CA ASP C 352 24.04 15.62 -14.61
C ASP C 352 23.38 14.91 -15.81
N PRO C 353 23.52 15.48 -17.02
CA PRO C 353 22.90 14.91 -18.21
C PRO C 353 23.51 13.58 -18.68
N ARG C 354 24.78 13.36 -18.35
CA ARG C 354 25.52 12.17 -18.80
C ARG C 354 25.19 10.91 -18.01
N LEU C 355 24.52 11.08 -16.87
CA LEU C 355 24.17 9.95 -16.01
C LEU C 355 22.72 9.52 -16.22
N SER C 356 22.51 8.21 -16.16
CA SER C 356 21.18 7.62 -16.27
C SER C 356 21.01 6.52 -15.23
N ILE C 357 20.03 6.71 -14.33
CA ILE C 357 19.74 5.73 -13.28
C ILE C 357 18.31 5.21 -13.40
N ILE C 358 18.17 3.89 -13.39
CA ILE C 358 16.87 3.23 -13.42
C ILE C 358 16.61 2.57 -12.08
N LEU C 359 15.49 2.93 -11.44
CA LEU C 359 15.16 2.45 -10.11
C LEU C 359 14.12 1.35 -10.09
N PHE C 360 14.45 0.27 -9.38
CA PHE C 360 13.54 -0.86 -9.19
C PHE C 360 13.16 -0.93 -7.71
N THR C 361 12.14 -1.73 -7.42
CA THR C 361 11.73 -1.98 -6.04
C THR C 361 11.08 -3.36 -5.85
N LEU C 362 11.19 -3.88 -4.63
CA LEU C 362 10.46 -5.06 -4.21
C LEU C 362 9.38 -4.62 -3.22
N ASP C 363 9.30 -3.30 -3.02
CA ASP C 363 8.42 -2.69 -2.03
C ASP C 363 7.47 -1.72 -2.73
N GLU C 364 6.29 -2.21 -3.10
CA GLU C 364 5.29 -1.47 -3.87
C GLU C 364 4.80 -0.15 -3.24
N THR C 365 4.98 -0.02 -1.93
CA THR C 365 4.50 1.15 -1.19
C THR C 365 5.28 2.42 -1.53
N THR C 366 6.47 2.23 -2.06
CA THR C 366 7.38 3.31 -2.42
C THR C 366 7.05 3.91 -3.79
N TYR C 367 6.17 3.24 -4.54
CA TYR C 367 5.77 3.69 -5.89
C TYR C 367 5.31 5.14 -5.89
N SER C 368 4.18 5.40 -5.23
CA SER C 368 3.56 6.72 -5.27
C SER C 368 4.13 7.65 -4.22
N ARG C 369 4.81 7.08 -3.23
CA ARG C 369 5.36 7.86 -2.13
C ARG C 369 6.72 8.42 -2.48
N GLU C 370 7.61 7.58 -2.97
CA GLU C 370 9.02 7.96 -3.13
C GLU C 370 9.45 7.96 -4.59
N LEU C 371 9.31 6.81 -5.25
CA LEU C 371 9.82 6.59 -6.60
C LEU C 371 9.28 7.55 -7.65
N ALA C 372 7.96 7.65 -7.75
CA ALA C 372 7.33 8.57 -8.71
C ALA C 372 7.63 10.07 -8.48
N PRO C 373 7.55 10.57 -7.22
CA PRO C 373 8.09 11.90 -6.92
C PRO C 373 9.58 12.14 -7.22
N LEU C 374 10.45 11.18 -6.91
CA LEU C 374 11.88 11.31 -7.21
C LEU C 374 12.14 11.35 -8.72
N ALA C 375 11.59 10.36 -9.42
CA ALA C 375 11.76 10.24 -10.88
C ALA C 375 11.02 11.30 -11.68
N GLY C 376 9.93 11.85 -11.14
CA GLY C 376 9.24 12.96 -11.77
C GLY C 376 9.91 14.31 -11.51
N HIS C 377 11.10 14.29 -10.92
CA HIS C 377 11.90 15.49 -10.70
C HIS C 377 13.32 15.38 -11.25
N TYR C 378 14.06 14.34 -10.87
CA TYR C 378 15.49 14.29 -11.19
C TYR C 378 15.72 13.85 -12.62
N PRO C 379 16.45 14.67 -13.41
CA PRO C 379 16.86 14.34 -14.78
C PRO C 379 17.51 12.96 -14.93
N VAL C 380 18.20 12.48 -13.89
CA VAL C 380 18.94 11.20 -13.98
C VAL C 380 18.11 9.96 -13.66
N LEU C 381 16.97 10.14 -12.98
CA LEU C 381 16.20 9.02 -12.45
C LEU C 381 15.11 8.55 -13.41
N LYS C 382 14.95 7.24 -13.53
CA LYS C 382 13.90 6.65 -14.37
C LYS C 382 13.34 5.45 -13.62
N LEU C 383 12.12 5.03 -13.94
CA LEU C 383 11.53 3.92 -13.20
C LEU C 383 11.44 2.62 -13.98
N GLY C 384 12.09 1.60 -13.44
CA GLY C 384 11.99 0.26 -13.98
C GLY C 384 10.65 -0.38 -13.68
N PRO C 385 10.27 -1.40 -14.47
CA PRO C 385 9.01 -2.12 -14.33
C PRO C 385 8.89 -2.83 -12.98
N SER C 386 7.68 -3.27 -12.65
CA SER C 386 7.46 -4.06 -11.45
C SER C 386 8.30 -5.34 -11.52
N TRP C 387 9.00 -5.65 -10.44
CA TRP C 387 10.09 -6.62 -10.48
C TRP C 387 9.82 -7.82 -9.55
N TRP C 388 10.23 -9.01 -10.02
CA TRP C 388 10.22 -10.27 -9.25
C TRP C 388 8.81 -10.80 -8.95
N PHE C 389 8.37 -10.65 -7.70
CA PHE C 389 7.05 -11.10 -7.29
C PHE C 389 5.94 -10.24 -7.91
N HIS C 390 6.30 -9.05 -8.37
CA HIS C 390 5.34 -8.08 -8.85
C HIS C 390 5.25 -7.97 -10.37
N ASP C 391 6.07 -8.75 -11.09
CA ASP C 391 5.96 -8.81 -12.57
C ASP C 391 4.73 -9.59 -13.07
N SER C 392 3.73 -9.66 -12.20
CA SER C 392 2.47 -10.32 -12.41
C SER C 392 1.47 -9.29 -12.95
N PRO C 393 0.35 -9.75 -13.57
CA PRO C 393 -0.70 -8.86 -14.06
C PRO C 393 -1.20 -7.82 -13.05
N GLU C 394 -1.49 -8.23 -11.82
CA GLU C 394 -1.99 -7.30 -10.79
C GLU C 394 -0.91 -6.35 -10.29
N GLY C 395 0.33 -6.84 -10.23
CA GLY C 395 1.48 -6.02 -9.83
C GLY C 395 1.83 -4.97 -10.86
N MET C 396 1.71 -5.34 -12.14
CA MET C 396 1.92 -4.42 -13.26
C MET C 396 0.86 -3.33 -13.33
N MET C 397 -0.38 -3.69 -12.99
CA MET C 397 -1.50 -2.77 -13.02
C MET C 397 -1.38 -1.75 -11.89
N ARG C 398 -0.94 -2.23 -10.72
CA ARG C 398 -0.68 -1.36 -9.57
C ARG C 398 0.46 -0.39 -9.83
N PHE C 399 1.49 -0.88 -10.53
CA PHE C 399 2.59 -0.05 -11.00
C PHE C 399 2.05 1.15 -11.77
N ARG C 400 1.34 0.88 -12.86
CA ARG C 400 0.76 1.92 -13.73
C ARG C 400 -0.19 2.87 -12.99
N GLU C 401 -1.05 2.33 -12.13
CA GLU C 401 -1.99 3.13 -11.35
C GLU C 401 -1.31 4.05 -10.32
N GLN C 402 -0.16 3.64 -9.80
CA GLN C 402 0.52 4.36 -8.73
C GLN C 402 1.70 5.24 -9.18
N VAL C 403 2.29 4.92 -10.33
CA VAL C 403 3.49 5.61 -10.82
C VAL C 403 3.17 6.77 -11.80
N THR C 404 2.19 6.55 -12.67
CA THR C 404 1.88 7.41 -13.83
C THR C 404 1.46 8.83 -13.47
N GLU C 405 0.62 8.93 -12.45
CA GLU C 405 0.14 10.20 -11.93
C GLU C 405 1.22 11.27 -11.72
N THR C 406 2.38 10.87 -11.16
CA THR C 406 3.46 11.80 -10.83
C THR C 406 4.66 11.72 -11.79
N ALA C 407 5.02 10.50 -12.19
CA ALA C 407 6.18 10.30 -13.07
C ALA C 407 5.86 10.42 -14.56
N GLY C 408 4.65 10.02 -14.93
CA GLY C 408 4.30 9.89 -16.35
C GLY C 408 4.85 8.59 -16.94
N PHE C 409 4.63 8.42 -18.25
CA PHE C 409 5.09 7.25 -18.97
C PHE C 409 6.53 7.41 -19.42
N TYR C 410 6.96 8.66 -19.58
CA TYR C 410 8.23 8.96 -20.22
C TYR C 410 9.39 8.95 -19.22
N ASN C 411 9.03 8.77 -17.95
CA ASN C 411 9.97 8.56 -16.86
C ASN C 411 10.04 7.09 -16.44
N THR C 412 9.41 6.22 -17.23
CA THR C 412 9.53 4.76 -17.07
C THR C 412 10.37 4.18 -18.21
N VAL C 413 10.79 2.92 -18.08
CA VAL C 413 11.67 2.31 -19.08
C VAL C 413 11.02 1.16 -19.88
N GLY C 414 9.77 0.86 -19.58
CA GLY C 414 9.09 -0.25 -20.23
C GLY C 414 9.09 -1.50 -19.38
N PHE C 415 9.74 -2.55 -19.89
CA PHE C 415 9.62 -3.90 -19.30
C PHE C 415 10.85 -4.75 -19.59
N ASN C 416 11.23 -5.57 -18.61
CA ASN C 416 12.12 -6.71 -18.82
C ASN C 416 11.57 -7.98 -18.16
N ASP C 417 11.89 -9.12 -18.77
CA ASP C 417 11.41 -10.42 -18.31
C ASP C 417 12.11 -10.86 -17.03
N ASP C 418 13.40 -10.54 -16.93
CA ASP C 418 14.25 -10.86 -15.78
C ASP C 418 14.21 -12.35 -15.41
N THR C 419 14.55 -13.21 -16.37
CA THR C 419 14.36 -14.65 -16.16
C THR C 419 15.50 -15.53 -16.67
N ARG C 420 15.59 -16.73 -16.11
CA ARG C 420 16.44 -17.79 -16.62
C ARG C 420 15.64 -18.69 -17.57
N ALA C 421 14.33 -18.80 -17.32
CA ALA C 421 13.41 -19.56 -18.17
C ALA C 421 13.25 -18.93 -19.56
N PHE C 422 14.02 -19.44 -20.52
CA PHE C 422 14.10 -18.87 -21.87
C PHE C 422 12.79 -18.96 -22.68
N LEU C 423 12.09 -20.08 -22.54
CA LEU C 423 10.87 -20.33 -23.29
C LEU C 423 9.71 -19.43 -22.87
N SER C 424 9.79 -18.95 -21.64
CA SER C 424 8.76 -18.10 -21.05
CA SER C 424 8.74 -18.10 -21.07
C SER C 424 8.90 -16.64 -21.48
N ILE C 425 9.98 -16.32 -22.19
CA ILE C 425 10.25 -14.93 -22.61
C ILE C 425 9.15 -14.31 -23.50
N PRO C 426 8.73 -14.98 -24.59
CA PRO C 426 7.58 -14.42 -25.33
C PRO C 426 6.29 -14.36 -24.52
N ALA C 427 6.09 -15.34 -23.62
CA ALA C 427 4.94 -15.38 -22.70
C ALA C 427 4.89 -14.17 -21.78
N ARG C 428 6.04 -13.85 -21.17
CA ARG C 428 6.16 -12.77 -20.19
C ARG C 428 6.00 -11.40 -20.82
N HIS C 429 6.57 -11.25 -22.01
CA HIS C 429 6.47 -10.01 -22.75
C HIS C 429 5.08 -9.77 -23.31
N ASP C 430 4.39 -10.86 -23.67
CA ASP C 430 3.01 -10.78 -24.13
C ASP C 430 2.11 -10.26 -23.02
N VAL C 431 2.23 -10.88 -21.84
CA VAL C 431 1.52 -10.44 -20.62
C VAL C 431 1.70 -8.94 -20.36
N ALA C 432 2.93 -8.44 -20.53
CA ALA C 432 3.23 -7.04 -20.31
C ALA C 432 2.49 -6.15 -21.29
N ARG C 433 2.43 -6.60 -22.54
CA ARG C 433 1.80 -5.87 -23.62
C ARG C 433 0.28 -5.79 -23.46
N ARG C 434 -0.32 -6.87 -22.95
CA ARG C 434 -1.76 -6.93 -22.75
CA ARG C 434 -1.76 -6.94 -22.75
C ARG C 434 -2.19 -6.07 -21.58
N VAL C 435 -1.39 -6.10 -20.51
CA VAL C 435 -1.66 -5.34 -19.29
C VAL C 435 -1.48 -3.85 -19.50
N ASP C 436 -0.46 -3.47 -20.26
CA ASP C 436 -0.28 -2.07 -20.67
C ASP C 436 -1.46 -1.60 -21.50
N SER C 437 -1.92 -2.46 -22.40
CA SER C 437 -3.07 -2.18 -23.27
C SER C 437 -4.35 -2.03 -22.45
N ALA C 438 -4.53 -2.88 -21.46
CA ALA C 438 -5.67 -2.84 -20.55
C ALA C 438 -5.71 -1.57 -19.73
N PHE C 439 -4.54 -1.14 -19.25
CA PHE C 439 -4.43 0.08 -18.47
C PHE C 439 -4.76 1.29 -19.33
N LEU C 440 -4.11 1.37 -20.48
CA LEU C 440 -4.30 2.45 -21.45
C LEU C 440 -5.72 2.55 -21.98
N ALA C 441 -6.36 1.40 -22.21
CA ALA C 441 -7.76 1.32 -22.64
C ALA C 441 -8.69 1.94 -21.61
N ARG C 442 -8.44 1.64 -20.34
CA ARG C 442 -9.23 2.17 -19.24
C ARG C 442 -9.14 3.69 -19.14
N MET C 443 -8.01 4.24 -19.55
CA MET C 443 -7.80 5.68 -19.58
C MET C 443 -8.61 6.31 -20.70
N VAL C 444 -8.71 5.60 -21.82
CA VAL C 444 -9.49 6.04 -22.98
C VAL C 444 -10.99 5.95 -22.68
N ALA C 445 -11.40 4.82 -22.12
CA ALA C 445 -12.79 4.55 -21.75
C ALA C 445 -13.35 5.53 -20.72
N GLU C 446 -12.48 6.03 -19.83
CA GLU C 446 -12.85 7.01 -18.81
C GLU C 446 -12.57 8.43 -19.26
N HIS C 447 -12.11 8.56 -20.51
CA HIS C 447 -11.82 9.84 -21.16
C HIS C 447 -10.72 10.64 -20.45
N ARG C 448 -9.71 9.92 -19.98
CA ARG C 448 -8.54 10.49 -19.31
C ARG C 448 -7.39 10.63 -20.29
N MET C 449 -7.52 9.99 -21.44
CA MET C 449 -6.62 10.22 -22.59
C MET C 449 -7.35 9.99 -23.92
N ASP C 450 -6.88 10.66 -24.96
CA ASP C 450 -7.37 10.42 -26.30
C ASP C 450 -6.79 9.11 -26.84
N LEU C 451 -7.53 8.45 -27.72
CA LEU C 451 -7.10 7.20 -28.36
C LEU C 451 -5.81 7.39 -29.17
N VAL C 452 -5.66 8.55 -29.78
CA VAL C 452 -4.48 8.90 -30.57
C VAL C 452 -3.21 8.90 -29.69
N GLU C 453 -3.35 9.38 -28.46
CA GLU C 453 -2.27 9.36 -27.46
C GLU C 453 -1.95 7.93 -27.05
N ALA C 454 -3.00 7.17 -26.76
CA ALA C 454 -2.91 5.76 -26.36
C ALA C 454 -2.20 4.87 -27.37
N GLU C 455 -2.46 5.12 -28.66
CA GLU C 455 -1.87 4.37 -29.75
C GLU C 455 -0.38 4.70 -29.92
N GLU C 456 -0.02 5.93 -29.59
CA GLU C 456 1.38 6.36 -29.54
C GLU C 456 2.10 5.75 -28.35
N LEU C 457 1.38 5.62 -27.24
CA LEU C 457 1.97 5.14 -25.99
C LEU C 457 2.39 3.67 -25.98
N ILE C 458 1.53 2.76 -26.43
CA ILE C 458 1.90 1.33 -26.40
C ILE C 458 3.12 1.01 -27.23
N VAL C 459 3.22 1.61 -28.41
CA VAL C 459 4.38 1.44 -29.28
C VAL C 459 5.64 1.99 -28.61
N ASP C 460 5.49 3.14 -27.93
CA ASP C 460 6.57 3.72 -27.13
C ASP C 460 6.99 2.81 -25.97
N LEU C 461 6.02 2.47 -25.11
CA LEU C 461 6.21 1.61 -23.94
C LEU C 461 6.80 0.23 -24.28
N THR C 462 6.30 -0.37 -25.36
CA THR C 462 6.71 -1.70 -25.79
C THR C 462 8.09 -1.66 -26.42
N TYR C 463 8.32 -0.66 -27.27
CA TYR C 463 9.48 -0.70 -28.16
C TYR C 463 10.44 0.48 -28.01
N ASN C 464 9.96 1.70 -28.23
CA ASN C 464 10.84 2.87 -28.34
C ASN C 464 11.50 3.28 -27.03
N LEU C 465 10.69 3.37 -25.97
CA LEU C 465 11.16 3.77 -24.64
C LEU C 465 12.19 2.84 -23.96
N PRO C 466 12.02 1.49 -24.07
CA PRO C 466 13.12 0.59 -23.68
C PRO C 466 14.42 0.82 -24.44
N LYS C 467 14.31 1.10 -25.74
CA LYS C 467 15.46 1.26 -26.60
C LYS C 467 16.27 2.52 -26.29
N LYS C 468 15.58 3.62 -26.00
CA LYS C 468 16.23 4.89 -25.66
C LYS C 468 16.90 4.84 -24.30
N ALA C 469 16.19 4.25 -23.33
CA ALA C 469 16.65 4.13 -21.95
C ALA C 469 17.89 3.27 -21.84
N TYR C 470 17.92 2.18 -22.60
CA TYR C 470 19.03 1.25 -22.54
C TYR C 470 20.06 1.50 -23.62
N LYS C 471 19.93 2.63 -24.31
CA LYS C 471 20.87 3.09 -25.35
C LYS C 471 21.11 2.02 -26.43
N LEU C 472 19.99 1.44 -26.87
CA LEU C 472 19.99 0.32 -27.81
C LEU C 472 19.77 0.77 -29.26
N ASP C 473 19.77 2.08 -29.48
CA ASP C 473 19.60 2.68 -30.81
C ASP C 473 20.81 2.46 -31.72
N GLN C 474 21.98 2.32 -31.11
CA GLN C 474 23.19 2.00 -31.85
C GLN C 474 23.43 0.50 -31.83
N ARG C 475 22.92 -0.18 -32.87
CA ARG C 475 23.20 -1.59 -33.09
C ARG C 475 24.65 -1.76 -33.53
N PRO C 476 25.34 -2.78 -33.00
CA PRO C 476 26.70 -3.11 -33.46
C PRO C 476 26.71 -3.73 -34.86
N ASP C 477 27.91 -3.83 -35.44
CA ASP C 477 28.10 -4.38 -36.78
C ASP C 477 27.91 -5.89 -36.81
N TRP C 478 28.24 -6.56 -35.71
CA TRP C 478 28.15 -8.03 -35.61
C TRP C 478 26.72 -8.55 -35.46
N ALA C 479 25.81 -7.68 -35.06
CA ALA C 479 24.40 -8.03 -34.90
C ALA C 479 23.61 -7.78 -36.18
N ARG C 480 22.47 -8.46 -36.30
CA ARG C 480 21.52 -8.23 -37.40
C ARG C 480 20.97 -6.80 -37.35
N PRO C 481 20.55 -6.25 -38.51
CA PRO C 481 19.87 -4.95 -38.48
C PRO C 481 18.49 -5.04 -37.85
N ALA C 482 18.06 -3.95 -37.21
CA ALA C 482 16.75 -3.89 -36.57
C ALA C 482 15.65 -3.64 -37.60
N THR C 483 14.74 -4.61 -37.72
CA THR C 483 13.63 -4.53 -38.69
C THR C 483 12.28 -4.82 -38.02
N LEU C 484 11.22 -4.29 -38.62
CA LEU C 484 9.87 -4.44 -38.07
C LEU C 484 9.21 -5.73 -38.54
K K D . -13.71 11.73 14.52
K K E . 3.12 -22.71 2.91
K K F . 13.43 11.58 -14.75
#